data_8SO0
#
_entry.id   8SO0
#
_cell.length_a   1.00
_cell.length_b   1.00
_cell.length_c   1.00
_cell.angle_alpha   90.00
_cell.angle_beta   90.00
_cell.angle_gamma   90.00
#
_symmetry.space_group_name_H-M   'P 1'
#
loop_
_entity.id
_entity.type
_entity.pdbx_description
1 polymer 'Serine/threonine-protein phosphatase 2A 65 kDa regulatory subunit A alpha isoform'
2 polymer 'Serine/threonine-protein phosphatase 2A 55 kDa regulatory subunit B alpha isoform'
3 polymer 'Serine/threonine-protein phosphatase 2A catalytic subunit alpha isoform'
4 polymer 'PPP2R1A-PPP2R2A-interacting phosphatase regulator 1'
5 non-polymer 'FE (III) ION'
6 non-polymer 'ZINC ION'
#
loop_
_entity_poly.entity_id
_entity_poly.type
_entity_poly.pdbx_seq_one_letter_code
_entity_poly.pdbx_strand_id
1 'polypeptide(L)'
;GHMSLYPIAVLIDELRNEDVQLRLNSIKKLSTIALALGVERTRSELLPFLTDTIYDEDEVLLALAEQLGTFTTLVGGPEY
VHCLLPPLESLATVEETVVRDKAVESLRAISHEHSPSDLEAHFVPLVKRLAGGDWFTSRTSACGLFSVCYPRVSSAVKAE
LRQYFRNLCSDDTPMVRRAAASKLGEFAKVLELDNVKSEIIPMFSNLASDEQDSVRLLAVEACVNIAQLLPQEDLEALVM
PTLRQAAEDKSWRVRYMVADKFTELQKAVGPEITKTDLVPAFQNLMKDCEAEVRAAASHKVKEFCENLSADCRENVIMSQ
ILPCIKELVSDANQHVKSALASVIMGLSPILGKDNTIEHLLPLFLAQLKDECPEVRLNIISNLDCVNEVIGIRQLSQSLL
PAIVELAEDAKWRVRLAIIEYMPLLAGQLGVEFFDEKLNSLCMAWLVDHVYAIREAATSNLKKLVEKFGKEWAHATIIPK
VLAMSGDPNYLHRMTTLFCINVLSEVCGQDITTKHMLPTVLRMAGDPVANVRFNVAKSLQKIGPILDNSTLQSEVKPILE
KLTQDQDVDVKYFAQEALTVLSLA
;
A
2 'polypeptide(L)'
;GHMGSAGAGGGNDIQWCFSQVKGAVDDDVAEADIISTVEFNHSGELLATGDKGGRVVIFQQEQENKIQSHSRGEYNVYST
FQSHEPEFDYLKSLEIEEKINKIRWLPQKNAAQFLLSTNDKTIKLWKISERDKRPEGYNLKEEDGRYRDPTTVTTLRVPV
FRPMDLMVEASPRRIFANAHTYHINSISINSDYETYLSADDLRINLWHLEITDRSFNIVDIKPANMEELTEVITAAEFHP
NSCNTFVYSSSKGTIRLCDMRASALCDRHSKLFEEPEDPSNRSFFSEIISSISDVKFSHSGRYMMTRDYLSVKIWDLNME
NRPVETYQVHEYLRSKLCSLYENDCIFDKFECCWNGSDSVVMTGSYNNFFRMFDRNTKRDITLEASRENNKPRTVLKPRK
VCASGKRKKDEISVDSLDFNKKILHTAWHPKENIIAVATTNNLYIFQDKVN
;
B
3 'polypeptide(L)'
;GHMDEKVFTKELDQWIEQLNECKQLSESQVKSLCEKAKEILTKESNVQEVRCPVTVCGDVHGQFHDLMELFRIGGKSPDT
NYLFMGDYVDRGYYSVETVTLLVALKVRYRERITILRGNHESRQITQVYGFYDECLRKYGNANVWKYFTDLFDYLPLTAL
VDGQIFCLHGGLSPSIDTLDHIRALDRLQEVPHEGPMCDLLWSDPDDRGGWGISPRGAGYTFGQDISETFNHANGLTLVS
RAHQLVMEGYNWCHDRNVVTIFSAPNYCYRCGNQAAIMELDDTLKYSFLQFDPAPRRGEPHVTRRTPDYF(MLL)
;
C
4 'polypeptide(L)'
;GHMGGGLRRSNSAPLIHGLSDSSPVFQDEAPSARRNRTTFPSRHGLLLPASPVRMHSSRLHQIKQEEGMDLINRETVHER
EVQTAMQISHSWEES
;
D
#
loop_
_chem_comp.id
_chem_comp.type
_chem_comp.name
_chem_comp.formula
FE non-polymer 'FE (III) ION' 'Fe 3'
ZN non-polymer 'ZINC ION' 'Zn 2'
#
# COMPACT_ATOMS: atom_id res chain seq x y z
N SER A 4 -13.05 -7.17 -47.79
CA SER A 4 -13.39 -7.24 -46.37
C SER A 4 -12.13 -7.33 -45.51
N LEU A 5 -10.99 -6.94 -46.08
CA LEU A 5 -9.72 -6.96 -45.39
C LEU A 5 -9.40 -5.65 -44.68
N TYR A 6 -10.26 -4.64 -44.80
CA TYR A 6 -9.99 -3.37 -44.13
C TYR A 6 -9.89 -3.51 -42.62
N PRO A 7 -10.79 -4.23 -41.93
CA PRO A 7 -10.66 -4.34 -40.48
C PRO A 7 -9.33 -4.93 -40.04
N ILE A 8 -8.79 -5.88 -40.80
CA ILE A 8 -7.49 -6.45 -40.47
C ILE A 8 -6.40 -5.40 -40.60
N ALA A 9 -6.47 -4.56 -41.65
CA ALA A 9 -5.46 -3.54 -41.84
C ALA A 9 -5.40 -2.58 -40.66
N VAL A 10 -6.56 -2.25 -40.08
CA VAL A 10 -6.58 -1.38 -38.91
C VAL A 10 -5.80 -2.01 -37.76
N LEU A 11 -6.05 -3.30 -37.50
CA LEU A 11 -5.37 -3.97 -36.41
C LEU A 11 -3.86 -4.00 -36.62
N ILE A 12 -3.43 -4.31 -37.85
CA ILE A 12 -2.00 -4.39 -38.12
C ILE A 12 -1.34 -3.04 -37.91
N ASP A 13 -1.96 -1.96 -38.41
CA ASP A 13 -1.39 -0.63 -38.22
C ASP A 13 -1.37 -0.23 -36.75
N GLU A 14 -2.40 -0.62 -35.99
CA GLU A 14 -2.45 -0.24 -34.58
C GLU A 14 -1.29 -0.79 -33.78
N LEU A 15 -0.61 -1.83 -34.29
CA LEU A 15 0.56 -2.34 -33.59
C LEU A 15 1.62 -1.27 -33.41
N ARG A 16 1.75 -0.37 -34.40
CA ARG A 16 2.66 0.76 -34.29
C ARG A 16 2.06 1.94 -33.54
N ASN A 17 0.77 1.90 -33.22
CA ASN A 17 0.12 3.02 -32.57
C ASN A 17 0.78 3.31 -31.22
N GLU A 18 0.96 4.60 -30.92
CA GLU A 18 1.56 4.98 -29.65
C GLU A 18 0.66 4.63 -28.48
N ASP A 19 -0.65 4.75 -28.66
CA ASP A 19 -1.59 4.43 -27.59
C ASP A 19 -1.41 2.98 -27.16
N VAL A 20 -1.11 2.78 -25.87
CA VAL A 20 -0.89 1.43 -25.35
C VAL A 20 -2.18 0.62 -25.43
N GLN A 21 -3.32 1.25 -25.11
CA GLN A 21 -4.58 0.52 -25.10
C GLN A 21 -4.91 -0.02 -26.49
N LEU A 22 -4.79 0.81 -27.52
CA LEU A 22 -5.05 0.36 -28.88
C LEU A 22 -4.04 -0.70 -29.30
N ARG A 23 -2.76 -0.49 -28.99
CA ARG A 23 -1.75 -1.49 -29.31
C ARG A 23 -2.00 -2.78 -28.55
N LEU A 24 -2.41 -2.68 -27.28
CA LEU A 24 -2.72 -3.88 -26.51
C LEU A 24 -3.89 -4.65 -27.12
N ASN A 25 -4.92 -3.94 -27.58
CA ASN A 25 -6.07 -4.62 -28.16
C ASN A 25 -5.68 -5.41 -29.40
N SER A 26 -4.82 -4.84 -30.24
CA SER A 26 -4.39 -5.55 -31.43
C SER A 26 -3.62 -6.82 -31.08
N ILE A 27 -2.79 -6.76 -30.04
CA ILE A 27 -2.03 -7.94 -29.64
C ILE A 27 -2.96 -9.07 -29.24
N LYS A 28 -4.00 -8.75 -28.46
CA LYS A 28 -4.94 -9.77 -28.03
C LYS A 28 -5.65 -10.44 -29.20
N LYS A 29 -5.72 -9.77 -30.36
CA LYS A 29 -6.36 -10.31 -31.55
C LYS A 29 -5.35 -10.79 -32.59
N LEU A 30 -4.13 -11.12 -32.17
CA LEU A 30 -3.14 -11.61 -33.11
C LEU A 30 -3.62 -12.86 -33.84
N SER A 31 -4.48 -13.65 -33.21
CA SER A 31 -5.03 -14.82 -33.88
C SER A 31 -5.83 -14.41 -35.12
N THR A 32 -6.64 -13.36 -35.00
CA THR A 32 -7.39 -12.89 -36.16
C THR A 32 -6.45 -12.39 -37.25
N ILE A 33 -5.42 -11.65 -36.88
CA ILE A 33 -4.46 -11.15 -37.87
C ILE A 33 -3.74 -12.31 -38.54
N ALA A 34 -3.25 -13.26 -37.74
CA ALA A 34 -2.54 -14.41 -38.31
C ALA A 34 -3.45 -15.24 -39.18
N LEU A 35 -4.71 -15.43 -38.76
CA LEU A 35 -5.65 -16.23 -39.55
C LEU A 35 -5.87 -15.62 -40.92
N ALA A 36 -6.04 -14.29 -40.99
CA ALA A 36 -6.28 -13.64 -42.28
C ALA A 36 -5.02 -13.67 -43.15
N LEU A 37 -3.85 -13.42 -42.57
CA LEU A 37 -2.63 -13.34 -43.35
C LEU A 37 -2.33 -14.67 -44.03
N GLY A 38 -2.47 -15.78 -43.31
CA GLY A 38 -2.16 -17.09 -43.83
C GLY A 38 -1.01 -17.74 -43.10
N VAL A 39 -0.89 -19.07 -43.25
CA VAL A 39 0.16 -19.80 -42.53
C VAL A 39 1.53 -19.37 -43.00
N GLU A 40 1.75 -19.37 -44.32
CA GLU A 40 3.07 -19.07 -44.85
C GLU A 40 3.49 -17.64 -44.53
N ARG A 41 2.58 -16.68 -44.66
CA ARG A 41 2.93 -15.29 -44.39
C ARG A 41 3.19 -15.07 -42.91
N THR A 42 2.46 -15.77 -42.04
CA THR A 42 2.65 -15.59 -40.60
C THR A 42 4.07 -15.93 -40.18
N ARG A 43 4.62 -17.04 -40.69
CA ARG A 43 5.97 -17.43 -40.32
C ARG A 43 7.00 -16.41 -40.81
N SER A 44 6.83 -15.91 -42.03
CA SER A 44 7.85 -15.08 -42.65
C SER A 44 7.66 -13.60 -42.41
N GLU A 45 6.45 -13.16 -42.08
CA GLU A 45 6.15 -11.73 -41.92
C GLU A 45 5.75 -11.37 -40.49
N LEU A 46 4.74 -12.02 -39.93
CA LEU A 46 4.23 -11.61 -38.63
C LEU A 46 5.23 -11.91 -37.52
N LEU A 47 5.75 -13.14 -37.47
CA LEU A 47 6.63 -13.52 -36.37
C LEU A 47 7.90 -12.67 -36.32
N PRO A 48 8.61 -12.42 -37.42
CA PRO A 48 9.79 -11.55 -37.32
C PRO A 48 9.47 -10.19 -36.73
N PHE A 49 8.29 -9.63 -37.01
CA PHE A 49 7.90 -8.37 -36.40
C PHE A 49 7.74 -8.54 -34.89
N LEU A 50 7.18 -9.67 -34.46
CA LEU A 50 6.99 -9.93 -33.03
C LEU A 50 8.20 -10.53 -32.36
N THR A 51 9.27 -10.84 -33.10
CA THR A 51 10.43 -11.49 -32.50
C THR A 51 11.03 -10.63 -31.40
N ASP A 52 11.19 -9.33 -31.64
CA ASP A 52 11.75 -8.42 -30.64
C ASP A 52 11.09 -7.06 -30.84
N THR A 53 10.08 -6.78 -30.01
CA THR A 53 9.32 -5.55 -30.13
C THR A 53 9.93 -4.47 -29.25
N ILE A 54 10.09 -3.27 -29.82
CA ILE A 54 10.66 -2.17 -29.05
C ILE A 54 9.77 -1.80 -27.87
N TYR A 55 8.45 -1.72 -28.11
CA TYR A 55 7.53 -1.47 -27.02
C TYR A 55 7.60 -2.60 -26.00
N ASP A 56 7.68 -2.25 -24.71
CA ASP A 56 7.95 -3.23 -23.67
C ASP A 56 7.07 -3.02 -22.44
N GLU A 57 5.84 -2.55 -22.64
CA GLU A 57 4.90 -2.47 -21.53
C GLU A 57 4.64 -3.87 -20.98
N ASP A 58 4.58 -3.98 -19.65
CA ASP A 58 4.40 -5.29 -19.03
C ASP A 58 3.10 -5.94 -19.47
N GLU A 59 2.01 -5.16 -19.51
CA GLU A 59 0.73 -5.72 -19.93
C GLU A 59 0.77 -6.17 -21.38
N VAL A 60 1.42 -5.39 -22.24
CA VAL A 60 1.49 -5.74 -23.66
C VAL A 60 2.35 -6.99 -23.86
N LEU A 61 3.53 -7.02 -23.23
CA LEU A 61 4.39 -8.19 -23.35
C LEU A 61 3.73 -9.42 -22.73
N LEU A 62 3.07 -9.24 -21.59
CA LEU A 62 2.38 -10.36 -20.95
C LEU A 62 1.31 -10.93 -21.87
N ALA A 63 0.53 -10.06 -22.52
CA ALA A 63 -0.47 -10.53 -23.47
C ALA A 63 0.19 -11.20 -24.67
N LEU A 64 1.31 -10.64 -25.14
CA LEU A 64 2.00 -11.23 -26.29
C LEU A 64 2.48 -12.65 -25.97
N ALA A 65 3.01 -12.86 -24.76
CA ALA A 65 3.48 -14.19 -24.38
C ALA A 65 2.33 -15.19 -24.36
N GLU A 66 1.16 -14.78 -23.86
CA GLU A 66 0.02 -15.68 -23.83
C GLU A 66 -0.40 -16.10 -25.22
N GLN A 67 -0.45 -15.15 -26.16
CA GLN A 67 -0.88 -15.47 -27.52
C GLN A 67 0.08 -16.42 -28.20
N LEU A 68 1.39 -16.21 -28.02
CA LEU A 68 2.38 -17.06 -28.69
C LEU A 68 2.27 -18.51 -28.26
N GLY A 69 1.68 -18.79 -27.11
CA GLY A 69 1.50 -20.17 -26.67
C GLY A 69 0.36 -20.91 -27.33
N THR A 70 -0.44 -20.22 -28.15
CA THR A 70 -1.57 -20.84 -28.84
C THR A 70 -1.47 -20.65 -30.35
N PHE A 71 -0.27 -20.40 -30.87
CA PHE A 71 -0.07 -20.11 -32.28
C PHE A 71 0.40 -21.32 -33.09
N THR A 72 0.40 -22.51 -32.48
CA THR A 72 0.95 -23.68 -33.18
C THR A 72 0.19 -23.97 -34.46
N THR A 73 -1.15 -23.94 -34.41
CA THR A 73 -1.93 -24.19 -35.60
C THR A 73 -1.74 -23.08 -36.63
N LEU A 74 -1.66 -21.83 -36.17
CA LEU A 74 -1.54 -20.69 -37.08
C LEU A 74 -0.22 -20.67 -37.81
N VAL A 75 0.83 -21.29 -37.27
CA VAL A 75 2.13 -21.30 -37.92
C VAL A 75 2.33 -22.49 -38.85
N GLY A 76 1.40 -23.43 -38.88
CA GLY A 76 1.50 -24.57 -39.77
C GLY A 76 1.55 -25.90 -39.05
N GLY A 77 1.15 -25.91 -37.79
CA GLY A 77 1.11 -27.13 -37.02
C GLY A 77 2.46 -27.49 -36.42
N PRO A 78 2.56 -28.70 -35.85
CA PRO A 78 3.82 -29.09 -35.19
C PRO A 78 5.02 -29.08 -36.12
N GLU A 79 4.81 -29.25 -37.42
CA GLU A 79 5.95 -29.29 -38.35
C GLU A 79 6.76 -28.00 -38.30
N TYR A 80 6.11 -26.88 -38.00
CA TYR A 80 6.77 -25.58 -37.95
C TYR A 80 6.65 -24.92 -36.59
N VAL A 81 6.42 -25.70 -35.53
CA VAL A 81 6.23 -25.12 -34.21
C VAL A 81 7.50 -24.42 -33.74
N HIS A 82 8.67 -24.89 -34.18
CA HIS A 82 9.93 -24.29 -33.73
C HIS A 82 10.06 -22.83 -34.16
N CYS A 83 9.25 -22.38 -35.13
CA CYS A 83 9.30 -20.99 -35.55
C CYS A 83 8.86 -20.03 -34.45
N LEU A 84 8.19 -20.54 -33.42
CA LEU A 84 7.72 -19.70 -32.33
C LEU A 84 8.76 -19.50 -31.24
N LEU A 85 9.90 -20.20 -31.31
CA LEU A 85 10.90 -20.07 -30.26
C LEU A 85 11.51 -18.67 -30.20
N PRO A 86 11.95 -18.05 -31.29
CA PRO A 86 12.67 -16.77 -31.19
C PRO A 86 11.83 -15.70 -30.52
N PRO A 87 10.54 -15.58 -30.88
CA PRO A 87 9.70 -14.62 -30.15
C PRO A 87 9.63 -14.87 -28.66
N LEU A 88 9.54 -16.14 -28.25
CA LEU A 88 9.47 -16.47 -26.83
C LEU A 88 10.82 -16.37 -26.14
N GLU A 89 11.91 -16.67 -26.86
CA GLU A 89 13.23 -16.56 -26.26
C GLU A 89 13.51 -15.12 -25.84
N SER A 90 13.13 -14.15 -26.67
CA SER A 90 13.31 -12.75 -26.30
C SER A 90 12.48 -12.40 -25.07
N LEU A 91 11.24 -12.88 -25.00
CA LEU A 91 10.39 -12.58 -23.85
C LEU A 91 10.91 -13.22 -22.58
N ALA A 92 11.61 -14.34 -22.68
CA ALA A 92 12.20 -15.00 -21.53
C ALA A 92 13.44 -14.28 -21.01
N THR A 93 13.78 -13.12 -21.56
CA THR A 93 14.95 -12.38 -21.15
C THR A 93 14.63 -11.00 -20.57
N VAL A 94 13.38 -10.55 -20.67
CA VAL A 94 13.04 -9.22 -20.18
C VAL A 94 13.22 -9.14 -18.66
N GLU A 95 13.25 -7.92 -18.15
CA GLU A 95 13.49 -7.71 -16.72
C GLU A 95 12.28 -8.10 -15.88
N GLU A 96 11.07 -7.93 -16.41
CA GLU A 96 9.87 -8.20 -15.63
C GLU A 96 9.75 -9.69 -15.34
N THR A 97 9.44 -10.03 -14.08
CA THR A 97 9.38 -11.43 -13.68
C THR A 97 8.16 -12.12 -14.26
N VAL A 98 6.99 -11.49 -14.18
CA VAL A 98 5.76 -12.15 -14.62
C VAL A 98 5.81 -12.42 -16.11
N VAL A 99 6.40 -11.50 -16.89
CA VAL A 99 6.52 -11.71 -18.33
C VAL A 99 7.40 -12.93 -18.60
N ARG A 100 8.54 -13.03 -17.90
CA ARG A 100 9.39 -14.21 -18.07
C ARG A 100 8.66 -15.48 -17.66
N ASP A 101 7.93 -15.44 -16.54
CA ASP A 101 7.20 -16.62 -16.10
C ASP A 101 6.17 -17.05 -17.14
N LYS A 102 5.44 -16.08 -17.70
CA LYS A 102 4.48 -16.40 -18.75
C LYS A 102 5.19 -16.94 -19.99
N ALA A 103 6.31 -16.32 -20.36
CA ALA A 103 7.05 -16.78 -21.53
C ALA A 103 7.56 -18.20 -21.33
N VAL A 104 8.06 -18.52 -20.13
CA VAL A 104 8.49 -19.87 -19.84
C VAL A 104 7.32 -20.83 -19.91
N GLU A 105 6.15 -20.40 -19.42
CA GLU A 105 4.96 -21.24 -19.49
C GLU A 105 4.60 -21.54 -20.94
N SER A 106 4.66 -20.53 -21.82
CA SER A 106 4.36 -20.75 -23.22
C SER A 106 5.37 -21.71 -23.86
N LEU A 107 6.65 -21.57 -23.53
CA LEU A 107 7.65 -22.48 -24.07
C LEU A 107 7.38 -23.92 -23.64
N ARG A 108 7.00 -24.11 -22.38
CA ARG A 108 6.67 -25.46 -21.92
C ARG A 108 5.47 -26.01 -22.68
N ALA A 109 4.47 -25.18 -22.94
CA ALA A 109 3.27 -25.64 -23.62
C ALA A 109 3.58 -26.13 -25.03
N ILE A 110 4.37 -25.34 -25.78
CA ILE A 110 4.67 -25.71 -27.16
C ILE A 110 5.73 -26.80 -27.23
N SER A 111 6.47 -27.05 -26.14
CA SER A 111 7.48 -28.09 -26.16
C SER A 111 6.85 -29.45 -26.40
N HIS A 112 5.68 -29.70 -25.80
CA HIS A 112 5.02 -30.98 -25.99
C HIS A 112 4.72 -31.26 -27.46
N GLU A 113 4.44 -30.22 -28.24
CA GLU A 113 4.15 -30.37 -29.65
C GLU A 113 5.39 -30.57 -30.50
N HIS A 114 6.57 -30.28 -29.96
CA HIS A 114 7.81 -30.59 -30.67
C HIS A 114 8.01 -32.10 -30.71
N SER A 115 8.40 -32.62 -31.88
CA SER A 115 8.73 -34.02 -31.98
C SER A 115 10.07 -34.28 -31.30
N PRO A 116 10.34 -35.54 -30.95
CA PRO A 116 11.64 -35.84 -30.29
C PRO A 116 12.83 -35.36 -31.09
N SER A 117 12.78 -35.47 -32.42
CA SER A 117 13.86 -34.94 -33.25
C SER A 117 13.93 -33.43 -33.14
N ASP A 118 12.79 -32.75 -33.12
CA ASP A 118 12.78 -31.30 -33.03
C ASP A 118 13.38 -30.81 -31.71
N LEU A 119 13.07 -31.51 -30.61
CA LEU A 119 13.58 -31.10 -29.31
C LEU A 119 15.11 -31.04 -29.32
N GLU A 120 15.75 -32.07 -29.85
CA GLU A 120 17.21 -32.11 -29.87
C GLU A 120 17.79 -31.16 -30.91
N ALA A 121 16.99 -30.73 -31.88
CA ALA A 121 17.45 -29.87 -32.97
C ALA A 121 17.21 -28.39 -32.71
N HIS A 122 16.07 -28.04 -32.12
CA HIS A 122 15.70 -26.64 -31.93
C HIS A 122 15.45 -26.26 -30.48
N PHE A 123 14.80 -27.14 -29.70
CA PHE A 123 14.42 -26.74 -28.34
C PHE A 123 15.58 -26.89 -27.37
N VAL A 124 16.27 -28.04 -27.39
CA VAL A 124 17.39 -28.23 -26.47
C VAL A 124 18.45 -27.17 -26.68
N PRO A 125 18.86 -26.82 -27.91
CA PRO A 125 19.80 -25.70 -28.07
C PRO A 125 19.30 -24.40 -27.46
N LEU A 126 17.99 -24.15 -27.52
CA LEU A 126 17.44 -22.95 -26.91
C LEU A 126 17.69 -22.95 -25.41
N VAL A 127 17.50 -24.10 -24.75
CA VAL A 127 17.75 -24.18 -23.32
C VAL A 127 19.21 -23.90 -23.01
N LYS A 128 20.12 -24.44 -23.84
CA LYS A 128 21.55 -24.20 -23.62
C LYS A 128 21.88 -22.72 -23.75
N ARG A 129 21.31 -22.04 -24.76
CA ARG A 129 21.57 -20.62 -24.92
C ARG A 129 21.13 -19.83 -23.70
N LEU A 130 19.91 -20.11 -23.22
CA LEU A 130 19.42 -19.41 -22.03
C LEU A 130 20.25 -19.77 -20.81
N ALA A 131 20.59 -21.06 -20.65
CA ALA A 131 21.34 -21.49 -19.49
C ALA A 131 22.72 -20.85 -19.45
N GLY A 132 23.40 -20.79 -20.60
CA GLY A 132 24.72 -20.22 -20.70
C GLY A 132 24.76 -18.76 -21.08
N GLY A 133 23.62 -18.06 -21.04
CA GLY A 133 23.60 -16.67 -21.44
C GLY A 133 24.35 -15.78 -20.47
N ASP A 134 24.75 -14.61 -20.99
CA ASP A 134 25.48 -13.65 -20.18
C ASP A 134 24.59 -12.93 -19.18
N TRP A 135 23.30 -12.82 -19.46
CA TRP A 135 22.36 -12.12 -18.60
C TRP A 135 21.62 -13.13 -17.73
N PHE A 136 21.63 -12.90 -16.41
CA PHE A 136 21.06 -13.87 -15.50
C PHE A 136 19.54 -13.96 -15.61
N THR A 137 18.89 -12.99 -16.24
CA THR A 137 17.46 -13.12 -16.52
C THR A 137 17.21 -14.30 -17.45
N SER A 138 18.04 -14.46 -18.48
CA SER A 138 17.92 -15.61 -19.36
C SER A 138 18.22 -16.91 -18.60
N ARG A 139 19.25 -16.91 -17.77
CA ARG A 139 19.58 -18.11 -17.01
C ARG A 139 18.48 -18.45 -16.01
N THR A 140 17.84 -17.42 -15.44
CA THR A 140 16.73 -17.67 -14.52
C THR A 140 15.59 -18.39 -15.24
N SER A 141 15.28 -17.99 -16.47
CA SER A 141 14.21 -18.63 -17.21
C SER A 141 14.59 -20.06 -17.60
N ALA A 142 15.86 -20.31 -17.85
CA ALA A 142 16.28 -21.64 -18.29
C ALA A 142 15.95 -22.71 -17.27
N CYS A 143 15.90 -22.35 -15.98
CA CYS A 143 15.67 -23.34 -14.94
C CYS A 143 14.33 -24.04 -15.12
N GLY A 144 13.32 -23.33 -15.61
CA GLY A 144 11.99 -23.88 -15.75
C GLY A 144 11.75 -24.71 -17.00
N LEU A 145 12.76 -24.89 -17.85
CA LEU A 145 12.59 -25.59 -19.12
C LEU A 145 13.22 -26.98 -19.14
N PHE A 146 14.06 -27.32 -18.15
CA PHE A 146 14.74 -28.60 -18.18
C PHE A 146 13.76 -29.77 -18.04
N SER A 147 12.75 -29.63 -17.18
CA SER A 147 11.89 -30.77 -16.86
C SER A 147 11.05 -31.21 -18.05
N VAL A 148 10.69 -30.28 -18.94
CA VAL A 148 9.77 -30.64 -20.03
C VAL A 148 10.51 -31.35 -21.16
N CYS A 149 11.76 -31.00 -21.42
CA CYS A 149 12.51 -31.59 -22.52
C CYS A 149 13.30 -32.83 -22.13
N TYR A 150 13.62 -32.99 -20.85
CA TYR A 150 14.45 -34.10 -20.41
C TYR A 150 13.83 -35.45 -20.74
N PRO A 151 12.55 -35.71 -20.47
CA PRO A 151 12.02 -37.08 -20.66
C PRO A 151 12.13 -37.59 -22.08
N ARG A 152 12.01 -36.74 -23.10
CA ARG A 152 11.89 -37.16 -24.49
C ARG A 152 13.17 -36.91 -25.28
N VAL A 153 14.33 -37.10 -24.67
CA VAL A 153 15.61 -36.95 -25.37
C VAL A 153 16.47 -38.18 -25.09
N SER A 154 17.44 -38.39 -25.96
CA SER A 154 18.34 -39.53 -25.83
C SER A 154 19.16 -39.42 -24.55
N SER A 155 19.85 -40.51 -24.22
CA SER A 155 20.67 -40.54 -23.02
C SER A 155 21.79 -39.52 -23.11
N ALA A 156 22.40 -39.38 -24.30
CA ALA A 156 23.49 -38.41 -24.45
C ALA A 156 23.02 -37.00 -24.17
N VAL A 157 21.84 -36.63 -24.68
CA VAL A 157 21.30 -35.29 -24.43
C VAL A 157 20.94 -35.14 -22.96
N LYS A 158 20.41 -36.19 -22.34
CA LYS A 158 20.04 -36.11 -20.93
C LYS A 158 21.24 -35.78 -20.07
N ALA A 159 22.40 -36.42 -20.34
CA ALA A 159 23.59 -36.14 -19.55
C ALA A 159 23.99 -34.68 -19.65
N GLU A 160 23.91 -34.10 -20.85
CA GLU A 160 24.24 -32.69 -21.01
C GLU A 160 23.28 -31.81 -20.22
N LEU A 161 21.99 -32.14 -20.25
CA LEU A 161 21.01 -31.34 -19.53
C LEU A 161 21.29 -31.34 -18.04
N ARG A 162 21.61 -32.50 -17.46
CA ARG A 162 21.91 -32.57 -16.04
C ARG A 162 23.13 -31.73 -15.71
N GLN A 163 24.16 -31.76 -16.56
CA GLN A 163 25.33 -30.93 -16.33
C GLN A 163 24.98 -29.45 -16.38
N TYR A 164 24.17 -29.04 -17.35
CA TYR A 164 23.76 -27.65 -17.44
C TYR A 164 22.97 -27.22 -16.21
N PHE A 165 22.06 -28.09 -15.75
CA PHE A 165 21.30 -27.77 -14.54
C PHE A 165 22.21 -27.65 -13.33
N ARG A 166 23.26 -28.48 -13.28
CA ARG A 166 24.20 -28.40 -12.17
C ARG A 166 24.90 -27.06 -12.12
N ASN A 167 25.29 -26.53 -13.28
CA ASN A 167 25.96 -25.23 -13.31
C ASN A 167 25.04 -24.13 -12.81
N LEU A 168 23.75 -24.20 -13.14
CA LEU A 168 22.81 -23.19 -12.68
C LEU A 168 22.74 -23.17 -11.15
N CYS A 169 22.71 -24.35 -10.52
CA CYS A 169 22.67 -24.41 -9.07
C CYS A 169 23.90 -23.79 -8.43
N SER A 170 25.00 -23.67 -9.17
CA SER A 170 26.23 -23.06 -8.67
C SER A 170 26.44 -21.65 -9.22
N ASP A 171 25.41 -21.03 -9.79
CA ASP A 171 25.58 -19.72 -10.39
C ASP A 171 25.92 -18.69 -9.32
N ASP A 172 26.70 -17.68 -9.72
CA ASP A 172 27.11 -16.65 -8.77
C ASP A 172 25.93 -15.79 -8.34
N THR A 173 25.00 -15.52 -9.25
CA THR A 173 23.89 -14.64 -8.95
C THR A 173 22.86 -15.38 -8.08
N PRO A 174 22.48 -14.82 -6.93
CA PRO A 174 21.43 -15.48 -6.13
C PRO A 174 20.12 -15.65 -6.88
N MET A 175 19.79 -14.72 -7.78
CA MET A 175 18.54 -14.84 -8.53
C MET A 175 18.48 -16.16 -9.28
N VAL A 176 19.58 -16.57 -9.90
CA VAL A 176 19.61 -17.84 -10.62
C VAL A 176 19.50 -19.00 -9.64
N ARG A 177 20.24 -18.95 -8.54
CA ARG A 177 20.22 -20.06 -7.59
C ARG A 177 18.84 -20.25 -6.98
N ARG A 178 18.13 -19.16 -6.71
CA ARG A 178 16.77 -19.29 -6.20
C ARG A 178 15.87 -20.01 -7.20
N ALA A 179 16.00 -19.67 -8.48
CA ALA A 179 15.20 -20.36 -9.50
C ALA A 179 15.58 -21.83 -9.57
N ALA A 180 16.88 -22.14 -9.50
CA ALA A 180 17.30 -23.53 -9.52
C ALA A 180 16.74 -24.31 -8.32
N ALA A 181 16.76 -23.69 -7.15
CA ALA A 181 16.21 -24.33 -5.96
C ALA A 181 14.71 -24.56 -6.12
N SER A 182 13.99 -23.58 -6.69
CA SER A 182 12.55 -23.73 -6.88
C SER A 182 12.24 -24.89 -7.83
N LYS A 183 13.00 -25.01 -8.92
CA LYS A 183 12.76 -26.03 -9.93
C LYS A 183 13.48 -27.34 -9.64
N LEU A 184 14.23 -27.42 -8.54
CA LEU A 184 14.96 -28.63 -8.23
C LEU A 184 14.01 -29.80 -7.98
N GLY A 185 12.89 -29.54 -7.31
CA GLY A 185 11.99 -30.63 -6.98
C GLY A 185 11.37 -31.30 -8.19
N GLU A 186 10.88 -30.49 -9.14
CA GLU A 186 10.24 -31.05 -10.32
C GLU A 186 11.23 -31.71 -11.26
N PHE A 187 12.44 -31.15 -11.36
CA PHE A 187 13.46 -31.77 -12.22
C PHE A 187 13.84 -33.15 -11.70
N ALA A 188 13.94 -33.30 -10.39
CA ALA A 188 14.25 -34.61 -9.82
C ALA A 188 13.11 -35.61 -10.08
N LYS A 189 11.88 -35.11 -10.27
CA LYS A 189 10.76 -36.02 -10.48
C LYS A 189 10.87 -36.76 -11.81
N VAL A 190 11.50 -36.15 -12.82
CA VAL A 190 11.66 -36.80 -14.10
C VAL A 190 12.98 -37.55 -14.23
N LEU A 191 13.95 -37.26 -13.37
CA LEU A 191 15.21 -37.97 -13.39
C LEU A 191 15.04 -39.42 -12.93
N GLU A 192 15.95 -40.28 -13.36
CA GLU A 192 15.95 -41.65 -12.90
C GLU A 192 16.40 -41.72 -11.44
N LEU A 193 15.91 -42.73 -10.72
CA LEU A 193 16.19 -42.82 -9.29
C LEU A 193 17.68 -42.86 -9.03
N ASP A 194 18.46 -43.50 -9.90
CA ASP A 194 19.90 -43.55 -9.70
C ASP A 194 20.52 -42.16 -9.75
N ASN A 195 20.09 -41.34 -10.71
CA ASN A 195 20.66 -39.99 -10.82
C ASN A 195 20.18 -39.09 -9.68
N VAL A 196 18.98 -39.33 -9.16
CA VAL A 196 18.48 -38.52 -8.05
C VAL A 196 19.40 -38.67 -6.84
N LYS A 197 19.77 -39.90 -6.52
CA LYS A 197 20.65 -40.13 -5.38
C LYS A 197 22.05 -39.57 -5.64
N SER A 198 22.53 -39.68 -6.88
CA SER A 198 23.90 -39.32 -7.20
C SER A 198 24.07 -37.85 -7.53
N GLU A 199 23.11 -37.23 -8.21
CA GLU A 199 23.24 -35.86 -8.71
C GLU A 199 22.31 -34.88 -8.03
N ILE A 200 21.05 -35.23 -7.81
CA ILE A 200 20.12 -34.28 -7.18
C ILE A 200 20.55 -34.00 -5.74
N ILE A 201 20.91 -35.04 -4.98
CA ILE A 201 21.21 -34.85 -3.57
C ILE A 201 22.38 -33.90 -3.36
N PRO A 202 23.52 -34.05 -4.04
CA PRO A 202 24.60 -33.06 -3.86
C PRO A 202 24.16 -31.64 -4.15
N MET A 203 23.36 -31.43 -5.19
CA MET A 203 22.83 -30.10 -5.46
C MET A 203 21.86 -29.66 -4.37
N PHE A 204 20.99 -30.58 -3.92
CA PHE A 204 20.07 -30.25 -2.84
C PHE A 204 20.81 -29.90 -1.56
N SER A 205 21.86 -30.66 -1.24
CA SER A 205 22.63 -30.38 -0.03
C SER A 205 23.35 -29.04 -0.13
N ASN A 206 23.96 -28.75 -1.28
CA ASN A 206 24.70 -27.51 -1.42
C ASN A 206 23.79 -26.30 -1.33
N LEU A 207 22.63 -26.36 -1.99
CA LEU A 207 21.69 -25.25 -1.92
C LEU A 207 21.16 -25.05 -0.51
N ALA A 208 20.90 -26.15 0.21
CA ALA A 208 20.40 -26.04 1.58
C ALA A 208 21.37 -25.34 2.51
N SER A 209 22.66 -25.34 2.18
CA SER A 209 23.68 -24.69 2.99
C SER A 209 24.19 -23.40 2.34
N ASP A 210 23.41 -22.81 1.44
CA ASP A 210 23.83 -21.60 0.75
C ASP A 210 23.93 -20.43 1.72
N GLU A 211 24.80 -19.48 1.39
CA GLU A 211 24.94 -18.29 2.23
C GLU A 211 23.65 -17.48 2.28
N GLN A 212 22.97 -17.36 1.14
CA GLN A 212 21.76 -16.54 1.05
C GLN A 212 20.61 -17.21 1.79
N ASP A 213 19.99 -16.47 2.71
CA ASP A 213 18.82 -16.99 3.42
C ASP A 213 17.68 -17.27 2.45
N SER A 214 17.47 -16.37 1.48
CA SER A 214 16.40 -16.57 0.52
C SER A 214 16.57 -17.85 -0.30
N VAL A 215 17.80 -18.34 -0.44
CA VAL A 215 18.04 -19.58 -1.18
C VAL A 215 17.85 -20.79 -0.29
N ARG A 216 18.33 -20.74 0.95
CA ARG A 216 18.19 -21.89 1.86
C ARG A 216 16.72 -22.22 2.11
N LEU A 217 15.90 -21.20 2.33
CA LEU A 217 14.50 -21.45 2.67
C LEU A 217 13.77 -22.17 1.53
N LEU A 218 14.24 -22.02 0.29
CA LEU A 218 13.65 -22.76 -0.81
C LEU A 218 14.01 -24.24 -0.77
N ALA A 219 15.09 -24.61 -0.06
CA ALA A 219 15.46 -26.01 0.05
C ALA A 219 14.43 -26.82 0.83
N VAL A 220 13.63 -26.17 1.69
CA VAL A 220 12.61 -26.90 2.44
C VAL A 220 11.59 -27.51 1.48
N GLU A 221 11.16 -26.74 0.49
CA GLU A 221 10.23 -27.27 -0.50
C GLU A 221 10.86 -28.43 -1.27
N ALA A 222 12.13 -28.29 -1.66
CA ALA A 222 12.81 -29.37 -2.34
C ALA A 222 12.92 -30.60 -1.44
N CYS A 223 13.00 -30.41 -0.13
CA CYS A 223 13.07 -31.54 0.78
C CYS A 223 11.80 -32.39 0.69
N VAL A 224 10.64 -31.75 0.63
CA VAL A 224 9.38 -32.48 0.52
C VAL A 224 9.33 -33.27 -0.78
N ASN A 225 9.69 -32.61 -1.89
CA ASN A 225 9.60 -33.26 -3.19
C ASN A 225 10.57 -34.43 -3.28
N ILE A 226 11.81 -34.23 -2.83
CA ILE A 226 12.80 -35.30 -2.92
C ILE A 226 12.44 -36.45 -1.99
N ALA A 227 11.90 -36.14 -0.82
CA ALA A 227 11.56 -37.19 0.14
C ALA A 227 10.52 -38.14 -0.44
N GLN A 228 9.51 -37.60 -1.14
CA GLN A 228 8.49 -38.46 -1.73
C GLN A 228 9.05 -39.37 -2.81
N LEU A 229 10.19 -39.00 -3.41
CA LEU A 229 10.76 -39.82 -4.48
C LEU A 229 11.58 -40.98 -3.93
N LEU A 230 12.40 -40.73 -2.92
CA LEU A 230 13.33 -41.73 -2.43
C LEU A 230 12.61 -42.80 -1.60
N PRO A 231 13.17 -44.00 -1.54
CA PRO A 231 12.61 -45.01 -0.62
C PRO A 231 12.77 -44.59 0.83
N GLN A 232 11.88 -45.09 1.68
CA GLN A 232 11.90 -44.69 3.09
C GLN A 232 13.23 -45.03 3.74
N GLU A 233 13.84 -46.15 3.35
CA GLU A 233 15.09 -46.55 3.98
C GLU A 233 16.23 -45.57 3.69
N ASP A 234 16.18 -44.90 2.54
CA ASP A 234 17.24 -43.97 2.15
C ASP A 234 17.04 -42.56 2.69
N LEU A 235 15.89 -42.26 3.29
CA LEU A 235 15.65 -40.91 3.79
C LEU A 235 16.63 -40.55 4.89
N GLU A 236 16.92 -41.50 5.78
CA GLU A 236 17.81 -41.22 6.90
C GLU A 236 19.20 -40.81 6.42
N ALA A 237 19.73 -41.50 5.41
CA ALA A 237 21.08 -41.22 4.96
C ALA A 237 21.16 -39.92 4.15
N LEU A 238 20.16 -39.66 3.31
CA LEU A 238 20.24 -38.60 2.31
C LEU A 238 19.49 -37.34 2.70
N VAL A 239 18.25 -37.46 3.17
CA VAL A 239 17.38 -36.31 3.35
C VAL A 239 17.44 -35.77 4.77
N MET A 240 17.32 -36.65 5.77
CA MET A 240 17.19 -36.18 7.14
C MET A 240 18.33 -35.27 7.58
N PRO A 241 19.59 -35.54 7.28
CA PRO A 241 20.65 -34.62 7.73
C PRO A 241 20.43 -33.19 7.28
N THR A 242 19.93 -33.00 6.05
CA THR A 242 19.64 -31.64 5.59
C THR A 242 18.39 -31.08 6.26
N LEU A 243 17.37 -31.92 6.46
CA LEU A 243 16.13 -31.44 7.08
C LEU A 243 16.37 -31.01 8.52
N ARG A 244 17.21 -31.74 9.26
CA ARG A 244 17.50 -31.36 10.63
C ARG A 244 18.15 -29.99 10.71
N GLN A 245 19.09 -29.71 9.79
CA GLN A 245 19.76 -28.41 9.80
C GLN A 245 18.76 -27.29 9.54
N ALA A 246 17.79 -27.51 8.65
CA ALA A 246 16.82 -26.47 8.34
C ALA A 246 16.02 -26.08 9.58
N ALA A 247 15.58 -27.07 10.37
CA ALA A 247 14.82 -26.77 11.57
C ALA A 247 15.64 -25.99 12.57
N GLU A 248 16.96 -26.17 12.58
CA GLU A 248 17.86 -25.49 13.49
C GLU A 248 18.59 -24.33 12.83
N ASP A 249 18.16 -23.91 11.64
CA ASP A 249 18.84 -22.84 10.94
C ASP A 249 18.78 -21.55 11.73
N LYS A 250 19.88 -20.78 11.70
CA LYS A 250 19.92 -19.52 12.44
C LYS A 250 18.89 -18.55 11.91
N SER A 251 18.72 -18.47 10.59
CA SER A 251 17.75 -17.57 9.99
C SER A 251 16.34 -18.00 10.37
N TRP A 252 15.58 -17.09 10.96
CA TRP A 252 14.20 -17.40 11.31
C TRP A 252 13.36 -17.67 10.08
N ARG A 253 13.73 -17.09 8.94
CA ARG A 253 12.97 -17.32 7.72
C ARG A 253 13.01 -18.78 7.30
N VAL A 254 14.17 -19.41 7.41
CA VAL A 254 14.27 -20.83 7.05
C VAL A 254 13.42 -21.68 7.99
N ARG A 255 13.50 -21.39 9.30
CA ARG A 255 12.68 -22.14 10.25
C ARG A 255 11.19 -21.92 10.00
N TYR A 256 10.81 -20.74 9.53
CA TYR A 256 9.41 -20.49 9.23
C TYR A 256 8.89 -21.43 8.14
N MET A 257 9.68 -21.65 7.10
CA MET A 257 9.27 -22.54 6.03
C MET A 257 9.08 -23.96 6.54
N VAL A 258 9.98 -24.41 7.43
CA VAL A 258 9.83 -25.74 8.02
C VAL A 258 8.50 -25.85 8.76
N ALA A 259 8.19 -24.83 9.57
CA ALA A 259 6.91 -24.82 10.27
C ALA A 259 5.75 -24.72 9.31
N ASP A 260 5.88 -23.88 8.28
CA ASP A 260 4.77 -23.68 7.35
C ASP A 260 4.43 -24.94 6.58
N LYS A 261 5.43 -25.77 6.28
CA LYS A 261 5.25 -26.99 5.51
C LYS A 261 5.59 -28.22 6.35
N PHE A 262 5.30 -28.15 7.66
CA PHE A 262 5.62 -29.27 8.54
C PHE A 262 4.76 -30.48 8.23
N THR A 263 3.47 -30.28 7.98
CA THR A 263 2.59 -31.40 7.68
C THR A 263 2.99 -32.08 6.38
N GLU A 264 3.40 -31.30 5.38
CA GLU A 264 3.86 -31.89 4.13
C GLU A 264 5.09 -32.76 4.36
N LEU A 265 6.01 -32.31 5.22
CA LEU A 265 7.15 -33.13 5.58
C LEU A 265 6.71 -34.41 6.30
N GLN A 266 5.69 -34.29 7.15
CA GLN A 266 5.25 -35.45 7.93
C GLN A 266 4.80 -36.59 7.02
N LYS A 267 4.02 -36.27 5.98
CA LYS A 267 3.56 -37.32 5.07
C LYS A 267 4.73 -37.93 4.31
N ALA A 268 5.68 -37.10 3.87
CA ALA A 268 6.78 -37.61 3.04
C ALA A 268 7.68 -38.55 3.82
N VAL A 269 8.12 -38.14 5.00
CA VAL A 269 9.09 -38.94 5.74
C VAL A 269 8.47 -40.23 6.24
N GLY A 270 7.24 -40.17 6.74
CA GLY A 270 6.55 -41.34 7.24
C GLY A 270 6.43 -41.34 8.75
N PRO A 271 5.53 -42.20 9.28
CA PRO A 271 5.31 -42.19 10.74
C PRO A 271 6.56 -42.48 11.55
N GLU A 272 7.42 -43.39 11.09
CA GLU A 272 8.58 -43.78 11.89
C GLU A 272 9.53 -42.60 12.09
N ILE A 273 9.85 -41.89 11.01
CA ILE A 273 10.72 -40.73 11.13
C ILE A 273 10.03 -39.62 11.90
N THR A 274 8.71 -39.48 11.75
CA THR A 274 7.99 -38.41 12.42
C THR A 274 8.17 -38.50 13.94
N LYS A 275 8.02 -39.69 14.50
CA LYS A 275 8.17 -39.85 15.94
C LYS A 275 9.59 -39.52 16.39
N THR A 276 10.58 -39.99 15.63
CA THR A 276 11.97 -39.88 16.08
C THR A 276 12.49 -38.45 15.94
N ASP A 277 12.19 -37.78 14.82
CA ASP A 277 12.81 -36.51 14.49
C ASP A 277 11.84 -35.35 14.48
N LEU A 278 10.70 -35.48 13.78
CA LEU A 278 9.81 -34.34 13.61
C LEU A 278 9.24 -33.87 14.94
N VAL A 279 8.81 -34.80 15.80
CA VAL A 279 8.18 -34.41 17.06
C VAL A 279 9.11 -33.56 17.90
N PRO A 280 10.37 -33.95 18.15
CA PRO A 280 11.29 -33.02 18.82
C PRO A 280 11.45 -31.71 18.08
N ALA A 281 11.50 -31.75 16.75
CA ALA A 281 11.63 -30.53 15.96
C ALA A 281 10.41 -29.64 16.13
N PHE A 282 9.21 -30.25 16.15
CA PHE A 282 7.99 -29.46 16.29
C PHE A 282 7.96 -28.74 17.64
N GLN A 283 8.44 -29.41 18.70
CA GLN A 283 8.46 -28.78 20.01
C GLN A 283 9.34 -27.54 20.00
N ASN A 284 10.51 -27.61 19.36
CA ASN A 284 11.40 -26.45 19.29
C ASN A 284 10.75 -25.31 18.53
N LEU A 285 10.05 -25.62 17.43
CA LEU A 285 9.40 -24.57 16.66
C LEU A 285 8.34 -23.84 17.47
N MET A 286 7.53 -24.59 18.24
CA MET A 286 6.53 -23.96 19.08
C MET A 286 7.16 -23.08 20.15
N LYS A 287 8.41 -23.36 20.51
CA LYS A 287 9.15 -22.55 21.47
C LYS A 287 10.17 -21.63 20.81
N ASP A 288 10.00 -21.36 19.52
CA ASP A 288 10.95 -20.53 18.79
C ASP A 288 10.93 -19.10 19.32
N CYS A 289 12.09 -18.45 19.25
CA CYS A 289 12.19 -17.08 19.74
C CYS A 289 11.37 -16.12 18.89
N GLU A 290 11.30 -16.35 17.58
CA GLU A 290 10.57 -15.47 16.69
C GLU A 290 9.07 -15.76 16.76
N ALA A 291 8.27 -14.71 16.90
CA ALA A 291 6.82 -14.89 17.02
C ALA A 291 6.22 -15.46 15.74
N GLU A 292 6.77 -15.08 14.58
CA GLU A 292 6.24 -15.58 13.32
C GLU A 292 6.32 -17.10 13.25
N VAL A 293 7.44 -17.67 13.68
CA VAL A 293 7.60 -19.13 13.61
C VAL A 293 6.60 -19.82 14.52
N ARG A 294 6.43 -19.30 15.74
CA ARG A 294 5.49 -19.92 16.67
C ARG A 294 4.07 -19.87 16.12
N ALA A 295 3.68 -18.74 15.52
CA ALA A 295 2.35 -18.64 14.95
C ALA A 295 2.15 -19.64 13.82
N ALA A 296 3.17 -19.79 12.97
CA ALA A 296 3.08 -20.77 11.88
C ALA A 296 2.96 -22.19 12.43
N ALA A 297 3.73 -22.50 13.48
CA ALA A 297 3.63 -23.82 14.09
C ALA A 297 2.27 -24.05 14.71
N SER A 298 1.67 -23.00 15.29
CA SER A 298 0.38 -23.15 15.94
C SER A 298 -0.68 -23.65 14.96
N HIS A 299 -0.65 -23.15 13.73
CA HIS A 299 -1.64 -23.57 12.75
C HIS A 299 -1.58 -25.07 12.48
N LYS A 300 -0.41 -25.67 12.64
CA LYS A 300 -0.20 -27.07 12.29
C LYS A 300 -0.41 -28.01 13.47
N VAL A 301 -0.79 -27.51 14.64
CA VAL A 301 -0.94 -28.37 15.81
C VAL A 301 -2.03 -29.41 15.57
N LYS A 302 -3.18 -28.98 15.05
CA LYS A 302 -4.28 -29.92 14.84
C LYS A 302 -3.94 -30.94 13.77
N GLU A 303 -3.46 -30.48 12.60
CA GLU A 303 -3.14 -31.40 11.52
C GLU A 303 -2.01 -32.34 11.91
N PHE A 304 -0.97 -31.81 12.56
CA PHE A 304 0.18 -32.63 12.92
C PHE A 304 -0.22 -33.76 13.87
N CYS A 305 -1.03 -33.43 14.88
CA CYS A 305 -1.45 -34.45 15.84
C CYS A 305 -2.34 -35.49 15.18
N GLU A 306 -3.20 -35.06 14.24
CA GLU A 306 -4.10 -35.99 13.59
C GLU A 306 -3.34 -37.06 12.82
N ASN A 307 -2.29 -36.68 12.11
CA ASN A 307 -1.54 -37.61 11.26
C ASN A 307 -0.64 -38.55 12.04
N LEU A 308 -0.45 -38.33 13.34
CA LEU A 308 0.39 -39.22 14.13
C LEU A 308 -0.21 -40.62 14.14
N SER A 309 0.66 -41.62 14.10
CA SER A 309 0.21 -43.01 14.09
C SER A 309 -0.60 -43.33 15.33
N ALA A 310 -1.65 -44.13 15.15
CA ALA A 310 -2.52 -44.47 16.28
C ALA A 310 -1.79 -45.25 17.37
N ASP A 311 -0.66 -45.85 17.04
CA ASP A 311 0.08 -46.63 18.04
C ASP A 311 0.55 -45.74 19.20
N CYS A 312 0.87 -44.48 18.91
CA CYS A 312 1.35 -43.58 19.96
C CYS A 312 0.78 -42.18 19.85
N ARG A 313 -0.29 -41.98 19.08
CA ARG A 313 -0.83 -40.64 18.89
C ARG A 313 -1.27 -40.02 20.21
N GLU A 314 -2.08 -40.74 20.98
CA GLU A 314 -2.59 -40.18 22.23
C GLU A 314 -1.47 -39.93 23.22
N ASN A 315 -0.54 -40.88 23.34
CA ASN A 315 0.55 -40.73 24.31
C ASN A 315 1.45 -39.56 23.95
N VAL A 316 1.80 -39.41 22.67
CA VAL A 316 2.70 -38.33 22.27
C VAL A 316 2.05 -36.98 22.51
N ILE A 317 0.77 -36.83 22.16
CA ILE A 317 0.09 -35.56 22.34
C ILE A 317 0.05 -35.18 23.81
N MET A 318 -0.31 -36.13 24.67
CA MET A 318 -0.44 -35.84 26.10
C MET A 318 0.91 -35.51 26.73
N SER A 319 1.96 -36.25 26.35
CA SER A 319 3.25 -36.13 27.03
C SER A 319 4.15 -35.06 26.42
N GLN A 320 4.16 -34.93 25.09
CA GLN A 320 5.11 -34.07 24.40
C GLN A 320 4.49 -32.81 23.83
N ILE A 321 3.40 -32.92 23.07
CA ILE A 321 2.83 -31.76 22.40
C ILE A 321 2.03 -30.92 23.38
N LEU A 322 1.18 -31.54 24.18
CA LEU A 322 0.26 -30.81 25.05
C LEU A 322 0.98 -29.82 25.98
N PRO A 323 2.08 -30.17 26.64
CA PRO A 323 2.75 -29.17 27.50
C PRO A 323 3.15 -27.91 26.76
N CYS A 324 3.60 -28.04 25.51
CA CYS A 324 3.98 -26.86 24.73
C CYS A 324 2.77 -25.98 24.44
N ILE A 325 1.61 -26.59 24.17
CA ILE A 325 0.41 -25.81 23.88
C ILE A 325 0.06 -24.90 25.05
N LYS A 326 0.25 -25.40 26.27
CA LYS A 326 -0.08 -24.59 27.44
C LYS A 326 0.72 -23.30 27.45
N GLU A 327 2.01 -23.36 27.13
CA GLU A 327 2.81 -22.15 27.07
C GLU A 327 2.31 -21.22 25.98
N LEU A 328 1.94 -21.77 24.82
CA LEU A 328 1.46 -20.94 23.72
C LEU A 328 0.18 -20.20 24.08
N VAL A 329 -0.68 -20.80 24.91
CA VAL A 329 -1.92 -20.14 25.30
C VAL A 329 -1.62 -18.82 25.99
N SER A 330 -0.57 -18.80 26.82
CA SER A 330 -0.18 -17.59 27.53
C SER A 330 0.87 -16.77 26.78
N ASP A 331 1.05 -17.04 25.48
CA ASP A 331 2.05 -16.31 24.71
C ASP A 331 1.72 -14.83 24.68
N ALA A 332 2.75 -13.99 24.79
CA ALA A 332 2.54 -12.54 24.77
C ALA A 332 2.02 -12.09 23.42
N ASN A 333 2.54 -12.64 22.33
CA ASN A 333 2.15 -12.20 21.00
C ASN A 333 0.68 -12.49 20.75
N GLN A 334 -0.03 -11.47 20.26
CA GLN A 334 -1.47 -11.64 20.00
C GLN A 334 -1.71 -12.65 18.88
N HIS A 335 -0.92 -12.60 17.82
CA HIS A 335 -1.18 -13.43 16.65
C HIS A 335 -0.96 -14.91 16.95
N VAL A 336 0.03 -15.23 17.79
CA VAL A 336 0.28 -16.63 18.14
C VAL A 336 -0.93 -17.21 18.86
N LYS A 337 -1.49 -16.47 19.81
CA LYS A 337 -2.66 -16.96 20.53
C LYS A 337 -3.86 -17.11 19.60
N SER A 338 -4.02 -16.19 18.65
CA SER A 338 -5.13 -16.30 17.71
C SER A 338 -5.01 -17.56 16.86
N ALA A 339 -3.80 -17.91 16.44
CA ALA A 339 -3.61 -19.10 15.62
C ALA A 339 -4.04 -20.36 16.36
N LEU A 340 -3.69 -20.46 17.64
CA LEU A 340 -4.07 -21.65 18.41
C LEU A 340 -5.58 -21.77 18.54
N ALA A 341 -6.26 -20.64 18.80
CA ALA A 341 -7.69 -20.70 19.07
C ALA A 341 -8.47 -21.33 17.92
N SER A 342 -8.04 -21.07 16.68
CA SER A 342 -8.75 -21.60 15.53
C SER A 342 -8.56 -23.10 15.34
N VAL A 343 -7.56 -23.70 15.98
CA VAL A 343 -7.25 -25.11 15.75
C VAL A 343 -7.19 -25.93 17.03
N ILE A 344 -7.02 -25.32 18.20
CA ILE A 344 -6.89 -26.12 19.43
C ILE A 344 -8.15 -26.94 19.68
N MET A 345 -9.32 -26.43 19.26
CA MET A 345 -10.57 -27.14 19.49
C MET A 345 -10.59 -28.49 18.80
N GLY A 346 -9.75 -28.69 17.78
CA GLY A 346 -9.74 -29.94 17.03
C GLY A 346 -9.05 -31.10 17.70
N LEU A 347 -8.38 -30.87 18.84
CA LEU A 347 -7.73 -31.95 19.56
C LEU A 347 -8.70 -32.76 20.41
N SER A 348 -9.92 -32.28 20.62
CA SER A 348 -10.85 -32.99 21.49
C SER A 348 -11.20 -34.38 20.96
N PRO A 349 -11.55 -34.56 19.68
CA PRO A 349 -11.84 -35.92 19.21
C PRO A 349 -10.66 -36.87 19.35
N ILE A 350 -9.44 -36.38 19.17
CA ILE A 350 -8.27 -37.24 19.25
C ILE A 350 -8.07 -37.75 20.67
N LEU A 351 -8.12 -36.83 21.65
CA LEU A 351 -7.82 -37.20 23.03
C LEU A 351 -8.99 -37.89 23.71
N GLY A 352 -10.22 -37.66 23.26
CA GLY A 352 -11.37 -38.29 23.86
C GLY A 352 -12.04 -37.42 24.91
N LYS A 353 -13.14 -37.95 25.44
CA LYS A 353 -13.94 -37.21 26.40
C LYS A 353 -13.19 -36.97 27.71
N ASP A 354 -12.60 -38.02 28.28
CA ASP A 354 -11.96 -37.90 29.58
C ASP A 354 -10.78 -36.93 29.52
N ASN A 355 -9.91 -37.13 28.53
CA ASN A 355 -8.74 -36.26 28.41
C ASN A 355 -9.14 -34.82 28.09
N THR A 356 -10.16 -34.65 27.24
CA THR A 356 -10.60 -33.31 26.88
C THR A 356 -11.04 -32.53 28.11
N ILE A 357 -11.80 -33.16 29.01
CA ILE A 357 -12.28 -32.48 30.19
C ILE A 357 -11.12 -32.13 31.11
N GLU A 358 -10.13 -33.03 31.23
CA GLU A 358 -9.07 -32.84 32.21
C GLU A 358 -8.01 -31.85 31.72
N HIS A 359 -7.64 -31.92 30.44
CA HIS A 359 -6.52 -31.15 29.91
C HIS A 359 -6.95 -30.07 28.93
N LEU A 360 -7.73 -30.41 27.91
CA LEU A 360 -8.11 -29.42 26.91
C LEU A 360 -9.07 -28.39 27.49
N LEU A 361 -10.03 -28.82 28.30
CA LEU A 361 -11.07 -27.91 28.78
C LEU A 361 -10.51 -26.71 29.53
N PRO A 362 -9.55 -26.86 30.45
CA PRO A 362 -8.98 -25.66 31.07
C PRO A 362 -8.40 -24.68 30.07
N LEU A 363 -7.79 -25.18 29.00
CA LEU A 363 -7.23 -24.28 27.99
C LEU A 363 -8.33 -23.49 27.29
N PHE A 364 -9.45 -24.14 26.98
CA PHE A 364 -10.56 -23.44 26.34
C PHE A 364 -11.07 -22.30 27.23
N LEU A 365 -11.21 -22.56 28.53
CA LEU A 365 -11.65 -21.52 29.45
C LEU A 365 -10.65 -20.38 29.50
N ALA A 366 -9.36 -20.69 29.51
CA ALA A 366 -8.35 -19.64 29.59
C ALA A 366 -8.41 -18.73 28.37
N GLN A 367 -8.58 -19.30 27.18
CA GLN A 367 -8.62 -18.48 25.97
C GLN A 367 -9.94 -17.74 25.83
N LEU A 368 -11.03 -18.30 26.35
CA LEU A 368 -12.30 -17.58 26.33
C LEU A 368 -12.26 -16.31 27.16
N LYS A 369 -11.35 -16.23 28.13
CA LYS A 369 -11.21 -15.05 28.97
C LYS A 369 -10.11 -14.12 28.49
N ASP A 370 -9.49 -14.39 27.35
CA ASP A 370 -8.42 -13.55 26.85
C ASP A 370 -8.96 -12.17 26.49
N GLU A 371 -8.11 -11.16 26.71
CA GLU A 371 -8.52 -9.78 26.43
C GLU A 371 -8.79 -9.57 24.95
N CYS A 372 -7.95 -10.14 24.09
CA CYS A 372 -8.06 -9.90 22.66
C CYS A 372 -9.37 -10.46 22.12
N PRO A 373 -10.20 -9.65 21.46
CA PRO A 373 -11.44 -10.21 20.87
C PRO A 373 -11.19 -11.28 19.84
N GLU A 374 -10.10 -11.20 19.08
CA GLU A 374 -9.84 -12.18 18.04
C GLU A 374 -9.70 -13.58 18.61
N VAL A 375 -8.98 -13.71 19.73
CA VAL A 375 -8.81 -15.02 20.36
C VAL A 375 -10.16 -15.56 20.83
N ARG A 376 -10.96 -14.70 21.45
CA ARG A 376 -12.27 -15.14 21.94
C ARG A 376 -13.19 -15.53 20.78
N LEU A 377 -13.16 -14.75 19.69
CA LEU A 377 -14.00 -15.08 18.54
C LEU A 377 -13.60 -16.42 17.93
N ASN A 378 -12.30 -16.68 17.84
CA ASN A 378 -11.84 -17.92 17.22
C ASN A 378 -12.33 -19.15 17.99
N ILE A 379 -12.26 -19.10 19.32
CA ILE A 379 -12.72 -20.23 20.12
C ILE A 379 -14.20 -20.48 19.88
N ILE A 380 -14.99 -19.42 19.88
CA ILE A 380 -16.44 -19.56 19.72
C ILE A 380 -16.79 -20.10 18.34
N SER A 381 -16.03 -19.73 17.32
CA SER A 381 -16.36 -20.11 15.95
C SER A 381 -16.12 -21.58 15.65
N ASN A 382 -15.38 -22.29 16.50
CA ASN A 382 -15.00 -23.68 16.26
C ASN A 382 -15.44 -24.59 17.41
N LEU A 383 -16.66 -24.40 17.88
CA LEU A 383 -17.17 -25.22 18.98
C LEU A 383 -17.67 -26.58 18.50
N ASP A 384 -17.92 -26.75 17.20
CA ASP A 384 -18.41 -28.04 16.71
C ASP A 384 -17.42 -29.16 16.97
N CYS A 385 -16.11 -28.84 16.96
CA CYS A 385 -15.11 -29.87 17.20
C CYS A 385 -15.24 -30.47 18.60
N VAL A 386 -15.78 -29.71 19.54
CA VAL A 386 -15.91 -30.16 20.92
C VAL A 386 -17.34 -30.59 21.26
N ASN A 387 -18.32 -30.18 20.46
CA ASN A 387 -19.71 -30.52 20.75
C ASN A 387 -19.93 -32.03 20.74
N GLU A 388 -19.37 -32.72 19.76
CA GLU A 388 -19.57 -34.16 19.61
C GLU A 388 -18.73 -34.97 20.57
N VAL A 389 -17.79 -34.35 21.29
CA VAL A 389 -16.87 -35.06 22.18
C VAL A 389 -17.39 -35.07 23.60
N ILE A 390 -17.72 -33.90 24.16
CA ILE A 390 -18.09 -33.77 25.56
C ILE A 390 -19.49 -33.19 25.74
N GLY A 391 -20.11 -32.66 24.71
CA GLY A 391 -21.39 -32.00 24.86
C GLY A 391 -21.25 -30.53 25.17
N ILE A 392 -22.15 -29.71 24.63
CA ILE A 392 -22.04 -28.27 24.79
C ILE A 392 -22.52 -27.80 26.16
N ARG A 393 -23.34 -28.58 26.85
CA ARG A 393 -23.89 -28.15 28.13
C ARG A 393 -22.79 -27.78 29.11
N GLN A 394 -21.70 -28.55 29.13
CA GLN A 394 -20.60 -28.23 30.05
C GLN A 394 -19.97 -26.89 29.71
N LEU A 395 -19.87 -26.56 28.42
CA LEU A 395 -19.30 -25.28 28.00
C LEU A 395 -20.29 -24.13 28.08
N SER A 396 -21.59 -24.43 28.21
CA SER A 396 -22.61 -23.39 28.09
C SER A 396 -22.43 -22.31 29.16
N GLN A 397 -22.22 -22.71 30.40
CA GLN A 397 -22.10 -21.74 31.48
C GLN A 397 -20.84 -20.89 31.37
N SER A 398 -19.85 -21.35 30.60
CA SER A 398 -18.64 -20.56 30.37
C SER A 398 -18.67 -19.81 29.04
N LEU A 399 -19.41 -20.31 28.05
CA LEU A 399 -19.54 -19.58 26.79
C LEU A 399 -20.38 -18.33 26.96
N LEU A 400 -21.44 -18.40 27.77
CA LEU A 400 -22.38 -17.29 27.86
C LEU A 400 -21.71 -16.00 28.30
N PRO A 401 -20.89 -15.96 29.36
CA PRO A 401 -20.24 -14.69 29.70
C PRO A 401 -19.40 -14.13 28.58
N ALA A 402 -18.70 -14.99 27.82
CA ALA A 402 -17.90 -14.51 26.71
C ALA A 402 -18.78 -13.91 25.62
N ILE A 403 -19.91 -14.56 25.31
CA ILE A 403 -20.80 -14.04 24.28
C ILE A 403 -21.36 -12.68 24.68
N VAL A 404 -21.75 -12.54 25.95
CA VAL A 404 -22.34 -11.29 26.41
C VAL A 404 -21.35 -10.14 26.24
N GLU A 405 -20.09 -10.36 26.63
CA GLU A 405 -19.09 -9.30 26.51
C GLU A 405 -18.86 -8.93 25.06
N LEU A 406 -18.77 -9.92 24.17
CA LEU A 406 -18.61 -9.63 22.75
C LEU A 406 -19.81 -8.87 22.21
N ALA A 407 -21.02 -9.29 22.58
CA ALA A 407 -22.23 -8.65 22.08
C ALA A 407 -22.31 -7.19 22.53
N GLU A 408 -21.66 -6.84 23.64
CA GLU A 408 -21.72 -5.49 24.19
C GLU A 408 -20.37 -4.78 24.09
N ASP A 409 -19.51 -5.19 23.17
CA ASP A 409 -18.21 -4.56 23.02
C ASP A 409 -18.37 -3.13 22.51
N ALA A 410 -17.43 -2.27 22.94
CA ALA A 410 -17.49 -0.87 22.54
C ALA A 410 -17.35 -0.71 21.03
N LYS A 411 -16.41 -1.43 20.43
CA LYS A 411 -16.21 -1.36 18.99
C LYS A 411 -17.33 -2.10 18.28
N TRP A 412 -18.05 -1.39 17.41
CA TRP A 412 -19.20 -2.01 16.75
C TRP A 412 -18.78 -3.14 15.82
N ARG A 413 -17.62 -3.02 15.18
CA ARG A 413 -17.15 -4.09 14.31
C ARG A 413 -16.94 -5.39 15.09
N VAL A 414 -16.54 -5.28 16.36
CA VAL A 414 -16.47 -6.47 17.21
C VAL A 414 -17.87 -7.04 17.43
N ARG A 415 -18.85 -6.17 17.70
CA ARG A 415 -20.22 -6.64 17.85
C ARG A 415 -20.73 -7.27 16.56
N LEU A 416 -20.28 -6.75 15.41
CA LEU A 416 -20.69 -7.34 14.14
C LEU A 416 -20.19 -8.77 14.01
N ALA A 417 -18.96 -9.03 14.43
CA ALA A 417 -18.37 -10.35 14.27
C ALA A 417 -19.17 -11.41 15.02
N ILE A 418 -19.56 -11.11 16.26
CA ILE A 418 -20.29 -12.09 17.05
C ILE A 418 -21.67 -12.34 16.46
N ILE A 419 -22.28 -11.30 15.88
CA ILE A 419 -23.60 -11.47 15.27
C ILE A 419 -23.54 -12.51 14.15
N GLU A 420 -22.47 -12.49 13.36
CA GLU A 420 -22.36 -13.42 12.25
C GLU A 420 -22.34 -14.87 12.73
N TYR A 421 -21.80 -15.12 13.92
CA TYR A 421 -21.76 -16.47 14.48
C TYR A 421 -22.98 -16.82 15.31
N MET A 422 -23.90 -15.87 15.49
CA MET A 422 -25.07 -16.14 16.35
C MET A 422 -25.90 -17.31 15.85
N PRO A 423 -26.31 -17.37 14.57
CA PRO A 423 -27.09 -18.53 14.13
C PRO A 423 -26.36 -19.84 14.31
N LEU A 424 -25.03 -19.84 14.12
CA LEU A 424 -24.25 -21.06 14.35
C LEU A 424 -24.32 -21.49 15.81
N LEU A 425 -24.14 -20.53 16.73
CA LEU A 425 -24.21 -20.86 18.15
C LEU A 425 -25.62 -21.25 18.55
N ALA A 426 -26.63 -20.57 18.01
CA ALA A 426 -28.00 -20.84 18.41
C ALA A 426 -28.39 -22.29 18.16
N GLY A 427 -28.05 -22.80 16.97
CA GLY A 427 -28.32 -24.20 16.68
C GLY A 427 -27.57 -25.14 17.59
N GLN A 428 -26.29 -24.84 17.84
CA GLN A 428 -25.49 -25.70 18.71
C GLN A 428 -26.02 -25.70 20.13
N LEU A 429 -26.42 -24.53 20.65
CA LEU A 429 -26.87 -24.42 22.03
C LEU A 429 -28.32 -24.84 22.22
N GLY A 430 -29.09 -24.98 21.15
CA GLY A 430 -30.46 -25.43 21.26
C GLY A 430 -31.44 -24.29 21.44
N VAL A 431 -32.70 -24.57 21.12
CA VAL A 431 -33.75 -23.56 21.20
C VAL A 431 -33.97 -23.13 22.65
N GLU A 432 -34.02 -24.09 23.56
CA GLU A 432 -34.35 -23.77 24.95
C GLU A 432 -33.33 -22.82 25.56
N PHE A 433 -32.04 -23.08 25.34
CA PHE A 433 -31.00 -22.22 25.88
C PHE A 433 -31.07 -20.83 25.24
N PHE A 434 -31.34 -20.77 23.94
CA PHE A 434 -31.39 -19.49 23.25
C PHE A 434 -32.45 -18.57 23.84
N ASP A 435 -33.65 -19.12 24.09
CA ASP A 435 -34.75 -18.30 24.59
C ASP A 435 -34.42 -17.70 25.95
N GLU A 436 -33.86 -18.51 26.85
CA GLU A 436 -33.60 -18.03 28.21
C GLU A 436 -32.46 -17.02 28.25
N LYS A 437 -31.40 -17.25 27.49
CA LYS A 437 -30.17 -16.49 27.60
C LYS A 437 -29.92 -15.57 26.41
N LEU A 438 -29.94 -16.10 25.19
CA LEU A 438 -29.47 -15.38 24.02
C LEU A 438 -30.55 -14.52 23.36
N ASN A 439 -31.83 -14.77 23.64
CA ASN A 439 -32.88 -14.02 22.95
C ASN A 439 -32.79 -12.53 23.26
N SER A 440 -32.51 -12.18 24.51
CA SER A 440 -32.42 -10.77 24.88
C SER A 440 -31.32 -10.06 24.10
N LEU A 441 -30.18 -10.74 23.91
CA LEU A 441 -29.08 -10.12 23.17
C LEU A 441 -29.48 -9.77 21.76
N CYS A 442 -30.18 -10.69 21.08
CA CYS A 442 -30.56 -10.45 19.69
C CYS A 442 -31.46 -9.23 19.55
N MET A 443 -32.44 -9.09 20.44
CA MET A 443 -33.34 -7.93 20.38
C MET A 443 -32.58 -6.64 20.64
N ALA A 444 -31.64 -6.66 21.60
CA ALA A 444 -30.89 -5.45 21.92
C ALA A 444 -30.11 -4.93 20.72
N TRP A 445 -29.67 -5.83 19.83
CA TRP A 445 -28.96 -5.39 18.64
C TRP A 445 -29.87 -4.58 17.72
N LEU A 446 -31.14 -4.97 17.60
CA LEU A 446 -32.04 -4.30 16.68
C LEU A 446 -32.19 -2.81 17.00
N VAL A 447 -31.95 -2.43 18.25
CA VAL A 447 -32.03 -1.04 18.67
C VAL A 447 -30.65 -0.42 18.87
N ASP A 448 -29.62 -1.00 18.27
CA ASP A 448 -28.27 -0.46 18.42
C ASP A 448 -28.15 0.86 17.67
N HIS A 449 -27.27 1.73 18.18
CA HIS A 449 -27.07 3.03 17.55
C HIS A 449 -26.54 2.89 16.14
N VAL A 450 -25.58 2.00 15.93
CA VAL A 450 -24.97 1.84 14.62
C VAL A 450 -25.95 1.13 13.69
N TYR A 451 -26.16 1.72 12.51
CA TYR A 451 -27.07 1.12 11.53
C TYR A 451 -26.56 -0.25 11.07
N ALA A 452 -25.25 -0.37 10.88
CA ALA A 452 -24.70 -1.64 10.42
C ALA A 452 -25.05 -2.79 11.36
N ILE A 453 -25.00 -2.54 12.67
CA ILE A 453 -25.39 -3.56 13.63
C ILE A 453 -26.86 -3.91 13.48
N ARG A 454 -27.72 -2.90 13.33
CA ARG A 454 -29.13 -3.16 13.13
C ARG A 454 -29.37 -3.94 11.84
N GLU A 455 -28.67 -3.57 10.77
CA GLU A 455 -28.81 -4.30 9.52
C GLU A 455 -28.38 -5.76 9.69
N ALA A 456 -27.26 -5.98 10.35
CA ALA A 456 -26.79 -7.35 10.57
C ALA A 456 -27.77 -8.13 11.44
N ALA A 457 -28.31 -7.49 12.48
CA ALA A 457 -29.27 -8.17 13.34
C ALA A 457 -30.53 -8.54 12.57
N THR A 458 -30.96 -7.67 11.65
CA THR A 458 -32.15 -7.97 10.86
C THR A 458 -31.96 -9.24 10.05
N SER A 459 -30.80 -9.39 9.40
CA SER A 459 -30.52 -10.61 8.66
C SER A 459 -30.29 -11.79 9.60
N ASN A 460 -29.87 -11.53 10.83
CA ASN A 460 -29.69 -12.61 11.79
C ASN A 460 -31.02 -13.30 12.11
N LEU A 461 -32.11 -12.52 12.17
CA LEU A 461 -33.40 -13.10 12.47
C LEU A 461 -33.80 -14.13 11.42
N LYS A 462 -33.58 -13.82 10.14
CA LYS A 462 -33.96 -14.75 9.09
C LYS A 462 -33.25 -16.08 9.26
N LYS A 463 -31.94 -16.05 9.52
CA LYS A 463 -31.19 -17.29 9.67
C LYS A 463 -31.66 -18.08 10.89
N LEU A 464 -31.95 -17.38 11.99
CA LEU A 464 -32.47 -18.05 13.18
C LEU A 464 -33.81 -18.71 12.89
N VAL A 465 -34.70 -18.02 12.17
CA VAL A 465 -36.01 -18.59 11.86
C VAL A 465 -35.86 -19.81 10.96
N GLU A 466 -34.91 -19.76 10.02
CA GLU A 466 -34.70 -20.89 9.14
C GLU A 466 -34.34 -22.17 9.88
N LYS A 467 -33.79 -22.05 11.09
CA LYS A 467 -33.40 -23.21 11.89
C LYS A 467 -34.47 -23.60 12.90
N PHE A 468 -35.00 -22.64 13.65
CA PHE A 468 -35.97 -22.95 14.70
C PHE A 468 -37.40 -23.06 14.16
N GLY A 469 -37.64 -22.65 12.93
CA GLY A 469 -38.94 -22.85 12.30
C GLY A 469 -39.90 -21.70 12.53
N LYS A 470 -41.02 -21.76 11.80
CA LYS A 470 -42.02 -20.68 11.86
C LYS A 470 -42.62 -20.56 13.25
N GLU A 471 -42.92 -21.70 13.90
CA GLU A 471 -43.65 -21.66 15.15
C GLU A 471 -42.88 -20.90 16.23
N TRP A 472 -41.57 -21.15 16.33
CA TRP A 472 -40.77 -20.45 17.32
C TRP A 472 -40.73 -18.95 17.05
N ALA A 473 -40.59 -18.56 15.78
CA ALA A 473 -40.52 -17.14 15.45
C ALA A 473 -41.80 -16.41 15.83
N HIS A 474 -42.95 -17.03 15.56
CA HIS A 474 -44.23 -16.38 15.87
C HIS A 474 -44.38 -16.16 17.38
N ALA A 475 -43.98 -17.15 18.18
CA ALA A 475 -44.14 -17.03 19.62
C ALA A 475 -43.10 -16.12 20.26
N THR A 476 -41.90 -16.06 19.70
CA THR A 476 -40.77 -15.41 20.35
C THR A 476 -40.36 -14.10 19.68
N ILE A 477 -40.18 -14.10 18.37
CA ILE A 477 -39.56 -12.97 17.68
C ILE A 477 -40.61 -11.96 17.21
N ILE A 478 -41.63 -12.42 16.49
CA ILE A 478 -42.56 -11.49 15.86
C ILE A 478 -43.21 -10.54 16.86
N PRO A 479 -43.74 -11.01 18.00
CA PRO A 479 -44.38 -10.07 18.93
C PRO A 479 -43.44 -9.01 19.47
N LYS A 480 -42.14 -9.27 19.49
CA LYS A 480 -41.18 -8.30 20.02
C LYS A 480 -40.76 -7.27 18.97
N VAL A 481 -40.53 -7.70 17.73
CA VAL A 481 -40.10 -6.76 16.70
C VAL A 481 -41.21 -5.77 16.39
N LEU A 482 -42.47 -6.22 16.39
CA LEU A 482 -43.58 -5.32 16.16
C LEU A 482 -43.72 -4.28 17.27
N ALA A 483 -43.22 -4.59 18.48
CA ALA A 483 -43.31 -3.62 19.57
C ALA A 483 -42.52 -2.36 19.25
N MET A 484 -41.45 -2.48 18.46
CA MET A 484 -40.65 -1.31 18.10
C MET A 484 -41.39 -0.32 17.22
N SER A 485 -42.54 -0.70 16.68
CA SER A 485 -43.29 0.21 15.81
C SER A 485 -43.64 1.50 16.52
N GLY A 486 -43.80 1.46 17.84
CA GLY A 486 -44.11 2.63 18.63
C GLY A 486 -42.91 3.40 19.14
N ASP A 487 -41.71 3.05 18.70
CA ASP A 487 -40.52 3.75 19.18
C ASP A 487 -40.56 5.21 18.74
N PRO A 488 -40.27 6.16 19.64
CA PRO A 488 -40.29 7.57 19.22
C PRO A 488 -39.27 7.90 18.15
N ASN A 489 -38.19 7.14 18.03
CA ASN A 489 -37.15 7.42 17.04
C ASN A 489 -37.54 6.77 15.72
N TYR A 490 -37.52 7.57 14.64
CA TYR A 490 -37.94 7.06 13.35
C TYR A 490 -36.98 6.01 12.81
N LEU A 491 -35.71 6.08 13.20
CA LEU A 491 -34.76 5.06 12.78
C LEU A 491 -35.15 3.69 13.31
N HIS A 492 -35.60 3.63 14.57
CA HIS A 492 -36.00 2.36 15.16
C HIS A 492 -37.32 1.88 14.57
N ARG A 493 -38.24 2.80 14.28
CA ARG A 493 -39.51 2.40 13.68
C ARG A 493 -39.29 1.77 12.31
N MET A 494 -38.40 2.35 11.50
CA MET A 494 -38.08 1.76 10.21
C MET A 494 -37.46 0.38 10.36
N THR A 495 -36.79 0.12 11.49
CA THR A 495 -36.20 -1.20 11.70
C THR A 495 -37.28 -2.28 11.70
N THR A 496 -38.46 -1.96 12.22
CA THR A 496 -39.56 -2.91 12.18
C THR A 496 -39.92 -3.28 10.74
N LEU A 497 -39.97 -2.29 9.85
CA LEU A 497 -40.25 -2.57 8.45
C LEU A 497 -39.16 -3.44 7.84
N PHE A 498 -37.90 -3.15 8.17
CA PHE A 498 -36.80 -3.96 7.64
C PHE A 498 -36.90 -5.40 8.13
N CYS A 499 -37.26 -5.59 9.40
CA CYS A 499 -37.41 -6.95 9.92
C CYS A 499 -38.53 -7.69 9.21
N ILE A 500 -39.65 -7.03 8.97
CA ILE A 500 -40.76 -7.66 8.27
C ILE A 500 -40.37 -8.07 6.86
N ASN A 501 -39.51 -7.28 6.22
CA ASN A 501 -39.09 -7.59 4.86
C ASN A 501 -38.38 -8.93 4.80
N VAL A 502 -37.52 -9.22 5.77
CA VAL A 502 -36.77 -10.48 5.75
C VAL A 502 -37.59 -11.60 6.37
N LEU A 503 -38.37 -11.30 7.41
CA LEU A 503 -39.17 -12.34 8.05
C LEU A 503 -40.24 -12.88 7.10
N SER A 504 -40.85 -12.01 6.29
CA SER A 504 -41.91 -12.45 5.40
C SER A 504 -41.43 -13.53 4.45
N GLU A 505 -40.15 -13.52 4.08
CA GLU A 505 -39.62 -14.51 3.16
C GLU A 505 -39.70 -15.92 3.73
N VAL A 506 -39.74 -16.06 5.06
CA VAL A 506 -39.70 -17.36 5.71
C VAL A 506 -40.97 -17.63 6.52
N CYS A 507 -41.50 -16.62 7.20
CA CYS A 507 -42.64 -16.84 8.09
C CYS A 507 -43.86 -17.37 7.35
N GLY A 508 -43.93 -17.20 6.04
CA GLY A 508 -45.01 -17.76 5.25
C GLY A 508 -46.18 -16.80 5.08
N GLN A 509 -47.15 -17.24 4.27
CA GLN A 509 -48.29 -16.40 3.95
C GLN A 509 -49.20 -16.20 5.16
N ASP A 510 -49.50 -17.27 5.89
CA ASP A 510 -50.47 -17.19 6.98
C ASP A 510 -50.00 -16.23 8.06
N ILE A 511 -48.75 -16.36 8.50
CA ILE A 511 -48.25 -15.51 9.57
C ILE A 511 -48.12 -14.07 9.09
N THR A 512 -47.64 -13.88 7.87
CA THR A 512 -47.45 -12.52 7.37
C THR A 512 -48.77 -11.75 7.30
N THR A 513 -49.82 -12.40 6.79
CA THR A 513 -51.10 -11.72 6.60
C THR A 513 -51.75 -11.39 7.94
N LYS A 514 -51.66 -12.29 8.91
CA LYS A 514 -52.44 -12.17 10.14
C LYS A 514 -51.75 -11.31 11.21
N HIS A 515 -50.42 -11.27 11.23
CA HIS A 515 -49.71 -10.61 12.32
C HIS A 515 -48.76 -9.52 11.85
N MET A 516 -48.06 -9.70 10.74
CA MET A 516 -47.10 -8.72 10.28
C MET A 516 -47.73 -7.67 9.36
N LEU A 517 -48.62 -8.09 8.47
CA LEU A 517 -49.23 -7.12 7.55
C LEU A 517 -49.97 -6.00 8.26
N PRO A 518 -50.79 -6.26 9.29
CA PRO A 518 -51.52 -5.14 9.92
C PRO A 518 -50.61 -4.05 10.43
N THR A 519 -49.44 -4.41 10.98
CA THR A 519 -48.52 -3.40 11.51
C THR A 519 -48.03 -2.49 10.39
N VAL A 520 -47.70 -3.06 9.24
CA VAL A 520 -47.19 -2.26 8.13
C VAL A 520 -48.24 -1.24 7.69
N LEU A 521 -49.49 -1.67 7.57
CA LEU A 521 -50.55 -0.77 7.13
C LEU A 521 -50.77 0.36 8.13
N ARG A 522 -50.69 0.06 9.43
CA ARG A 522 -50.89 1.09 10.44
C ARG A 522 -49.83 2.18 10.33
N MET A 523 -48.58 1.78 10.08
CA MET A 523 -47.48 2.75 10.00
C MET A 523 -47.57 3.64 8.77
N ALA A 524 -48.46 3.36 7.82
CA ALA A 524 -48.59 4.20 6.65
C ALA A 524 -48.96 5.64 6.99
N GLY A 525 -49.54 5.86 8.17
CA GLY A 525 -49.89 7.20 8.61
C GLY A 525 -48.83 7.82 9.49
N ASP A 526 -47.62 7.29 9.44
CA ASP A 526 -46.55 7.81 10.28
C ASP A 526 -46.25 9.26 9.91
N PRO A 527 -46.06 10.15 10.88
CA PRO A 527 -45.79 11.56 10.54
C PRO A 527 -44.50 11.77 9.77
N VAL A 528 -43.53 10.86 9.89
CA VAL A 528 -42.23 11.04 9.25
C VAL A 528 -42.30 10.45 7.85
N ALA A 529 -41.88 11.24 6.86
CA ALA A 529 -41.93 10.80 5.48
C ALA A 529 -41.02 9.60 5.24
N ASN A 530 -39.90 9.52 5.96
CA ASN A 530 -38.98 8.40 5.77
C ASN A 530 -39.66 7.08 6.07
N VAL A 531 -40.45 7.02 7.15
CA VAL A 531 -41.18 5.80 7.48
C VAL A 531 -42.20 5.48 6.40
N ARG A 532 -42.90 6.50 5.90
CA ARG A 532 -44.05 6.27 5.03
C ARG A 532 -43.64 5.60 3.72
N PHE A 533 -42.57 6.08 3.07
CA PHE A 533 -42.20 5.47 1.81
C PHE A 533 -41.43 4.15 1.99
N ASN A 534 -40.98 3.86 3.21
CA ASN A 534 -40.50 2.52 3.50
C ASN A 534 -41.65 1.53 3.62
N VAL A 535 -42.82 2.00 4.06
CA VAL A 535 -44.01 1.16 4.04
C VAL A 535 -44.36 0.79 2.60
N ALA A 536 -44.28 1.76 1.69
CA ALA A 536 -44.54 1.47 0.28
C ALA A 536 -43.56 0.45 -0.25
N LYS A 537 -42.27 0.60 0.07
CA LYS A 537 -41.28 -0.39 -0.34
C LYS A 537 -41.53 -1.74 0.35
N SER A 538 -41.90 -1.71 1.63
CA SER A 538 -42.17 -2.95 2.34
C SER A 538 -43.33 -3.70 1.71
N LEU A 539 -44.42 -2.98 1.39
CA LEU A 539 -45.55 -3.62 0.74
C LEU A 539 -45.17 -4.19 -0.62
N GLN A 540 -44.27 -3.51 -1.33
CA GLN A 540 -43.82 -4.02 -2.62
C GLN A 540 -43.13 -5.37 -2.47
N LYS A 541 -42.28 -5.52 -1.44
CA LYS A 541 -41.52 -6.76 -1.31
C LYS A 541 -42.38 -7.91 -0.82
N ILE A 542 -43.28 -7.65 0.14
CA ILE A 542 -44.11 -8.71 0.70
C ILE A 542 -45.43 -8.88 -0.04
N GLY A 543 -45.72 -8.02 -1.01
CA GLY A 543 -46.96 -8.10 -1.76
C GLY A 543 -47.14 -9.44 -2.47
N PRO A 544 -46.09 -9.90 -3.17
CA PRO A 544 -46.20 -11.19 -3.86
C PRO A 544 -46.54 -12.34 -2.92
N ILE A 545 -46.04 -12.31 -1.69
CA ILE A 545 -46.33 -13.38 -0.74
C ILE A 545 -47.79 -13.37 -0.32
N LEU A 546 -48.44 -12.21 -0.34
CA LEU A 546 -49.82 -12.11 0.09
C LEU A 546 -50.76 -12.70 -0.96
N ASP A 547 -51.97 -13.05 -0.52
CA ASP A 547 -53.00 -13.55 -1.41
C ASP A 547 -53.57 -12.42 -2.26
N ASN A 548 -54.13 -12.79 -3.41
CA ASN A 548 -54.70 -11.78 -4.30
C ASN A 548 -55.84 -11.03 -3.63
N SER A 549 -56.69 -11.75 -2.88
CA SER A 549 -57.80 -11.09 -2.21
C SER A 549 -57.32 -10.03 -1.23
N THR A 550 -56.25 -10.33 -0.49
CA THR A 550 -55.72 -9.36 0.46
C THR A 550 -55.19 -8.12 -0.27
N LEU A 551 -54.52 -8.32 -1.41
CA LEU A 551 -53.97 -7.18 -2.15
C LEU A 551 -55.07 -6.22 -2.57
N GLN A 552 -56.18 -6.74 -3.10
CA GLN A 552 -57.25 -5.88 -3.58
C GLN A 552 -58.05 -5.28 -2.43
N SER A 553 -58.09 -5.95 -1.28
CA SER A 553 -58.95 -5.51 -0.18
C SER A 553 -58.26 -4.48 0.70
N GLU A 554 -57.00 -4.70 1.06
CA GLU A 554 -56.30 -3.86 2.04
C GLU A 554 -55.12 -3.13 1.45
N VAL A 555 -54.22 -3.84 0.76
CA VAL A 555 -52.99 -3.21 0.30
C VAL A 555 -53.28 -2.12 -0.72
N LYS A 556 -54.17 -2.38 -1.67
CA LYS A 556 -54.42 -1.42 -2.74
C LYS A 556 -54.91 -0.08 -2.23
N PRO A 557 -55.94 0.01 -1.39
CA PRO A 557 -56.38 1.33 -0.92
C PRO A 557 -55.30 2.10 -0.17
N ILE A 558 -54.44 1.41 0.58
CA ILE A 558 -53.39 2.11 1.31
C ILE A 558 -52.37 2.69 0.35
N LEU A 559 -51.96 1.91 -0.65
CA LEU A 559 -50.99 2.41 -1.63
C LEU A 559 -51.55 3.59 -2.40
N GLU A 560 -52.83 3.53 -2.78
CA GLU A 560 -53.43 4.64 -3.50
C GLU A 560 -53.42 5.92 -2.68
N LYS A 561 -53.69 5.81 -1.37
CA LYS A 561 -53.64 6.98 -0.51
C LYS A 561 -52.24 7.56 -0.46
N LEU A 562 -51.22 6.70 -0.43
CA LEU A 562 -49.84 7.19 -0.37
C LEU A 562 -49.48 7.99 -1.61
N THR A 563 -50.01 7.62 -2.78
CA THR A 563 -49.73 8.36 -4.00
C THR A 563 -50.20 9.81 -3.90
N GLN A 564 -51.16 10.10 -3.03
CA GLN A 564 -51.63 11.45 -2.80
C GLN A 564 -50.81 12.19 -1.73
N ASP A 565 -49.81 11.54 -1.16
CA ASP A 565 -49.01 12.17 -0.12
C ASP A 565 -48.24 13.37 -0.68
N GLN A 566 -48.07 14.38 0.16
CA GLN A 566 -47.40 15.60 -0.27
C GLN A 566 -45.94 15.33 -0.65
N ASP A 567 -45.25 14.50 0.13
CA ASP A 567 -43.83 14.27 -0.11
C ASP A 567 -43.62 13.59 -1.45
N VAL A 568 -42.60 14.05 -2.18
CA VAL A 568 -42.32 13.52 -3.51
C VAL A 568 -41.91 12.05 -3.42
N ASP A 569 -41.04 11.72 -2.47
CA ASP A 569 -40.52 10.35 -2.38
C ASP A 569 -41.64 9.36 -2.10
N VAL A 570 -42.59 9.73 -1.24
CA VAL A 570 -43.69 8.82 -0.93
C VAL A 570 -44.50 8.52 -2.17
N LYS A 571 -44.80 9.54 -2.97
CA LYS A 571 -45.55 9.32 -4.20
C LYS A 571 -44.80 8.41 -5.17
N TYR A 572 -43.50 8.63 -5.32
CA TYR A 572 -42.74 7.86 -6.30
C TYR A 572 -42.73 6.37 -5.94
N PHE A 573 -42.40 6.05 -4.69
CA PHE A 573 -42.38 4.65 -4.28
C PHE A 573 -43.78 4.07 -4.21
N ALA A 574 -44.77 4.87 -3.83
CA ALA A 574 -46.15 4.40 -3.87
C ALA A 574 -46.57 4.04 -5.28
N GLN A 575 -46.22 4.89 -6.26
CA GLN A 575 -46.50 4.57 -7.65
C GLN A 575 -45.74 3.32 -8.09
N GLU A 576 -44.48 3.20 -7.69
CA GLU A 576 -43.69 2.03 -8.06
C GLU A 576 -44.29 0.76 -7.49
N ALA A 577 -44.75 0.81 -6.24
CA ALA A 577 -45.34 -0.37 -5.62
C ALA A 577 -46.56 -0.86 -6.39
N LEU A 578 -47.42 0.08 -6.81
CA LEU A 578 -48.60 -0.32 -7.59
C LEU A 578 -48.20 -0.96 -8.91
N THR A 579 -47.21 -0.37 -9.60
CA THR A 579 -46.78 -0.90 -10.89
C THR A 579 -46.21 -2.31 -10.74
N VAL A 580 -45.34 -2.50 -9.73
CA VAL A 580 -44.74 -3.82 -9.53
C VAL A 580 -45.80 -4.84 -9.16
N LEU A 581 -46.72 -4.47 -8.26
CA LEU A 581 -47.78 -5.38 -7.85
C LEU A 581 -48.91 -5.48 -8.88
N SER A 582 -48.87 -4.68 -9.94
CA SER A 582 -49.89 -4.72 -10.99
C SER A 582 -51.27 -4.45 -10.41
N LEU A 583 -51.35 -3.54 -9.44
CA LEU A 583 -52.61 -3.15 -8.85
C LEU A 583 -53.23 -1.93 -9.51
N ALA A 584 -52.42 -1.10 -10.16
CA ALA A 584 -52.92 0.10 -10.82
C ALA A 584 -51.91 0.61 -11.85
N ASN B 12 54.64 5.84 -4.12
CA ASN B 12 53.67 5.71 -3.05
C ASN B 12 52.36 6.41 -3.42
N ASP B 13 52.36 7.74 -3.29
CA ASP B 13 51.15 8.51 -3.57
C ASP B 13 50.77 8.41 -5.04
N ILE B 14 49.47 8.37 -5.30
CA ILE B 14 48.96 8.33 -6.67
C ILE B 14 48.98 9.75 -7.24
N GLN B 15 49.61 9.90 -8.39
CA GLN B 15 49.68 11.20 -9.07
C GLN B 15 48.39 11.40 -9.86
N TRP B 16 47.45 12.13 -9.28
CA TRP B 16 46.18 12.41 -9.93
C TRP B 16 46.33 13.56 -10.91
N CYS B 17 45.62 13.46 -12.04
CA CYS B 17 45.70 14.45 -13.09
C CYS B 17 44.29 14.88 -13.50
N PHE B 18 44.16 16.17 -13.82
CA PHE B 18 42.90 16.68 -14.34
C PHE B 18 42.53 15.95 -15.63
N SER B 19 41.30 15.48 -15.71
CA SER B 19 40.81 14.77 -16.89
C SER B 19 39.66 15.53 -17.56
N GLN B 20 38.60 15.84 -16.82
CA GLN B 20 37.45 16.52 -17.40
C GLN B 20 36.80 17.40 -16.35
N VAL B 21 36.07 18.41 -16.84
CA VAL B 21 35.21 19.24 -16.01
C VAL B 21 33.90 19.46 -16.77
N LYS B 22 32.78 19.30 -16.08
CA LYS B 22 31.47 19.37 -16.71
C LYS B 22 30.56 20.26 -15.87
N GLY B 23 29.54 20.81 -16.54
CA GLY B 23 28.64 21.75 -15.91
C GLY B 23 28.80 23.16 -16.40
N ALA B 24 28.61 24.15 -15.53
CA ALA B 24 28.75 25.54 -15.91
C ALA B 24 30.15 25.83 -16.43
N ALA B 30 22.99 28.29 -11.09
CA ALA B 30 21.74 28.43 -10.36
C ALA B 30 21.60 27.31 -9.33
N GLU B 31 20.63 27.47 -8.44
CA GLU B 31 20.41 26.47 -7.41
C GLU B 31 20.01 25.13 -8.01
N ALA B 32 19.14 25.15 -9.01
CA ALA B 32 18.65 23.90 -9.59
C ALA B 32 19.76 23.07 -10.21
N ASP B 33 20.87 23.70 -10.61
CA ASP B 33 21.96 22.98 -11.26
C ASP B 33 22.97 22.40 -10.27
N ILE B 34 22.81 22.65 -8.98
CA ILE B 34 23.80 22.19 -8.00
C ILE B 34 23.70 20.67 -7.89
N ILE B 35 24.84 19.99 -8.05
CA ILE B 35 24.87 18.54 -7.97
C ILE B 35 24.64 18.10 -6.53
N SER B 36 23.79 17.10 -6.35
CA SER B 36 23.44 16.59 -5.03
C SER B 36 23.84 15.14 -4.79
N THR B 37 24.31 14.42 -5.81
CA THR B 37 24.78 13.06 -5.60
C THR B 37 25.62 12.63 -6.81
N VAL B 38 26.51 11.68 -6.57
CA VAL B 38 27.36 11.09 -7.60
C VAL B 38 27.51 9.61 -7.31
N GLU B 39 27.55 8.79 -8.36
CA GLU B 39 27.55 7.34 -8.18
C GLU B 39 28.00 6.66 -9.46
N PHE B 40 29.10 5.92 -9.39
CA PHE B 40 29.48 5.01 -10.48
C PHE B 40 28.61 3.76 -10.43
N ASN B 41 28.43 3.13 -11.58
CA ASN B 41 27.73 1.85 -11.62
C ASN B 41 28.70 0.72 -11.30
N HIS B 42 28.16 -0.49 -11.19
CA HIS B 42 28.96 -1.62 -10.73
C HIS B 42 30.16 -1.86 -11.65
N SER B 43 29.93 -1.83 -12.97
CA SER B 43 31.04 -2.02 -13.89
C SER B 43 31.96 -0.80 -13.94
N GLY B 44 31.44 0.36 -13.55
CA GLY B 44 32.20 1.60 -13.60
C GLY B 44 32.15 2.31 -14.93
N GLU B 45 31.48 1.75 -15.93
CA GLU B 45 31.42 2.39 -17.24
C GLU B 45 30.47 3.59 -17.23
N LEU B 46 29.44 3.56 -16.39
CA LEU B 46 28.44 4.62 -16.32
C LEU B 46 28.58 5.41 -15.04
N LEU B 47 28.44 6.72 -15.14
CA LEU B 47 28.52 7.65 -14.01
C LEU B 47 27.26 8.50 -14.00
N ALA B 48 26.54 8.48 -12.87
CA ALA B 48 25.28 9.20 -12.74
C ALA B 48 25.41 10.29 -11.67
N THR B 49 24.79 11.43 -11.93
CA THR B 49 24.77 12.53 -11.00
C THR B 49 23.36 13.13 -10.93
N GLY B 50 22.97 13.53 -9.72
CA GLY B 50 21.70 14.19 -9.51
C GLY B 50 21.89 15.60 -8.99
N ASP B 51 20.89 16.47 -9.17
CA ASP B 51 20.98 17.86 -8.77
C ASP B 51 19.71 18.27 -8.04
N LYS B 52 19.74 19.46 -7.46
CA LYS B 52 18.59 19.97 -6.71
C LYS B 52 17.35 20.09 -7.58
N GLY B 53 17.50 20.19 -8.90
CA GLY B 53 16.38 20.31 -9.80
C GLY B 53 15.69 19.03 -10.16
N GLY B 54 16.13 17.89 -9.62
CA GLY B 54 15.50 16.63 -9.92
C GLY B 54 15.98 15.96 -11.18
N ARG B 55 16.98 16.53 -11.86
CA ARG B 55 17.48 15.93 -13.09
C ARG B 55 18.59 14.93 -12.79
N VAL B 56 18.65 13.87 -13.59
CA VAL B 56 19.69 12.85 -13.49
C VAL B 56 20.41 12.80 -14.83
N VAL B 57 21.74 12.96 -14.79
CA VAL B 57 22.58 12.93 -15.99
C VAL B 57 23.53 11.75 -15.86
N ILE B 58 23.54 10.89 -16.87
CA ILE B 58 24.37 9.69 -16.89
C ILE B 58 25.45 9.87 -17.95
N PHE B 59 26.70 9.67 -17.55
CA PHE B 59 27.85 9.76 -18.45
C PHE B 59 28.40 8.36 -18.70
N GLN B 60 28.66 8.04 -19.97
CA GLN B 60 29.20 6.75 -20.37
C GLN B 60 30.64 6.91 -20.81
N GLN B 61 31.53 6.08 -20.28
CA GLN B 61 32.94 6.13 -20.64
C GLN B 61 33.14 5.66 -22.08
N GLU B 62 34.04 6.33 -22.79
CA GLU B 62 34.40 5.91 -24.14
C GLU B 62 35.19 4.61 -24.08
N GLN B 63 34.69 3.58 -24.77
CA GLN B 63 35.30 2.26 -24.78
C GLN B 63 36.01 1.97 -26.10
N GLU B 64 36.63 2.98 -26.69
CA GLU B 64 37.37 2.80 -27.94
C GLU B 64 38.66 2.04 -27.70
N HIS B 70 43.64 -1.67 -18.31
CA HIS B 70 42.82 -0.58 -17.78
C HIS B 70 42.23 0.23 -18.91
N SER B 71 41.24 1.07 -18.59
CA SER B 71 40.60 1.94 -19.55
C SER B 71 40.56 3.36 -18.97
N ARG B 72 41.08 4.32 -19.75
CA ARG B 72 41.11 5.71 -19.34
C ARG B 72 40.34 6.60 -20.32
N GLY B 73 39.34 6.04 -20.98
CA GLY B 73 38.52 6.83 -21.87
C GLY B 73 37.74 7.89 -21.12
N GLU B 74 37.47 9.00 -21.80
CA GLU B 74 36.73 10.09 -21.18
C GLU B 74 35.25 9.74 -21.07
N TYR B 75 34.55 10.49 -20.23
CA TYR B 75 33.13 10.30 -19.99
C TYR B 75 32.32 11.34 -20.77
N ASN B 76 31.29 10.89 -21.46
CA ASN B 76 30.44 11.74 -22.26
C ASN B 76 28.98 11.53 -21.89
N VAL B 77 28.18 12.58 -22.06
CA VAL B 77 26.76 12.53 -21.75
C VAL B 77 26.12 11.34 -22.46
N TYR B 78 25.45 10.48 -21.69
CA TYR B 78 24.83 9.27 -22.19
C TYR B 78 23.31 9.32 -22.13
N SER B 79 22.75 9.86 -21.05
CA SER B 79 21.30 9.99 -20.92
C SER B 79 21.00 11.13 -19.95
N THR B 80 19.79 11.68 -20.09
CA THR B 80 19.34 12.76 -19.22
C THR B 80 17.83 12.70 -19.11
N PHE B 81 17.32 12.73 -17.88
CA PHE B 81 15.88 12.67 -17.66
C PHE B 81 15.55 13.37 -16.35
N GLN B 82 14.28 13.75 -16.22
CA GLN B 82 13.76 14.41 -15.04
C GLN B 82 13.28 13.35 -14.06
N SER B 83 14.11 13.03 -13.07
CA SER B 83 13.78 11.98 -12.12
C SER B 83 12.57 12.34 -11.28
N HIS B 84 12.58 13.53 -10.68
CA HIS B 84 11.51 13.97 -9.79
C HIS B 84 11.06 15.37 -10.16
N GLU B 85 9.76 15.63 -9.99
CA GLU B 85 9.16 16.93 -10.23
C GLU B 85 8.71 17.55 -8.91
N PRO B 86 8.70 18.87 -8.80
CA PRO B 86 8.22 19.50 -7.58
C PRO B 86 6.75 19.17 -7.34
N GLU B 87 6.40 18.99 -6.07
CA GLU B 87 5.05 18.62 -5.69
C GLU B 87 4.70 19.27 -4.36
N PHE B 88 3.40 19.37 -4.10
CA PHE B 88 2.88 19.97 -2.89
C PHE B 88 2.14 18.92 -2.09
N ASP B 89 2.45 18.82 -0.80
CA ASP B 89 1.78 17.87 0.09
C ASP B 89 0.50 18.52 0.59
N TYR B 90 -0.63 18.10 0.02
CA TYR B 90 -1.91 18.67 0.39
C TYR B 90 -2.38 18.18 1.76
N LEU B 91 -1.78 17.11 2.28
CA LEU B 91 -2.17 16.63 3.61
C LEU B 91 -1.50 17.45 4.71
N LYS B 92 -0.19 17.64 4.60
CA LYS B 92 0.55 18.46 5.56
C LYS B 92 0.67 19.92 5.11
N SER B 93 0.23 20.25 3.90
CA SER B 93 0.29 21.63 3.40
C SER B 93 1.73 22.14 3.35
N LEU B 94 2.58 21.39 2.65
CA LEU B 94 3.98 21.73 2.51
C LEU B 94 4.46 21.35 1.12
N GLU B 95 5.50 22.05 0.66
CA GLU B 95 6.13 21.69 -0.61
C GLU B 95 7.06 20.50 -0.44
N ILE B 96 7.19 19.71 -1.49
CA ILE B 96 8.06 18.54 -1.51
C ILE B 96 9.20 18.85 -2.48
N GLU B 97 10.43 18.81 -1.97
CA GLU B 97 11.59 19.10 -2.80
C GLU B 97 11.82 17.99 -3.81
N GLU B 98 12.21 18.38 -5.03
CA GLU B 98 12.58 17.44 -6.08
C GLU B 98 14.07 17.12 -6.06
N LYS B 99 14.81 17.64 -5.08
CA LYS B 99 16.22 17.37 -4.96
C LYS B 99 16.49 15.87 -4.88
N ILE B 100 17.47 15.41 -5.65
CA ILE B 100 17.84 14.00 -5.67
C ILE B 100 18.84 13.76 -4.54
N ASN B 101 18.46 12.89 -3.60
CA ASN B 101 19.32 12.63 -2.46
C ASN B 101 20.33 11.53 -2.74
N LYS B 102 19.88 10.40 -3.29
CA LYS B 102 20.75 9.25 -3.50
C LYS B 102 20.45 8.61 -4.84
N ILE B 103 21.48 8.07 -5.47
CA ILE B 103 21.36 7.24 -6.67
C ILE B 103 22.07 5.93 -6.42
N ARG B 104 21.38 4.82 -6.68
CA ARG B 104 21.93 3.49 -6.49
C ARG B 104 21.67 2.66 -7.74
N TRP B 105 22.73 2.08 -8.29
CA TRP B 105 22.63 1.22 -9.46
C TRP B 105 22.31 -0.21 -9.04
N LEU B 106 21.42 -0.85 -9.78
CA LEU B 106 21.17 -2.27 -9.58
C LEU B 106 22.14 -3.10 -10.43
N PRO B 107 22.44 -4.33 -10.01
CA PRO B 107 23.25 -5.20 -10.86
C PRO B 107 22.59 -5.40 -12.22
N GLN B 108 23.42 -5.43 -13.27
CA GLN B 108 22.89 -5.46 -14.63
C GLN B 108 22.12 -6.74 -14.88
N LYS B 109 20.79 -6.62 -15.00
CA LYS B 109 19.95 -7.77 -15.27
C LYS B 109 20.08 -8.21 -16.73
N ASN B 110 20.06 -7.26 -17.65
CA ASN B 110 20.14 -7.54 -19.07
C ASN B 110 20.79 -6.33 -19.74
N ALA B 111 20.63 -6.23 -21.07
CA ALA B 111 21.24 -5.13 -21.80
C ALA B 111 20.89 -3.78 -21.19
N ALA B 112 19.68 -3.64 -20.66
CA ALA B 112 19.26 -2.38 -20.07
C ALA B 112 19.98 -2.12 -18.74
N GLN B 113 19.88 -0.88 -18.27
CA GLN B 113 20.47 -0.46 -17.02
C GLN B 113 19.37 0.03 -16.08
N PHE B 114 19.48 -0.32 -14.80
CA PHE B 114 18.50 0.05 -13.80
C PHE B 114 19.19 0.76 -12.65
N LEU B 115 18.56 1.83 -12.15
CA LEU B 115 19.08 2.56 -11.00
C LEU B 115 17.91 3.07 -10.17
N LEU B 116 18.14 3.19 -8.87
CA LEU B 116 17.15 3.74 -7.94
C LEU B 116 17.46 5.21 -7.69
N SER B 117 16.47 6.06 -7.87
CA SER B 117 16.58 7.48 -7.61
C SER B 117 15.57 7.87 -6.55
N THR B 118 16.01 8.61 -5.53
CA THR B 118 15.15 8.93 -4.39
C THR B 118 15.26 10.41 -4.06
N ASN B 119 14.10 11.00 -3.75
CA ASN B 119 14.00 12.30 -3.12
C ASN B 119 13.55 12.11 -1.68
N ASP B 120 13.26 13.23 -1.00
CA ASP B 120 12.94 13.15 0.42
C ASP B 120 11.79 12.19 0.70
N LYS B 121 10.89 12.00 -0.25
CA LYS B 121 9.66 11.25 0.00
C LYS B 121 9.51 10.00 -0.86
N THR B 122 9.97 10.01 -2.11
CA THR B 122 9.65 8.94 -3.06
C THR B 122 10.93 8.35 -3.64
N ILE B 123 10.90 7.04 -3.90
CA ILE B 123 11.96 6.33 -4.60
C ILE B 123 11.40 5.84 -5.93
N LYS B 124 12.14 6.10 -7.00
CA LYS B 124 11.75 5.70 -8.35
C LYS B 124 12.78 4.75 -8.93
N LEU B 125 12.32 3.70 -9.60
CA LEU B 125 13.18 2.76 -10.31
C LEU B 125 13.19 3.15 -11.79
N TRP B 126 14.36 3.51 -12.29
CA TRP B 126 14.51 4.02 -13.65
C TRP B 126 15.24 3.00 -14.51
N LYS B 127 14.69 2.73 -15.69
CA LYS B 127 15.30 1.82 -16.67
C LYS B 127 15.88 2.66 -17.80
N ILE B 128 17.18 2.46 -18.07
CA ILE B 128 17.87 3.12 -19.17
C ILE B 128 18.21 2.04 -20.19
N SER B 129 17.65 2.16 -21.39
CA SER B 129 17.81 1.16 -22.44
C SER B 129 18.13 1.84 -23.76
N GLU B 130 18.86 1.13 -24.62
CA GLU B 130 19.23 1.64 -25.94
C GLU B 130 18.30 1.05 -27.00
N ARG B 131 17.86 1.89 -27.93
CA ARG B 131 17.03 1.46 -29.05
C ARG B 131 17.69 1.93 -30.34
N ASP B 132 17.83 1.01 -31.29
CA ASP B 132 18.50 1.31 -32.55
C ASP B 132 17.70 0.82 -33.76
N LYS B 133 16.39 0.64 -33.62
CA LYS B 133 15.54 0.26 -34.74
C LYS B 133 14.14 0.80 -34.50
N ARG B 134 13.41 0.97 -35.60
CA ARG B 134 12.05 1.49 -35.56
C ARG B 134 11.19 0.73 -36.57
N PRO B 135 9.90 0.63 -36.32
CA PRO B 135 9.01 0.01 -37.32
C PRO B 135 8.84 0.91 -38.54
N GLU B 136 8.56 0.28 -39.68
CA GLU B 136 8.33 1.00 -40.91
C GLU B 136 7.31 0.26 -41.76
N GLY B 137 6.45 1.00 -42.43
CA GLY B 137 5.43 0.43 -43.29
C GLY B 137 4.05 0.61 -42.68
N TYR B 138 3.10 1.03 -43.52
CA TYR B 138 1.71 1.20 -43.12
C TYR B 138 0.81 0.65 -44.22
N ASN B 139 -0.40 0.28 -43.82
CA ASN B 139 -1.41 -0.23 -44.75
C ASN B 139 -2.42 0.84 -45.18
N LEU B 140 -2.86 1.67 -44.24
CA LEU B 140 -3.89 2.67 -44.52
C LEU B 140 -3.34 4.08 -44.69
N LYS B 141 -2.02 4.26 -44.67
CA LYS B 141 -1.42 5.58 -44.82
C LYS B 141 0.07 5.41 -45.12
N GLU B 142 0.74 6.53 -45.31
CA GLU B 142 2.18 6.56 -45.54
C GLU B 142 2.90 6.98 -44.26
N GLU B 143 4.23 6.90 -44.31
CA GLU B 143 5.04 7.35 -43.17
C GLU B 143 4.82 8.83 -42.89
N ASP B 144 4.51 9.61 -43.93
CA ASP B 144 4.25 11.04 -43.76
C ASP B 144 2.92 11.32 -43.07
N GLY B 145 2.09 10.30 -42.87
CA GLY B 145 0.77 10.49 -42.30
C GLY B 145 -0.32 10.81 -43.31
N ARG B 146 0.00 10.83 -44.60
CA ARG B 146 -0.99 11.10 -45.63
C ARG B 146 -1.84 9.86 -45.85
N TYR B 147 -3.13 9.97 -45.58
CA TYR B 147 -4.04 8.84 -45.68
C TYR B 147 -4.41 8.58 -47.14
N ARG B 148 -5.07 7.44 -47.36
CA ARG B 148 -5.54 7.05 -48.68
C ARG B 148 -6.92 6.40 -48.54
N ASP B 149 -7.61 6.29 -49.66
CA ASP B 149 -8.94 5.69 -49.66
C ASP B 149 -8.85 4.23 -49.24
N PRO B 150 -9.54 3.80 -48.18
CA PRO B 150 -9.45 2.39 -47.78
C PRO B 150 -10.01 1.43 -48.80
N THR B 151 -10.87 1.90 -49.72
CA THR B 151 -11.46 1.00 -50.70
C THR B 151 -10.40 0.37 -51.60
N THR B 152 -9.29 1.08 -51.83
CA THR B 152 -8.23 0.59 -52.70
C THR B 152 -7.22 -0.29 -51.98
N VAL B 153 -7.37 -0.48 -50.67
CA VAL B 153 -6.46 -1.32 -49.91
C VAL B 153 -6.94 -2.77 -50.04
N THR B 154 -6.15 -3.60 -50.70
CA THR B 154 -6.50 -4.99 -50.96
C THR B 154 -5.54 -5.98 -50.32
N THR B 155 -4.23 -5.76 -50.44
CA THR B 155 -3.24 -6.69 -49.92
C THR B 155 -2.66 -6.16 -48.62
N LEU B 156 -2.68 -7.00 -47.59
CA LEU B 156 -2.12 -6.62 -46.29
C LEU B 156 -0.60 -6.82 -46.30
N ARG B 157 0.09 -5.96 -45.54
CA ARG B 157 1.52 -6.09 -45.33
C ARG B 157 1.84 -5.77 -43.88
N VAL B 158 2.74 -6.56 -43.30
CA VAL B 158 3.14 -6.39 -41.90
C VAL B 158 4.32 -5.43 -41.86
N PRO B 159 4.36 -4.49 -40.91
CA PRO B 159 5.51 -3.57 -40.84
C PRO B 159 6.80 -4.33 -40.54
N VAL B 160 7.90 -3.77 -41.03
CA VAL B 160 9.22 -4.37 -40.87
C VAL B 160 10.12 -3.37 -40.16
N PHE B 161 10.87 -3.85 -39.17
CA PHE B 161 11.79 -3.00 -38.43
C PHE B 161 12.99 -2.64 -39.29
N ARG B 162 13.45 -1.40 -39.17
CA ARG B 162 14.61 -0.91 -39.90
C ARG B 162 15.59 -0.27 -38.94
N PRO B 163 16.89 -0.31 -39.26
CA PRO B 163 17.87 0.36 -38.39
C PRO B 163 17.64 1.86 -38.34
N MET B 164 17.98 2.45 -37.20
CA MET B 164 17.90 3.90 -37.02
C MET B 164 19.07 4.34 -36.15
N ASP B 165 19.26 5.65 -36.08
CA ASP B 165 20.32 6.21 -35.25
C ASP B 165 20.10 5.83 -33.79
N LEU B 166 21.19 5.45 -33.12
CA LEU B 166 21.11 5.03 -31.73
C LEU B 166 20.55 6.15 -30.86
N MET B 167 19.65 5.80 -29.96
CA MET B 167 19.12 6.72 -28.96
C MET B 167 18.98 5.99 -27.64
N VAL B 168 19.04 6.75 -26.56
CA VAL B 168 18.94 6.22 -25.20
C VAL B 168 17.67 6.75 -24.58
N GLU B 169 16.84 5.84 -24.06
CA GLU B 169 15.55 6.18 -23.47
C GLU B 169 15.53 5.77 -22.00
N ALA B 170 15.03 6.66 -21.16
CA ALA B 170 14.88 6.41 -19.74
C ALA B 170 13.42 6.54 -19.35
N SER B 171 12.88 5.51 -18.70
CA SER B 171 11.48 5.50 -18.29
C SER B 171 11.36 5.03 -16.85
N PRO B 172 10.38 5.53 -16.09
CA PRO B 172 10.19 5.09 -14.71
C PRO B 172 9.37 3.80 -14.68
N ARG B 173 9.97 2.74 -14.14
CA ARG B 173 9.31 1.43 -14.11
C ARG B 173 8.40 1.30 -12.90
N ARG B 174 8.88 1.71 -11.73
CA ARG B 174 8.12 1.56 -10.49
C ARG B 174 8.33 2.78 -9.61
N ILE B 175 7.33 3.09 -8.80
CA ILE B 175 7.36 4.22 -7.87
C ILE B 175 7.06 3.69 -6.47
N PHE B 176 7.96 3.97 -5.53
CA PHE B 176 7.78 3.61 -4.13
C PHE B 176 7.53 4.90 -3.36
N ALA B 177 6.28 5.16 -3.02
CA ALA B 177 5.86 6.42 -2.44
C ALA B 177 4.90 6.19 -1.28
N ASN B 178 4.75 7.22 -0.45
CA ASN B 178 3.80 7.28 0.66
C ASN B 178 4.19 6.42 1.85
N ALA B 179 5.45 5.98 1.92
CA ALA B 179 5.87 5.09 2.99
C ALA B 179 6.62 5.79 4.11
N HIS B 180 7.26 6.92 3.83
CA HIS B 180 8.10 7.62 4.81
C HIS B 180 7.39 8.87 5.31
N THR B 181 7.24 8.97 6.63
CA THR B 181 6.70 10.18 7.23
C THR B 181 7.73 11.31 7.25
N TYR B 182 9.01 10.97 7.35
CA TYR B 182 10.09 11.93 7.44
C TYR B 182 10.91 11.92 6.14
N HIS B 183 11.99 12.70 6.11
CA HIS B 183 12.78 12.85 4.89
C HIS B 183 13.72 11.67 4.71
N ILE B 184 13.61 10.99 3.57
CA ILE B 184 14.51 9.89 3.26
C ILE B 184 15.93 10.40 3.15
N ASN B 185 16.87 9.64 3.70
CA ASN B 185 18.28 10.01 3.66
C ASN B 185 19.18 8.92 3.07
N SER B 186 18.74 7.67 3.02
CA SER B 186 19.57 6.58 2.52
C SER B 186 18.73 5.55 1.79
N ILE B 187 19.33 4.96 0.75
CA ILE B 187 18.79 3.77 0.10
C ILE B 187 19.96 2.82 -0.17
N SER B 188 19.75 1.54 0.11
CA SER B 188 20.79 0.54 -0.06
C SER B 188 20.20 -0.77 -0.53
N ILE B 189 20.79 -1.36 -1.55
CA ILE B 189 20.29 -2.59 -2.16
C ILE B 189 20.87 -3.79 -1.42
N ASN B 190 20.01 -4.76 -1.11
CA ASN B 190 20.46 -5.99 -0.48
C ASN B 190 21.21 -6.86 -1.48
N SER B 191 22.12 -7.69 -0.96
CA SER B 191 22.91 -8.57 -1.80
C SER B 191 22.10 -9.72 -2.39
N ASP B 192 20.85 -9.90 -1.96
CA ASP B 192 20.03 -10.99 -2.47
C ASP B 192 19.40 -10.70 -3.82
N TYR B 193 19.60 -9.50 -4.37
CA TYR B 193 19.08 -9.06 -5.66
C TYR B 193 17.57 -8.82 -5.62
N GLU B 194 16.93 -8.91 -4.46
CA GLU B 194 15.48 -8.76 -4.33
C GLU B 194 15.08 -7.47 -3.63
N THR B 195 15.65 -7.19 -2.47
CA THR B 195 15.16 -6.15 -1.58
C THR B 195 16.18 -5.04 -1.41
N TYR B 196 15.69 -3.87 -1.03
CA TYR B 196 16.52 -2.73 -0.67
C TYR B 196 15.83 -2.00 0.48
N LEU B 197 16.63 -1.28 1.27
CA LEU B 197 16.10 -0.53 2.39
C LEU B 197 16.11 0.97 2.10
N SER B 198 15.18 1.68 2.74
CA SER B 198 15.15 3.14 2.70
C SER B 198 14.99 3.63 4.14
N ALA B 199 15.87 4.55 4.56
CA ALA B 199 15.91 5.01 5.93
C ALA B 199 15.60 6.51 5.96
N ASP B 200 14.54 6.88 6.68
CA ASP B 200 14.24 8.27 6.96
C ASP B 200 14.81 8.61 8.34
N ASP B 201 14.43 9.77 8.89
CA ASP B 201 15.05 10.25 10.12
C ASP B 201 14.86 9.27 11.27
N LEU B 202 13.73 8.56 11.30
CA LEU B 202 13.38 7.70 12.44
C LEU B 202 12.99 6.29 12.07
N ARG B 203 12.69 5.99 10.81
CA ARG B 203 12.22 4.66 10.40
C ARG B 203 13.10 4.14 9.28
N ILE B 204 13.29 2.82 9.25
CA ILE B 204 13.93 2.12 8.15
C ILE B 204 12.91 1.14 7.60
N ASN B 205 12.65 1.23 6.29
CA ASN B 205 11.67 0.38 5.61
C ASN B 205 12.38 -0.54 4.64
N LEU B 206 11.91 -1.78 4.58
CA LEU B 206 12.45 -2.79 3.67
C LEU B 206 11.50 -2.96 2.50
N TRP B 207 12.02 -2.84 1.29
CA TRP B 207 11.24 -2.90 0.07
C TRP B 207 11.62 -4.14 -0.74
N HIS B 208 10.66 -4.60 -1.55
CA HIS B 208 10.92 -5.58 -2.59
C HIS B 208 10.94 -4.85 -3.92
N LEU B 209 12.00 -5.08 -4.72
CA LEU B 209 12.22 -4.28 -5.92
C LEU B 209 11.05 -4.36 -6.89
N GLU B 210 10.23 -5.41 -6.80
CA GLU B 210 9.10 -5.60 -7.71
C GLU B 210 7.75 -5.41 -7.04
N ILE B 211 7.71 -4.87 -5.83
CA ILE B 211 6.46 -4.63 -5.11
C ILE B 211 6.47 -3.20 -4.60
N THR B 212 5.46 -2.42 -4.98
CA THR B 212 5.37 -1.02 -4.60
C THR B 212 4.23 -0.71 -3.63
N ASP B 213 3.24 -1.59 -3.52
CA ASP B 213 2.05 -1.29 -2.73
C ASP B 213 2.22 -1.50 -1.24
N ARG B 214 3.32 -2.11 -0.80
CA ARG B 214 3.53 -2.36 0.62
C ARG B 214 5.02 -2.44 0.91
N SER B 215 5.37 -2.22 2.17
CA SER B 215 6.75 -2.29 2.62
C SER B 215 6.77 -2.77 4.06
N PHE B 216 7.96 -3.21 4.49
CA PHE B 216 8.15 -3.75 5.83
C PHE B 216 9.00 -2.78 6.64
N ASN B 217 8.44 -2.28 7.74
CA ASN B 217 9.15 -1.36 8.63
C ASN B 217 9.92 -2.19 9.66
N ILE B 218 11.24 -2.28 9.48
CA ILE B 218 12.06 -3.14 10.33
C ILE B 218 12.55 -2.40 11.57
N VAL B 219 12.94 -1.14 11.42
CA VAL B 219 13.49 -0.34 12.51
C VAL B 219 12.61 0.88 12.73
N ASP B 220 12.28 1.16 13.98
CA ASP B 220 11.47 2.33 14.32
C ASP B 220 11.92 2.82 15.70
N ILE B 221 12.73 3.89 15.71
CA ILE B 221 13.23 4.46 16.95
C ILE B 221 12.41 5.65 17.42
N LYS B 222 11.28 5.92 16.81
CA LYS B 222 10.47 7.08 17.16
C LYS B 222 9.98 6.96 18.61
N PRO B 223 10.26 7.93 19.46
CA PRO B 223 9.75 7.86 20.84
C PRO B 223 8.26 8.13 20.90
N ALA B 224 7.64 7.66 21.99
CA ALA B 224 6.22 7.89 22.19
C ALA B 224 5.92 9.39 22.26
N ASN B 225 6.73 10.13 22.99
CA ASN B 225 6.61 11.59 23.09
C ASN B 225 7.78 12.21 22.35
N MET B 226 7.47 12.98 21.30
CA MET B 226 8.51 13.61 20.50
C MET B 226 9.31 14.63 21.30
N GLU B 227 8.76 15.14 22.41
CA GLU B 227 9.50 16.04 23.27
C GLU B 227 10.74 15.38 23.86
N GLU B 228 10.74 14.06 23.96
CA GLU B 228 11.87 13.30 24.49
C GLU B 228 12.83 12.84 23.40
N LEU B 229 12.57 13.24 22.15
CA LEU B 229 13.41 12.80 21.04
C LEU B 229 14.87 13.19 21.27
N THR B 230 15.77 12.23 21.06
CA THR B 230 17.18 12.42 21.33
C THR B 230 18.10 11.92 20.22
N GLU B 231 17.64 11.02 19.35
CA GLU B 231 18.45 10.48 18.26
C GLU B 231 17.65 10.45 16.98
N VAL B 232 18.34 10.64 15.86
CA VAL B 232 17.75 10.53 14.53
C VAL B 232 18.71 9.73 13.65
N ILE B 233 18.15 8.89 12.79
CA ILE B 233 18.96 8.10 11.88
C ILE B 233 19.54 9.01 10.81
N THR B 234 20.86 8.95 10.64
CA THR B 234 21.57 9.76 9.66
C THR B 234 21.88 9.00 8.38
N ALA B 235 22.24 7.73 8.48
CA ALA B 235 22.56 6.93 7.31
C ALA B 235 22.31 5.46 7.63
N ALA B 236 22.14 4.66 6.57
CA ALA B 236 21.98 3.23 6.70
C ALA B 236 22.46 2.56 5.43
N GLU B 237 23.00 1.35 5.57
CA GLU B 237 23.58 0.64 4.43
C GLU B 237 23.53 -0.86 4.67
N PHE B 238 23.36 -1.62 3.60
CA PHE B 238 23.42 -3.07 3.66
C PHE B 238 24.84 -3.57 3.52
N HIS B 239 25.15 -4.68 4.17
CA HIS B 239 26.46 -5.28 4.03
C HIS B 239 26.66 -5.74 2.58
N PRO B 240 27.83 -5.50 1.99
CA PRO B 240 27.99 -5.83 0.57
C PRO B 240 27.78 -7.30 0.25
N ASN B 241 28.17 -8.21 1.15
CA ASN B 241 28.06 -9.64 0.90
C ASN B 241 26.94 -10.28 1.71
N SER B 242 26.95 -10.12 3.04
CA SER B 242 25.93 -10.73 3.88
C SER B 242 24.56 -10.12 3.59
N CYS B 243 23.57 -10.98 3.37
CA CYS B 243 22.22 -10.52 3.07
C CYS B 243 21.44 -10.10 4.31
N ASN B 244 21.88 -10.50 5.51
CA ASN B 244 21.12 -10.25 6.72
C ASN B 244 21.74 -9.19 7.61
N THR B 245 22.81 -8.53 7.17
CA THR B 245 23.53 -7.55 7.98
C THR B 245 23.37 -6.15 7.37
N PHE B 246 23.00 -5.19 8.21
CA PHE B 246 22.99 -3.78 7.83
C PHE B 246 23.27 -2.94 9.05
N VAL B 247 23.79 -1.75 8.82
CA VAL B 247 24.15 -0.81 9.89
C VAL B 247 23.44 0.51 9.64
N TYR B 248 23.24 1.27 10.71
CA TYR B 248 22.70 2.62 10.61
C TYR B 248 23.28 3.47 11.72
N SER B 249 23.72 4.68 11.36
CA SER B 249 24.31 5.61 12.30
C SER B 249 23.26 6.59 12.82
N SER B 250 23.58 7.20 13.95
CA SER B 250 22.68 8.13 14.61
C SER B 250 23.38 9.47 14.80
N SER B 251 22.58 10.50 15.11
CA SER B 251 23.13 11.83 15.31
C SER B 251 24.06 11.88 16.51
N LYS B 252 23.96 10.91 17.42
CA LYS B 252 24.84 10.87 18.59
C LYS B 252 26.21 10.30 18.28
N GLY B 253 26.44 9.81 17.06
CA GLY B 253 27.73 9.29 16.69
C GLY B 253 27.95 7.82 16.95
N THR B 254 26.88 7.04 17.11
CA THR B 254 26.97 5.61 17.33
C THR B 254 26.40 4.86 16.13
N ILE B 255 26.98 3.71 15.83
CA ILE B 255 26.55 2.87 14.73
C ILE B 255 26.03 1.56 15.30
N ARG B 256 24.79 1.21 14.95
CA ARG B 256 24.17 -0.02 15.39
C ARG B 256 24.15 -1.01 14.23
N LEU B 257 24.67 -2.21 14.46
CA LEU B 257 24.70 -3.26 13.45
C LEU B 257 23.59 -4.26 13.78
N CYS B 258 22.72 -4.51 12.81
CA CYS B 258 21.56 -5.37 13.00
C CYS B 258 21.73 -6.67 12.24
N ASP B 259 21.14 -7.73 12.78
CA ASP B 259 21.14 -9.06 12.17
C ASP B 259 19.69 -9.45 11.90
N MET B 260 19.30 -9.48 10.63
CA MET B 260 17.93 -9.83 10.28
C MET B 260 17.60 -11.28 10.60
N ARG B 261 18.61 -12.14 10.72
CA ARG B 261 18.36 -13.54 11.04
C ARG B 261 17.78 -13.68 12.45
N ALA B 262 18.23 -12.86 13.40
CA ALA B 262 17.81 -13.00 14.78
C ALA B 262 16.29 -12.92 14.92
N SER B 263 15.68 -11.90 14.31
CA SER B 263 14.24 -11.75 14.39
C SER B 263 13.76 -10.92 13.21
N ALA B 264 12.45 -10.98 12.96
CA ALA B 264 11.87 -10.22 11.85
C ALA B 264 12.07 -8.73 12.04
N LEU B 265 11.83 -8.23 13.25
CA LEU B 265 12.02 -6.81 13.56
C LEU B 265 13.42 -6.61 14.14
N CYS B 266 14.14 -5.63 13.58
CA CYS B 266 15.52 -5.37 13.95
C CYS B 266 15.66 -4.27 14.99
N ASP B 267 14.67 -4.15 15.89
CA ASP B 267 14.77 -3.15 16.95
C ASP B 267 15.93 -3.43 17.90
N ARG B 268 16.22 -4.70 18.15
CA ARG B 268 17.31 -5.09 19.04
C ARG B 268 18.58 -5.28 18.23
N HIS B 269 19.51 -4.32 18.34
CA HIS B 269 20.75 -4.38 17.58
C HIS B 269 21.65 -5.49 18.12
N SER B 270 22.43 -6.07 17.21
CA SER B 270 23.37 -7.12 17.60
C SER B 270 24.67 -6.52 18.13
N LYS B 271 25.16 -5.45 17.52
CA LYS B 271 26.38 -4.78 17.96
C LYS B 271 26.16 -3.28 18.00
N LEU B 272 26.91 -2.61 18.87
CA LEU B 272 26.87 -1.16 19.01
C LEU B 272 28.30 -0.64 18.98
N PHE B 273 28.58 0.26 18.05
CA PHE B 273 29.91 0.85 17.90
C PHE B 273 29.89 2.28 18.41
N GLU B 274 30.75 2.57 19.38
CA GLU B 274 30.84 3.93 19.92
C GLU B 274 32.10 4.05 20.75
N GLU B 275 32.73 5.22 20.66
CA GLU B 275 33.88 5.52 21.50
C GLU B 275 33.43 6.01 22.87
N PRO B 276 34.28 5.88 23.90
CA PRO B 276 33.91 6.35 25.24
C PRO B 276 33.53 7.83 25.25
N SER B 280 38.66 16.27 26.90
CA SER B 280 39.54 17.33 26.41
C SER B 280 38.92 18.08 25.25
N ASN B 281 37.85 17.51 24.67
CA ASN B 281 37.12 18.14 23.57
C ASN B 281 35.63 18.27 23.89
N ARG B 282 35.26 18.36 25.17
CA ARG B 282 33.86 18.46 25.55
C ARG B 282 33.37 19.88 25.41
N SER B 283 33.46 20.43 24.20
CA SER B 283 33.05 21.80 23.94
C SER B 283 31.54 21.86 23.69
N PHE B 284 31.04 23.08 23.56
CA PHE B 284 29.61 23.28 23.30
C PHE B 284 29.17 22.61 22.01
N PHE B 285 30.06 22.55 21.02
CA PHE B 285 29.73 21.97 19.72
C PHE B 285 30.00 20.47 19.65
N SER B 286 30.50 19.87 20.73
CA SER B 286 30.83 18.44 20.69
C SER B 286 29.65 17.62 20.22
N GLU B 287 28.44 17.97 20.67
CA GLU B 287 27.25 17.22 20.26
C GLU B 287 27.02 17.34 18.76
N ILE B 288 27.18 18.54 18.20
CA ILE B 288 26.91 18.75 16.78
C ILE B 288 27.94 18.02 15.93
N ILE B 289 29.22 18.20 16.23
CA ILE B 289 30.28 17.65 15.39
C ILE B 289 30.34 16.13 15.45
N SER B 290 29.79 15.52 16.49
CA SER B 290 29.86 14.07 16.64
C SER B 290 28.89 13.33 15.72
N SER B 291 27.90 14.01 15.17
CA SER B 291 26.92 13.36 14.32
C SER B 291 27.59 12.74 13.10
N ILE B 292 27.24 11.49 12.82
CA ILE B 292 27.78 10.78 11.67
C ILE B 292 26.94 11.11 10.44
N SER B 293 27.59 11.63 9.40
CA SER B 293 26.89 12.02 8.18
C SER B 293 26.85 10.93 7.13
N ASP B 294 27.87 10.06 7.10
CA ASP B 294 27.93 8.99 6.11
C ASP B 294 28.60 7.78 6.72
N VAL B 295 28.13 6.59 6.35
CA VAL B 295 28.72 5.33 6.76
C VAL B 295 28.86 4.45 5.53
N LYS B 296 30.04 3.87 5.33
CA LYS B 296 30.33 3.06 4.16
C LYS B 296 31.00 1.75 4.57
N PHE B 297 30.46 0.64 4.08
CA PHE B 297 31.15 -0.64 4.18
C PHE B 297 32.29 -0.71 3.19
N SER B 298 33.38 -1.35 3.58
CA SER B 298 34.46 -1.62 2.65
C SER B 298 34.03 -2.68 1.65
N HIS B 299 34.69 -2.70 0.49
CA HIS B 299 34.36 -3.68 -0.54
C HIS B 299 34.53 -5.10 0.00
N SER B 300 35.63 -5.35 0.72
CA SER B 300 35.82 -6.65 1.35
C SER B 300 34.76 -6.93 2.41
N GLY B 301 34.22 -5.88 3.02
CA GLY B 301 33.20 -6.02 4.04
C GLY B 301 33.72 -6.26 5.43
N ARG B 302 35.03 -6.38 5.61
CA ARG B 302 35.58 -6.58 6.94
C ARG B 302 35.68 -5.29 7.74
N TYR B 303 35.75 -4.14 7.06
CA TYR B 303 35.90 -2.85 7.71
C TYR B 303 34.72 -1.95 7.39
N MET B 304 34.49 -0.97 8.26
CA MET B 304 33.43 0.01 8.11
C MET B 304 34.00 1.39 8.35
N MET B 305 33.57 2.36 7.55
CA MET B 305 34.04 3.73 7.65
C MET B 305 32.86 4.66 7.92
N THR B 306 33.08 5.64 8.80
CA THR B 306 32.08 6.65 9.13
C THR B 306 32.74 8.02 9.05
N ARG B 307 31.99 8.99 8.53
CA ARG B 307 32.45 10.36 8.42
C ARG B 307 31.62 11.24 9.33
N ASP B 308 32.26 11.88 10.29
CA ASP B 308 31.67 12.95 11.06
C ASP B 308 32.26 14.28 10.57
N TYR B 309 31.92 15.36 11.25
CA TYR B 309 32.28 16.68 10.72
C TYR B 309 33.78 16.84 10.60
N LEU B 310 34.54 16.37 11.59
CA LEU B 310 35.97 16.66 11.64
C LEU B 310 36.87 15.47 11.31
N SER B 311 36.38 14.23 11.41
CA SER B 311 37.26 13.07 11.31
C SER B 311 36.61 11.96 10.52
N VAL B 312 37.45 11.06 10.02
CA VAL B 312 37.03 9.81 9.41
C VAL B 312 37.51 8.67 10.29
N LYS B 313 36.58 7.82 10.73
CA LYS B 313 36.88 6.69 11.61
C LYS B 313 36.59 5.40 10.88
N ILE B 314 37.53 4.46 10.93
CA ILE B 314 37.39 3.15 10.29
C ILE B 314 37.24 2.11 11.39
N TRP B 315 36.15 1.35 11.34
CA TRP B 315 35.79 0.41 12.38
C TRP B 315 35.97 -1.02 11.88
N ASP B 316 36.71 -1.82 12.65
CA ASP B 316 36.70 -3.26 12.44
C ASP B 316 35.43 -3.82 13.04
N LEU B 317 34.69 -4.61 12.26
CA LEU B 317 33.39 -5.09 12.71
C LEU B 317 33.49 -6.01 13.92
N ASN B 318 34.69 -6.47 14.27
CA ASN B 318 34.90 -7.30 15.44
C ASN B 318 35.36 -6.50 16.66
N MET B 319 35.45 -5.17 16.56
CA MET B 319 35.89 -4.31 17.67
C MET B 319 34.85 -3.20 17.86
N GLU B 320 33.96 -3.38 18.84
CA GLU B 320 32.90 -2.41 19.09
C GLU B 320 33.41 -1.19 19.85
N ASN B 321 34.42 -1.35 20.70
CA ASN B 321 34.75 -0.33 21.68
C ASN B 321 35.42 0.89 21.08
N ARG B 322 36.18 0.74 19.99
CA ARG B 322 36.89 1.86 19.40
C ARG B 322 37.20 1.53 17.95
N PRO B 323 37.41 2.54 17.11
CA PRO B 323 37.84 2.28 15.74
C PRO B 323 39.30 1.85 15.70
N VAL B 324 39.66 1.18 14.60
CA VAL B 324 41.04 0.76 14.43
C VAL B 324 41.89 1.87 13.84
N GLU B 325 41.28 2.78 13.07
CA GLU B 325 42.00 3.88 12.45
C GLU B 325 41.15 5.13 12.49
N THR B 326 41.78 6.27 12.78
CA THR B 326 41.10 7.56 12.80
C THR B 326 41.95 8.57 12.07
N TYR B 327 41.31 9.37 11.20
CA TYR B 327 41.99 10.37 10.39
C TYR B 327 41.26 11.70 10.54
N GLN B 328 42.03 12.78 10.61
CA GLN B 328 41.48 14.12 10.77
C GLN B 328 41.35 14.77 9.40
N VAL B 329 40.13 15.14 9.03
CA VAL B 329 39.91 15.75 7.72
C VAL B 329 40.47 17.17 7.69
N HIS B 330 40.19 17.95 8.73
CA HIS B 330 40.65 19.34 8.77
C HIS B 330 40.69 19.78 10.24
N GLU B 331 41.88 19.74 10.83
CA GLU B 331 42.03 20.11 12.23
C GLU B 331 41.98 21.63 12.41
N TYR B 332 42.43 22.38 11.41
CA TYR B 332 42.45 23.83 11.53
C TYR B 332 41.07 24.41 11.78
N LEU B 333 40.01 23.68 11.40
CA LEU B 333 38.65 24.16 11.63
C LEU B 333 38.17 23.90 13.06
N ARG B 334 38.90 23.11 13.85
CA ARG B 334 38.45 22.81 15.20
C ARG B 334 38.36 24.06 16.06
N SER B 335 39.27 25.02 15.84
CA SER B 335 39.25 26.26 16.62
C SER B 335 38.26 27.29 16.08
N LYS B 336 37.76 27.09 14.86
CA LYS B 336 36.84 28.02 14.22
C LYS B 336 35.39 27.55 14.25
N LEU B 337 35.06 26.56 15.10
CA LEU B 337 33.71 26.04 15.14
C LEU B 337 32.69 27.15 15.41
N CYS B 338 33.06 28.13 16.23
CA CYS B 338 32.14 29.21 16.55
C CYS B 338 31.70 29.94 15.29
N SER B 339 32.66 30.29 14.42
CA SER B 339 32.32 30.95 13.17
C SER B 339 31.47 30.06 12.28
N LEU B 340 31.83 28.78 12.20
CA LEU B 340 31.07 27.84 11.36
C LEU B 340 29.64 27.71 11.83
N TYR B 341 29.43 27.67 13.15
CA TYR B 341 28.07 27.57 13.67
C TYR B 341 27.23 28.77 13.25
N GLU B 342 27.82 29.96 13.27
CA GLU B 342 27.07 31.17 12.95
C GLU B 342 26.58 31.17 11.50
N ASN B 343 27.38 30.67 10.57
CA ASN B 343 27.03 30.67 9.16
C ASN B 343 26.44 29.34 8.69
N ASP B 344 26.13 28.43 9.63
CA ASP B 344 25.45 27.17 9.39
C ASP B 344 26.32 26.15 8.66
N CYS B 345 27.57 26.47 8.36
CA CYS B 345 28.44 25.51 7.69
C CYS B 345 28.71 24.28 8.55
N ILE B 346 28.57 24.41 9.86
CA ILE B 346 28.88 23.30 10.76
C ILE B 346 27.94 22.12 10.56
N PHE B 347 26.79 22.33 9.91
CA PHE B 347 25.82 21.26 9.71
C PHE B 347 25.99 20.54 8.37
N ASP B 348 27.02 20.87 7.59
CA ASP B 348 27.24 20.20 6.32
C ASP B 348 27.43 18.71 6.51
N LYS B 349 26.86 17.92 5.60
CA LYS B 349 26.94 16.46 5.64
C LYS B 349 27.90 15.98 4.57
N PHE B 350 29.18 15.88 4.95
CA PHE B 350 30.18 15.36 4.03
C PHE B 350 30.07 13.85 3.89
N GLU B 351 30.57 13.35 2.76
CA GLU B 351 30.54 11.92 2.46
C GLU B 351 31.95 11.37 2.39
N CYS B 352 32.03 10.04 2.29
CA CYS B 352 33.31 9.33 2.18
C CYS B 352 33.11 8.10 1.31
N CYS B 353 34.22 7.61 0.76
CA CYS B 353 34.16 6.46 -0.13
C CYS B 353 35.50 5.74 -0.13
N TRP B 354 35.45 4.41 -0.21
CA TRP B 354 36.62 3.57 -0.34
C TRP B 354 37.08 3.50 -1.78
N ASN B 355 38.33 3.07 -1.98
CA ASN B 355 38.79 2.70 -3.29
C ASN B 355 38.53 1.22 -3.55
N GLY B 356 38.84 0.77 -4.76
CA GLY B 356 38.54 -0.60 -5.13
C GLY B 356 39.18 -1.62 -4.21
N SER B 357 40.43 -1.38 -3.82
CA SER B 357 41.16 -2.31 -2.97
C SER B 357 40.99 -2.03 -1.48
N ASP B 358 40.23 -1.00 -1.11
CA ASP B 358 40.00 -0.59 0.28
C ASP B 358 41.25 -0.04 0.94
N SER B 359 42.29 0.27 0.17
CA SER B 359 43.53 0.76 0.73
C SER B 359 43.54 2.27 0.93
N VAL B 360 42.71 2.99 0.19
CA VAL B 360 42.65 4.45 0.26
C VAL B 360 41.19 4.86 0.40
N VAL B 361 40.93 5.85 1.26
CA VAL B 361 39.60 6.41 1.47
C VAL B 361 39.65 7.89 1.14
N MET B 362 38.60 8.39 0.50
CA MET B 362 38.52 9.76 0.04
C MET B 362 37.34 10.46 0.70
N THR B 363 37.54 11.71 1.09
CA THR B 363 36.47 12.52 1.66
C THR B 363 36.72 13.98 1.29
N GLY B 364 35.65 14.76 1.26
CA GLY B 364 35.73 16.14 0.86
C GLY B 364 36.06 17.10 2.00
N SER B 365 36.19 18.38 1.64
CA SER B 365 36.48 19.44 2.60
C SER B 365 36.02 20.76 1.99
N TYR B 366 36.39 21.86 2.64
CA TYR B 366 36.01 23.19 2.18
C TYR B 366 37.06 23.75 1.22
N ASN B 367 36.69 24.83 0.54
CA ASN B 367 37.56 25.50 -0.43
C ASN B 367 37.91 24.58 -1.60
N ASN B 368 36.98 23.70 -1.97
CA ASN B 368 37.17 22.75 -3.06
C ASN B 368 38.34 21.81 -2.81
N PHE B 369 38.64 21.57 -1.54
CA PHE B 369 39.67 20.58 -1.16
C PHE B 369 39.01 19.24 -0.87
N PHE B 370 39.64 18.17 -1.35
CA PHE B 370 39.24 16.82 -1.01
C PHE B 370 40.48 16.05 -0.56
N ARG B 371 40.28 15.17 0.41
CA ARG B 371 41.38 14.54 1.16
C ARG B 371 41.47 13.06 0.81
N MET B 372 42.70 12.59 0.62
CA MET B 372 43.00 11.19 0.38
C MET B 372 43.81 10.65 1.55
N PHE B 373 43.36 9.56 2.14
CA PHE B 373 44.05 8.92 3.26
C PHE B 373 44.46 7.52 2.84
N ASP B 374 45.77 7.26 2.81
CA ASP B 374 46.29 5.94 2.49
C ASP B 374 46.50 5.16 3.78
N ARG B 375 45.79 4.03 3.91
CA ARG B 375 45.84 3.25 5.14
C ARG B 375 47.17 2.55 5.31
N ASN B 376 47.74 2.02 4.23
CA ASN B 376 48.98 1.28 4.33
C ASN B 376 50.12 2.17 4.80
N THR B 377 50.27 3.34 4.19
CA THR B 377 51.37 4.24 4.51
C THR B 377 50.99 5.33 5.50
N LYS B 378 49.70 5.50 5.80
CA LYS B 378 49.22 6.55 6.70
C LYS B 378 49.63 7.93 6.20
N ARG B 379 49.69 8.10 4.88
CA ARG B 379 50.03 9.37 4.27
C ARG B 379 48.78 10.11 3.87
N ASP B 380 48.86 11.44 3.90
CA ASP B 380 47.74 12.32 3.57
C ASP B 380 48.15 13.29 2.48
N ILE B 381 47.21 13.60 1.59
CA ILE B 381 47.41 14.60 0.54
C ILE B 381 46.12 15.39 0.38
N THR B 382 46.27 16.70 0.19
CA THR B 382 45.14 17.60 -0.03
C THR B 382 45.19 18.08 -1.48
N LEU B 383 44.10 17.89 -2.21
CA LEU B 383 44.01 18.25 -3.61
C LEU B 383 42.84 19.20 -3.83
N GLU B 384 43.00 20.09 -4.80
CA GLU B 384 42.02 21.12 -5.11
C GLU B 384 41.41 20.87 -6.48
N ALA B 385 40.08 20.87 -6.55
CA ALA B 385 39.36 20.74 -7.81
C ALA B 385 39.01 22.15 -8.30
N SER B 386 39.90 22.72 -9.11
CA SER B 386 39.74 24.08 -9.60
C SER B 386 39.98 24.11 -11.09
N ARG B 387 39.29 25.03 -11.77
CA ARG B 387 39.46 25.20 -13.21
C ARG B 387 40.81 25.82 -13.57
N GLU B 388 41.53 26.37 -12.59
CA GLU B 388 42.84 26.96 -12.89
C GLU B 388 43.77 25.95 -13.53
N ASN B 389 43.62 24.67 -13.19
CA ASN B 389 44.40 23.58 -13.77
C ASN B 389 43.63 22.87 -14.89
N ASN B 390 42.79 23.59 -15.62
CA ASN B 390 41.96 22.98 -16.64
C ASN B 390 42.79 22.64 -17.87
N LYS B 391 43.69 21.66 -17.73
CA LYS B 391 44.46 21.14 -18.85
C LYS B 391 44.58 19.63 -18.70
N PRO B 392 44.20 18.85 -19.71
CA PRO B 392 44.20 17.39 -19.54
C PRO B 392 45.58 16.85 -19.17
N ARG B 393 45.57 15.78 -18.40
CA ARG B 393 46.78 15.09 -17.96
C ARG B 393 47.79 16.08 -17.35
N THR B 394 47.29 16.98 -16.51
CA THR B 394 48.11 17.89 -15.73
C THR B 394 48.06 17.48 -14.27
N VAL B 395 49.24 17.30 -13.66
CA VAL B 395 49.31 16.77 -12.30
C VAL B 395 48.75 17.79 -11.32
N LEU B 396 47.97 17.30 -10.36
CA LEU B 396 47.45 18.15 -9.30
C LEU B 396 48.52 18.35 -8.23
N LYS B 397 48.79 19.61 -7.90
CA LYS B 397 49.78 19.92 -6.87
C LYS B 397 49.17 19.78 -5.49
N PRO B 398 49.76 18.99 -4.58
CA PRO B 398 49.20 18.90 -3.23
C PRO B 398 49.13 20.26 -2.56
N ARG B 399 48.06 20.47 -1.81
CA ARG B 399 47.83 21.72 -1.11
C ARG B 399 48.22 21.59 0.37
N LYS B 400 48.56 22.73 0.96
CA LYS B 400 48.89 22.82 2.37
C LYS B 400 48.14 23.99 2.98
N VAL B 401 47.59 23.79 4.17
CA VAL B 401 46.85 24.80 4.90
C VAL B 401 47.63 25.14 6.17
N CYS B 402 47.88 26.43 6.38
CA CYS B 402 48.61 26.91 7.54
C CYS B 402 47.80 27.99 8.25
N ALA B 403 47.87 27.99 9.57
CA ALA B 403 47.15 28.97 10.38
C ALA B 403 47.98 30.24 10.55
N ARG B 407 52.74 31.88 7.10
CA ARG B 407 52.37 31.26 5.84
C ARG B 407 53.58 31.16 4.92
N LYS B 408 54.13 29.96 4.79
CA LYS B 408 55.30 29.73 3.97
C LYS B 408 54.90 29.76 2.49
N LYS B 409 55.88 29.49 1.62
CA LYS B 409 55.63 29.53 0.19
C LYS B 409 54.59 28.50 -0.20
N ASP B 410 53.62 28.93 -1.03
CA ASP B 410 52.58 28.10 -1.62
C ASP B 410 51.53 27.64 -0.60
N GLU B 411 51.69 27.97 0.68
CA GLU B 411 50.70 27.60 1.68
C GLU B 411 49.48 28.53 1.58
N ILE B 412 48.33 28.01 1.99
CA ILE B 412 47.07 28.72 1.94
C ILE B 412 46.63 29.02 3.37
N SER B 413 46.40 30.31 3.65
CA SER B 413 45.98 30.71 4.99
C SER B 413 44.58 30.19 5.29
N VAL B 414 44.36 29.85 6.55
CA VAL B 414 43.04 29.35 6.97
C VAL B 414 41.98 30.42 6.76
N ASP B 415 42.30 31.67 7.11
CA ASP B 415 41.34 32.75 6.98
C ASP B 415 40.93 33.02 5.54
N SER B 416 41.70 32.54 4.57
CA SER B 416 41.39 32.75 3.17
C SER B 416 40.49 31.67 2.58
N LEU B 417 40.17 30.63 3.35
CA LEU B 417 39.34 29.55 2.83
C LEU B 417 37.92 30.03 2.59
N ASP B 418 37.35 29.61 1.45
CA ASP B 418 35.97 29.93 1.10
C ASP B 418 35.10 28.75 1.50
N PHE B 419 34.28 28.94 2.53
CA PHE B 419 33.44 27.86 3.03
C PHE B 419 32.21 27.63 2.15
N ASN B 420 31.90 28.53 1.21
CA ASN B 420 30.82 28.27 0.28
C ASN B 420 31.19 27.16 -0.70
N LYS B 421 32.47 27.02 -1.02
CA LYS B 421 32.95 25.97 -1.91
C LYS B 421 33.13 24.69 -1.11
N LYS B 422 32.11 23.84 -1.17
CA LYS B 422 32.09 22.59 -0.42
C LYS B 422 32.09 21.41 -1.38
N ILE B 423 32.95 20.43 -1.12
CA ILE B 423 32.93 19.17 -1.86
C ILE B 423 32.25 18.14 -0.98
N LEU B 424 30.93 18.01 -1.13
CA LEU B 424 30.16 17.10 -0.28
C LEU B 424 30.10 15.70 -0.87
N HIS B 425 29.99 15.60 -2.19
CA HIS B 425 29.72 14.33 -2.86
C HIS B 425 30.93 13.96 -3.72
N THR B 426 31.43 12.74 -3.54
CA THR B 426 32.54 12.22 -4.32
C THR B 426 32.31 10.73 -4.56
N ALA B 427 32.96 10.21 -5.60
CA ALA B 427 32.83 8.80 -5.96
C ALA B 427 34.16 8.30 -6.50
N TRP B 428 34.39 7.00 -6.32
CA TRP B 428 35.61 6.34 -6.76
C TRP B 428 35.24 5.21 -7.71
N HIS B 429 35.96 5.10 -8.82
CA HIS B 429 35.71 4.03 -9.77
C HIS B 429 35.89 2.68 -9.09
N PRO B 430 34.98 1.73 -9.30
CA PRO B 430 35.07 0.46 -8.54
C PRO B 430 36.36 -0.31 -8.79
N LYS B 431 37.01 -0.12 -9.92
CA LYS B 431 38.20 -0.90 -10.26
C LYS B 431 39.41 -0.04 -10.60
N GLU B 432 39.22 1.09 -11.27
CA GLU B 432 40.31 1.92 -11.74
C GLU B 432 40.56 3.08 -10.78
N ASN B 433 41.66 3.78 -11.02
CA ASN B 433 41.99 4.99 -10.25
C ASN B 433 41.38 6.21 -10.91
N ILE B 434 40.05 6.20 -10.99
CA ILE B 434 39.26 7.30 -11.53
C ILE B 434 38.28 7.74 -10.44
N ILE B 435 38.26 9.03 -10.15
CA ILE B 435 37.42 9.59 -9.10
C ILE B 435 36.59 10.72 -9.67
N ALA B 436 35.31 10.75 -9.31
CA ALA B 436 34.41 11.84 -9.65
C ALA B 436 34.24 12.73 -8.43
N VAL B 437 34.55 14.01 -8.58
CA VAL B 437 34.46 14.99 -7.50
C VAL B 437 33.49 16.07 -7.94
N ALA B 438 32.46 16.31 -7.12
CA ALA B 438 31.40 17.25 -7.46
C ALA B 438 31.53 18.49 -6.61
N THR B 439 31.79 19.63 -7.25
CA THR B 439 31.71 20.92 -6.60
C THR B 439 30.25 21.36 -6.58
N THR B 440 29.98 22.63 -6.25
CA THR B 440 28.61 23.10 -6.23
C THR B 440 27.96 22.95 -7.60
N ASN B 441 28.61 23.45 -8.65
CA ASN B 441 28.02 23.51 -9.98
C ASN B 441 28.81 22.75 -11.03
N ASN B 442 29.96 22.16 -10.69
CA ASN B 442 30.80 21.49 -11.65
C ASN B 442 31.17 20.10 -11.16
N LEU B 443 31.25 19.15 -12.10
CA LEU B 443 31.68 17.79 -11.81
C LEU B 443 33.08 17.58 -12.37
N TYR B 444 34.02 17.20 -11.50
CA TYR B 444 35.41 16.98 -11.89
C TYR B 444 35.70 15.50 -11.91
N ILE B 445 36.40 15.05 -12.95
CA ILE B 445 36.87 13.67 -13.06
C ILE B 445 38.39 13.71 -13.12
N PHE B 446 39.03 12.92 -12.26
CA PHE B 446 40.48 12.85 -12.19
C PHE B 446 40.94 11.42 -12.43
N GLN B 447 42.11 11.27 -13.06
CA GLN B 447 42.65 9.97 -13.40
C GLN B 447 44.09 9.88 -12.94
N ASP B 448 44.53 8.66 -12.64
CA ASP B 448 45.92 8.43 -12.28
C ASP B 448 46.84 8.69 -13.46
N LYS B 449 47.99 9.29 -13.19
CA LYS B 449 48.95 9.57 -14.25
C LYS B 449 49.42 8.27 -14.89
N VAL B 450 49.26 8.18 -16.21
CA VAL B 450 49.68 7.00 -16.96
C VAL B 450 50.46 7.43 -18.18
N ASP C 4 -38.89 11.66 -20.53
CA ASP C 4 -39.65 11.64 -19.25
C ASP C 4 -38.68 11.64 -18.05
N GLU C 5 -39.21 11.90 -16.86
CA GLU C 5 -38.37 11.90 -15.67
C GLU C 5 -38.02 10.48 -15.23
N LYS C 6 -38.86 9.50 -15.58
CA LYS C 6 -38.63 8.13 -15.13
C LYS C 6 -37.31 7.57 -15.68
N VAL C 7 -37.05 7.80 -16.97
CA VAL C 7 -35.83 7.25 -17.58
C VAL C 7 -34.60 7.85 -16.91
N PHE C 8 -34.60 9.15 -16.67
CA PHE C 8 -33.46 9.78 -16.01
C PHE C 8 -33.31 9.29 -14.58
N THR C 9 -34.43 9.10 -13.87
CA THR C 9 -34.36 8.64 -12.49
C THR C 9 -33.65 7.30 -12.40
N LYS C 10 -33.99 6.36 -13.29
CA LYS C 10 -33.28 5.09 -13.31
C LYS C 10 -31.81 5.28 -13.65
N GLU C 11 -31.51 6.17 -14.61
CA GLU C 11 -30.12 6.47 -14.93
C GLU C 11 -29.40 7.06 -13.71
N LEU C 12 -30.06 7.97 -13.00
CA LEU C 12 -29.45 8.57 -11.83
C LEU C 12 -29.20 7.52 -10.75
N ASP C 13 -30.13 6.57 -10.60
CA ASP C 13 -29.92 5.49 -9.64
C ASP C 13 -28.69 4.67 -10.01
N GLN C 14 -28.48 4.41 -11.29
CA GLN C 14 -27.30 3.66 -11.71
C GLN C 14 -26.02 4.40 -11.34
N TRP C 15 -26.02 5.73 -11.49
CA TRP C 15 -24.85 6.51 -11.11
C TRP C 15 -24.54 6.35 -9.62
N ILE C 16 -25.57 6.37 -8.78
CA ILE C 16 -25.36 6.27 -7.34
C ILE C 16 -24.71 4.95 -7.00
N GLU C 17 -25.22 3.85 -7.57
CA GLU C 17 -24.61 2.54 -7.33
C GLU C 17 -23.17 2.50 -7.83
N GLN C 18 -22.92 3.07 -9.01
CA GLN C 18 -21.56 3.15 -9.52
C GLN C 18 -20.68 3.98 -8.59
N LEU C 19 -21.20 5.13 -8.14
CA LEU C 19 -20.42 5.99 -7.26
C LEU C 19 -20.13 5.31 -5.93
N ASN C 20 -21.12 4.58 -5.38
CA ASN C 20 -20.90 3.85 -4.13
C ASN C 20 -19.68 2.94 -4.25
N GLU C 21 -19.46 2.36 -5.43
CA GLU C 21 -18.27 1.55 -5.68
C GLU C 21 -17.01 2.39 -5.90
N CYS C 22 -17.09 3.71 -5.73
CA CYS C 22 -15.94 4.60 -5.87
C CYS C 22 -15.47 4.71 -7.31
N LYS C 23 -16.39 4.58 -8.26
CA LYS C 23 -16.09 4.70 -9.68
C LYS C 23 -16.58 6.05 -10.19
N GLN C 24 -15.66 6.85 -10.73
CA GLN C 24 -16.01 8.18 -11.19
C GLN C 24 -16.95 8.12 -12.38
N LEU C 25 -17.83 9.12 -12.46
CA LEU C 25 -18.67 9.27 -13.64
C LEU C 25 -17.88 9.92 -14.78
N SER C 26 -18.39 9.74 -15.99
CA SER C 26 -17.75 10.33 -17.16
C SER C 26 -17.96 11.84 -17.16
N GLU C 27 -17.12 12.53 -17.94
CA GLU C 27 -17.19 13.99 -18.01
C GLU C 27 -18.56 14.44 -18.49
N SER C 28 -19.09 13.78 -19.53
CA SER C 28 -20.41 14.14 -20.03
C SER C 28 -21.47 13.94 -18.95
N GLN C 29 -21.41 12.82 -18.23
CA GLN C 29 -22.38 12.56 -17.17
C GLN C 29 -22.32 13.63 -16.09
N VAL C 30 -21.11 14.03 -15.69
CA VAL C 30 -20.96 15.06 -14.66
C VAL C 30 -21.61 16.35 -15.13
N LYS C 31 -21.38 16.74 -16.38
CA LYS C 31 -21.94 17.98 -16.89
C LYS C 31 -23.47 17.95 -16.82
N SER C 32 -24.08 16.84 -17.23
CA SER C 32 -25.53 16.72 -17.15
C SER C 32 -26.00 16.80 -15.70
N LEU C 33 -25.30 16.12 -14.79
CA LEU C 33 -25.70 16.13 -13.38
C LEU C 33 -25.65 17.54 -12.80
N CYS C 34 -24.57 18.27 -13.09
CA CYS C 34 -24.43 19.62 -12.55
C CYS C 34 -25.54 20.54 -13.06
N GLU C 35 -25.88 20.42 -14.34
CA GLU C 35 -26.91 21.30 -14.90
C GLU C 35 -28.24 21.12 -14.18
N LYS C 36 -28.63 19.88 -13.89
CA LYS C 36 -29.87 19.64 -13.18
C LYS C 36 -29.74 20.01 -11.70
N ALA C 37 -28.54 19.91 -11.14
CA ALA C 37 -28.33 20.31 -9.75
C ALA C 37 -28.62 21.79 -9.55
N LYS C 38 -28.17 22.62 -10.48
CA LYS C 38 -28.40 24.07 -10.36
C LYS C 38 -29.88 24.39 -10.35
N GLU C 39 -30.67 23.71 -11.18
CA GLU C 39 -32.11 23.96 -11.22
C GLU C 39 -32.74 23.70 -9.85
N ILE C 40 -32.26 22.68 -9.14
CA ILE C 40 -32.78 22.38 -7.81
C ILE C 40 -32.26 23.38 -6.79
N LEU C 41 -30.95 23.65 -6.82
CA LEU C 41 -30.35 24.50 -5.80
C LEU C 41 -30.82 25.95 -5.92
N THR C 42 -30.98 26.44 -7.15
CA THR C 42 -31.33 27.85 -7.33
C THR C 42 -32.62 28.21 -6.63
N LYS C 43 -33.52 27.23 -6.46
CA LYS C 43 -34.79 27.49 -5.80
C LYS C 43 -34.68 27.54 -4.29
N GLU C 44 -33.53 27.19 -3.73
CA GLU C 44 -33.35 27.14 -2.27
C GLU C 44 -32.86 28.48 -1.75
N SER C 45 -33.36 28.86 -0.58
CA SER C 45 -33.01 30.12 0.04
C SER C 45 -31.63 30.05 0.69
N ASN C 46 -31.09 31.22 1.04
CA ASN C 46 -29.82 31.27 1.74
C ASN C 46 -29.91 30.60 3.11
N VAL C 47 -31.09 30.61 3.72
CA VAL C 47 -31.33 29.91 4.98
C VAL C 47 -32.33 28.79 4.71
N GLN C 48 -31.82 27.60 4.42
CA GLN C 48 -32.67 26.48 4.05
C GLN C 48 -33.45 26.00 5.26
N GLU C 49 -34.75 25.78 5.07
CA GLU C 49 -35.62 25.28 6.13
C GLU C 49 -35.59 23.76 6.10
N VAL C 50 -34.97 23.16 7.11
CA VAL C 50 -34.82 21.72 7.21
C VAL C 50 -35.77 21.21 8.28
N ARG C 51 -36.40 20.07 8.00
CA ARG C 51 -37.39 19.49 8.89
C ARG C 51 -36.81 18.26 9.59
N CYS C 52 -37.14 18.12 10.87
CA CYS C 52 -36.71 16.95 11.62
C CYS C 52 -37.50 15.72 11.21
N PRO C 53 -36.95 14.52 11.44
CA PRO C 53 -35.62 14.22 11.98
C PRO C 53 -34.54 14.34 10.93
N VAL C 54 -33.28 14.56 11.32
CA VAL C 54 -32.20 14.70 10.36
C VAL C 54 -30.89 14.41 11.08
N THR C 55 -29.89 13.96 10.32
CA THR C 55 -28.54 13.75 10.82
C THR C 55 -27.63 14.82 10.25
N VAL C 56 -26.87 15.47 11.13
CA VAL C 56 -26.00 16.59 10.75
C VAL C 56 -24.57 16.08 10.71
N CYS C 57 -23.85 16.41 9.63
CA CYS C 57 -22.49 15.95 9.41
C CYS C 57 -21.58 17.14 9.16
N GLY C 58 -20.31 16.96 9.45
CA GLY C 58 -19.29 17.98 9.28
C GLY C 58 -18.44 17.76 8.05
N ASP C 59 -17.20 18.24 8.10
CA ASP C 59 -16.31 18.13 6.97
C ASP C 59 -15.97 16.67 6.66
N VAL C 60 -15.86 16.36 5.37
CA VAL C 60 -15.45 15.03 4.93
C VAL C 60 -14.15 15.14 4.14
N HIS C 61 -14.00 16.23 3.40
CA HIS C 61 -12.76 16.54 2.67
C HIS C 61 -12.34 15.37 1.79
N GLY C 62 -13.27 14.87 0.99
CA GLY C 62 -12.94 13.89 -0.04
C GLY C 62 -12.49 12.55 0.47
N GLN C 63 -12.67 12.27 1.77
CA GLN C 63 -12.34 10.95 2.32
C GLN C 63 -13.52 10.01 2.07
N PHE C 64 -13.58 9.51 0.83
CA PHE C 64 -14.73 8.76 0.37
C PHE C 64 -14.96 7.52 1.22
N HIS C 65 -13.91 6.77 1.50
CA HIS C 65 -14.07 5.54 2.28
C HIS C 65 -14.61 5.84 3.67
N ASP C 66 -14.24 6.99 4.25
CA ASP C 66 -14.82 7.39 5.51
C ASP C 66 -16.27 7.82 5.35
N LEU C 67 -16.62 8.40 4.20
CA LEU C 67 -18.01 8.73 3.94
C LEU C 67 -18.88 7.48 3.91
N MET C 68 -18.37 6.40 3.31
CA MET C 68 -19.08 5.12 3.35
C MET C 68 -19.27 4.66 4.79
N GLU C 69 -18.23 4.84 5.62
CA GLU C 69 -18.37 4.52 7.04
C GLU C 69 -19.48 5.34 7.68
N LEU C 70 -19.57 6.62 7.33
CA LEU C 70 -20.61 7.48 7.89
C LEU C 70 -22.00 6.91 7.61
N PHE C 71 -22.23 6.46 6.38
CA PHE C 71 -23.51 5.86 6.04
C PHE C 71 -23.73 4.58 6.82
N ARG C 72 -22.69 3.76 6.95
CA ARG C 72 -22.82 2.52 7.73
C ARG C 72 -23.20 2.83 9.18
N ILE C 73 -22.73 3.96 9.70
CA ILE C 73 -23.09 4.35 11.07
C ILE C 73 -24.47 4.96 11.12
N GLY C 74 -24.71 5.98 10.30
CA GLY C 74 -25.97 6.70 10.31
C GLY C 74 -27.08 6.15 9.45
N GLY C 75 -26.78 5.21 8.57
CA GLY C 75 -27.77 4.66 7.67
C GLY C 75 -27.62 5.20 6.26
N LYS C 76 -28.23 4.48 5.31
CA LYS C 76 -28.12 4.81 3.90
C LYS C 76 -29.26 5.73 3.47
N SER C 77 -28.93 6.72 2.65
CA SER C 77 -29.95 7.56 2.04
C SER C 77 -30.77 6.73 1.04
N PRO C 78 -32.07 7.05 0.90
CA PRO C 78 -32.85 8.13 1.51
C PRO C 78 -33.46 7.75 2.84
N ASP C 79 -33.17 6.56 3.37
CA ASP C 79 -33.78 6.15 4.63
C ASP C 79 -33.46 7.13 5.75
N THR C 80 -32.22 7.62 5.80
CA THR C 80 -31.78 8.57 6.80
C THR C 80 -31.60 9.94 6.16
N ASN C 81 -32.26 10.95 6.73
CA ASN C 81 -32.10 12.32 6.26
C ASN C 81 -30.75 12.87 6.74
N TYR C 82 -30.02 13.53 5.86
CA TYR C 82 -28.69 14.02 6.15
C TYR C 82 -28.60 15.51 5.87
N LEU C 83 -27.67 16.17 6.57
CA LEU C 83 -27.40 17.59 6.40
C LEU C 83 -25.90 17.80 6.53
N PHE C 84 -25.21 17.91 5.39
CA PHE C 84 -23.78 18.14 5.36
C PHE C 84 -23.49 19.64 5.36
N MET C 85 -22.48 20.05 6.14
CA MET C 85 -22.19 21.46 6.36
C MET C 85 -20.99 21.94 5.55
N GLY C 86 -20.67 21.30 4.45
CA GLY C 86 -19.66 21.80 3.52
C GLY C 86 -18.34 21.07 3.64
N ASP C 87 -17.36 21.60 2.90
CA ASP C 87 -16.01 21.02 2.82
C ASP C 87 -16.08 19.56 2.34
N TYR C 88 -16.54 19.40 1.10
CA TYR C 88 -16.67 18.07 0.52
C TYR C 88 -15.43 17.64 -0.27
N VAL C 89 -14.46 18.53 -0.47
CA VAL C 89 -13.35 18.27 -1.38
C VAL C 89 -12.05 18.66 -0.69
N ASP C 90 -10.95 18.51 -1.44
CA ASP C 90 -9.62 18.86 -0.96
C ASP C 90 -9.13 17.90 0.11
N ARG C 91 -7.81 17.70 0.18
CA ARG C 91 -7.15 16.90 1.20
C ARG C 91 -7.63 15.46 1.20
N GLY C 92 -8.12 14.97 0.08
CA GLY C 92 -8.55 13.58 -0.02
C GLY C 92 -8.28 13.04 -1.40
N TYR C 93 -8.00 11.73 -1.45
CA TYR C 93 -7.74 11.07 -2.72
C TYR C 93 -8.99 10.96 -3.58
N TYR C 94 -10.17 11.12 -3.01
CA TYR C 94 -11.42 10.85 -3.71
C TYR C 94 -12.39 12.02 -3.58
N SER C 95 -11.88 13.25 -3.76
CA SER C 95 -12.76 14.41 -3.74
C SER C 95 -13.79 14.33 -4.86
N VAL C 96 -13.38 13.87 -6.04
CA VAL C 96 -14.30 13.80 -7.18
C VAL C 96 -15.46 12.87 -6.85
N GLU C 97 -15.15 11.68 -6.34
CA GLU C 97 -16.21 10.74 -5.98
C GLU C 97 -17.05 11.26 -4.83
N THR C 98 -16.40 11.89 -3.84
CA THR C 98 -17.13 12.37 -2.67
C THR C 98 -18.17 13.41 -3.05
N VAL C 99 -17.75 14.43 -3.81
CA VAL C 99 -18.68 15.49 -4.18
C VAL C 99 -19.73 14.97 -5.15
N THR C 100 -19.31 14.14 -6.11
CA THR C 100 -20.25 13.63 -7.11
C THR C 100 -21.37 12.83 -6.45
N LEU C 101 -21.01 11.96 -5.50
CA LEU C 101 -22.03 11.16 -4.81
C LEU C 101 -23.03 12.05 -4.07
N LEU C 102 -22.52 13.02 -3.32
CA LEU C 102 -23.40 13.91 -2.55
C LEU C 102 -24.30 14.72 -3.48
N VAL C 103 -23.73 15.26 -4.57
CA VAL C 103 -24.53 15.99 -5.53
C VAL C 103 -25.55 15.07 -6.19
N ALA C 104 -25.12 13.85 -6.54
CA ALA C 104 -26.05 12.90 -7.15
C ALA C 104 -27.21 12.58 -6.21
N LEU C 105 -26.92 12.39 -4.92
CA LEU C 105 -27.98 12.14 -3.95
C LEU C 105 -28.92 13.34 -3.86
N LYS C 106 -28.36 14.54 -3.87
CA LYS C 106 -29.19 15.74 -3.77
C LYS C 106 -30.19 15.81 -4.92
N VAL C 107 -29.72 15.54 -6.14
CA VAL C 107 -30.61 15.57 -7.30
C VAL C 107 -31.67 14.48 -7.17
N ARG C 108 -31.26 13.28 -6.74
CA ARG C 108 -32.19 12.17 -6.64
C ARG C 108 -33.17 12.36 -5.48
N TYR C 109 -32.67 12.84 -4.34
CA TYR C 109 -33.44 12.93 -3.10
C TYR C 109 -33.35 14.33 -2.51
N ARG C 110 -33.72 15.33 -3.32
CA ARG C 110 -33.60 16.73 -2.89
C ARG C 110 -34.19 16.94 -1.50
N GLU C 111 -35.31 16.27 -1.19
CA GLU C 111 -35.98 16.47 0.08
C GLU C 111 -35.35 15.70 1.23
N ARG C 112 -34.47 14.73 0.95
CA ARG C 112 -33.88 13.90 1.99
C ARG C 112 -32.51 14.37 2.44
N ILE C 113 -31.76 15.03 1.56
CA ILE C 113 -30.38 15.41 1.85
C ILE C 113 -30.20 16.89 1.53
N THR C 114 -29.53 17.61 2.43
CA THR C 114 -29.22 19.02 2.24
C THR C 114 -27.71 19.21 2.35
N ILE C 115 -27.13 19.93 1.39
CA ILE C 115 -25.70 20.18 1.33
C ILE C 115 -25.48 21.69 1.36
N LEU C 116 -24.73 22.15 2.37
CA LEU C 116 -24.38 23.55 2.49
C LEU C 116 -23.03 23.82 1.81
N ARG C 117 -22.66 25.09 1.77
CA ARG C 117 -21.41 25.51 1.15
C ARG C 117 -20.34 25.73 2.21
N GLY C 118 -19.20 25.06 2.06
CA GLY C 118 -18.07 25.26 2.92
C GLY C 118 -17.05 26.19 2.28
N ASN C 119 -16.09 26.64 3.11
CA ASN C 119 -15.07 27.55 2.60
C ASN C 119 -14.28 26.93 1.45
N HIS C 120 -14.06 25.61 1.49
CA HIS C 120 -13.33 24.94 0.43
C HIS C 120 -14.12 24.83 -0.87
N GLU C 121 -15.41 25.17 -0.85
CA GLU C 121 -16.21 25.16 -2.07
C GLU C 121 -15.99 26.46 -2.85
N SER C 122 -14.72 26.77 -3.13
CA SER C 122 -14.36 28.01 -3.81
C SER C 122 -13.32 27.71 -4.88
N ARG C 123 -13.34 28.51 -5.96
CA ARG C 123 -12.39 28.32 -7.04
C ARG C 123 -10.96 28.49 -6.55
N GLN C 124 -10.70 29.54 -5.77
CA GLN C 124 -9.35 29.80 -5.29
C GLN C 124 -8.86 28.66 -4.40
N ILE C 125 -9.67 28.24 -3.44
CA ILE C 125 -9.23 27.24 -2.47
C ILE C 125 -9.00 25.90 -3.15
N THR C 126 -9.91 25.49 -4.03
CA THR C 126 -9.82 24.18 -4.66
C THR C 126 -8.55 24.02 -5.49
N GLN C 127 -8.08 25.09 -6.13
CA GLN C 127 -6.86 25.00 -6.92
C GLN C 127 -5.63 24.91 -6.03
N VAL C 128 -5.71 25.38 -4.79
CA VAL C 128 -4.55 25.36 -3.91
C VAL C 128 -4.40 24.02 -3.22
N TYR C 129 -5.52 23.38 -2.85
CA TYR C 129 -5.49 22.23 -1.96
C TYR C 129 -5.84 20.90 -2.65
N GLY C 130 -5.69 20.84 -3.97
CA GLY C 130 -5.58 19.58 -4.67
C GLY C 130 -6.82 19.10 -5.40
N PHE C 131 -7.99 19.70 -5.16
CA PHE C 131 -9.18 19.25 -5.87
C PHE C 131 -9.05 19.47 -7.37
N TYR C 132 -8.49 20.62 -7.76
CA TYR C 132 -8.27 20.88 -9.18
C TYR C 132 -7.34 19.85 -9.79
N ASP C 133 -6.26 19.53 -9.06
CA ASP C 133 -5.33 18.52 -9.56
C ASP C 133 -6.00 17.16 -9.69
N GLU C 134 -6.84 16.79 -8.72
CA GLU C 134 -7.48 15.48 -8.77
C GLU C 134 -8.35 15.35 -10.02
N CYS C 135 -9.14 16.39 -10.32
CA CYS C 135 -9.94 16.39 -11.53
C CYS C 135 -9.05 16.36 -12.76
N LEU C 136 -7.98 17.16 -12.77
CA LEU C 136 -7.08 17.20 -13.93
C LEU C 136 -6.45 15.83 -14.16
N ARG C 137 -6.04 15.15 -13.09
CA ARG C 137 -5.39 13.86 -13.26
C ARG C 137 -6.40 12.77 -13.63
N LYS C 138 -7.61 12.84 -13.07
CA LYS C 138 -8.61 11.82 -13.33
C LYS C 138 -9.36 12.03 -14.63
N TYR C 139 -9.27 13.22 -15.24
CA TYR C 139 -9.96 13.49 -16.49
C TYR C 139 -9.09 14.12 -17.56
N GLY C 140 -7.93 14.69 -17.21
CA GLY C 140 -7.05 15.28 -18.20
C GLY C 140 -7.42 16.67 -18.64
N ASN C 141 -8.45 17.27 -18.06
CA ASN C 141 -8.85 18.62 -18.43
C ASN C 141 -9.60 19.24 -17.25
N ALA C 142 -9.77 20.56 -17.32
CA ALA C 142 -10.36 21.33 -16.24
C ALA C 142 -11.87 21.48 -16.36
N ASN C 143 -12.49 20.84 -17.35
CA ASN C 143 -13.94 20.99 -17.54
C ASN C 143 -14.70 20.52 -16.31
N VAL C 144 -14.32 19.36 -15.76
CA VAL C 144 -15.03 18.83 -14.60
C VAL C 144 -14.90 19.78 -13.41
N TRP C 145 -13.69 20.30 -13.18
CA TRP C 145 -13.50 21.26 -12.11
C TRP C 145 -14.32 22.52 -12.36
N LYS C 146 -14.40 22.96 -13.62
CA LYS C 146 -15.19 24.14 -13.95
C LYS C 146 -16.66 23.93 -13.60
N TYR C 147 -17.19 22.75 -13.92
CA TYR C 147 -18.60 22.47 -13.65
C TYR C 147 -18.89 22.53 -12.14
N PHE C 148 -18.12 21.79 -11.34
CA PHE C 148 -18.41 21.72 -9.91
C PHE C 148 -18.25 23.08 -9.24
N THR C 149 -17.19 23.81 -9.59
CA THR C 149 -16.98 25.12 -8.97
C THR C 149 -18.13 26.07 -9.26
N ASP C 150 -18.66 26.03 -10.49
CA ASP C 150 -19.85 26.80 -10.80
C ASP C 150 -21.04 26.35 -9.96
N LEU C 151 -21.17 25.03 -9.77
CA LEU C 151 -22.28 24.52 -8.98
C LEU C 151 -22.21 24.99 -7.54
N PHE C 152 -21.00 25.11 -6.98
CA PHE C 152 -20.86 25.48 -5.58
C PHE C 152 -21.54 26.82 -5.29
N ASP C 153 -21.62 27.70 -6.29
CA ASP C 153 -22.20 29.03 -6.06
C ASP C 153 -23.66 28.93 -5.63
N TYR C 154 -24.37 27.90 -6.06
CA TYR C 154 -25.79 27.77 -5.74
C TYR C 154 -26.03 27.09 -4.40
N LEU C 155 -25.01 26.53 -3.77
CA LEU C 155 -25.20 25.83 -2.51
C LEU C 155 -25.66 26.80 -1.42
N PRO C 156 -26.71 26.47 -0.67
CA PRO C 156 -27.14 27.38 0.41
C PRO C 156 -26.04 27.61 1.43
N LEU C 157 -26.02 28.83 1.97
CA LEU C 157 -25.00 29.18 2.96
C LEU C 157 -25.31 28.53 4.30
N THR C 158 -26.57 28.56 4.73
CA THR C 158 -26.93 28.08 6.06
C THR C 158 -28.26 27.33 5.98
N ALA C 159 -28.54 26.58 7.03
CA ALA C 159 -29.80 25.86 7.17
C ALA C 159 -30.36 26.07 8.57
N LEU C 160 -31.68 25.98 8.69
CA LEU C 160 -32.38 26.15 9.96
C LEU C 160 -33.27 24.95 10.16
N VAL C 161 -33.07 24.23 11.26
CA VAL C 161 -33.77 22.99 11.54
C VAL C 161 -34.90 23.27 12.53
N ASP C 162 -36.14 23.10 12.08
CA ASP C 162 -37.32 23.31 12.92
C ASP C 162 -37.30 24.66 13.61
N GLY C 163 -36.66 25.65 12.98
CA GLY C 163 -36.64 26.99 13.52
C GLY C 163 -35.99 27.12 14.88
N GLN C 164 -35.20 26.15 15.29
CA GLN C 164 -34.56 26.16 16.60
C GLN C 164 -33.05 25.95 16.54
N ILE C 165 -32.57 25.11 15.62
CA ILE C 165 -31.15 24.81 15.48
C ILE C 165 -30.68 25.42 14.17
N PHE C 166 -29.64 26.25 14.24
CA PHE C 166 -29.09 26.95 13.09
C PHE C 166 -27.77 26.29 12.71
N CYS C 167 -27.68 25.84 11.46
CA CYS C 167 -26.52 25.09 10.97
C CYS C 167 -25.80 25.91 9.91
N LEU C 168 -24.49 26.08 10.07
CA LEU C 168 -23.66 26.74 9.08
C LEU C 168 -22.24 26.24 9.24
N HIS C 169 -21.43 26.48 8.21
CA HIS C 169 -20.07 25.97 8.19
C HIS C 169 -19.15 26.75 9.12
N GLY C 170 -18.95 28.03 8.84
CA GLY C 170 -17.96 28.81 9.57
C GLY C 170 -18.42 29.28 10.94
N GLY C 171 -19.43 30.13 10.98
CA GLY C 171 -19.89 30.67 12.25
C GLY C 171 -20.54 32.04 12.04
N LEU C 172 -20.65 32.77 13.15
CA LEU C 172 -21.32 34.06 13.16
C LEU C 172 -20.45 35.12 12.50
N SER C 173 -21.06 36.26 12.18
CA SER C 173 -20.40 37.36 11.52
C SER C 173 -20.77 38.67 12.21
N PRO C 174 -19.83 39.64 12.27
CA PRO C 174 -20.20 40.95 12.81
C PRO C 174 -21.30 41.64 12.03
N SER C 175 -21.35 41.42 10.71
CA SER C 175 -22.34 42.10 9.88
C SER C 175 -23.71 41.45 9.92
N ILE C 176 -23.85 40.32 10.60
CA ILE C 176 -25.11 39.59 10.68
C ILE C 176 -25.61 39.63 12.11
N ASP C 177 -26.84 40.10 12.30
CA ASP C 177 -27.49 40.11 13.60
C ASP C 177 -28.80 39.33 13.62
N THR C 178 -29.47 39.20 12.48
CA THR C 178 -30.70 38.43 12.39
C THR C 178 -30.65 37.57 11.13
N LEU C 179 -31.37 36.45 11.17
CA LEU C 179 -31.39 35.55 10.02
C LEU C 179 -31.92 36.25 8.78
N ASP C 180 -32.74 37.29 8.95
CA ASP C 180 -33.23 38.04 7.79
C ASP C 180 -32.08 38.67 7.01
N HIS C 181 -31.03 39.11 7.72
CA HIS C 181 -29.86 39.63 7.02
C HIS C 181 -29.22 38.56 6.14
N ILE C 182 -29.17 37.32 6.63
CA ILE C 182 -28.61 36.23 5.82
C ILE C 182 -29.45 36.02 4.57
N ARG C 183 -30.77 36.03 4.72
CA ARG C 183 -31.65 35.82 3.56
C ARG C 183 -31.48 36.90 2.50
N ALA C 184 -31.00 38.08 2.89
CA ALA C 184 -30.84 39.18 1.95
C ALA C 184 -29.55 39.13 1.15
N LEU C 185 -28.62 38.24 1.51
CA LEU C 185 -27.35 38.16 0.81
C LEU C 185 -27.54 37.54 -0.58
N ASP C 186 -26.58 37.84 -1.46
CA ASP C 186 -26.52 37.26 -2.80
C ASP C 186 -25.39 36.24 -2.80
N ARG C 187 -25.75 34.96 -2.83
CA ARG C 187 -24.76 33.89 -2.68
C ARG C 187 -24.25 33.35 -4.01
N LEU C 188 -24.89 33.70 -5.13
CA LEU C 188 -24.47 33.17 -6.42
C LEU C 188 -23.22 33.87 -6.91
N GLN C 189 -22.11 33.71 -6.17
CA GLN C 189 -20.85 34.34 -6.54
C GLN C 189 -19.72 33.60 -5.85
N GLU C 190 -18.50 33.83 -6.34
CA GLU C 190 -17.32 33.29 -5.70
C GLU C 190 -17.20 33.81 -4.27
N VAL C 191 -16.74 32.96 -3.37
CA VAL C 191 -16.64 33.29 -1.95
C VAL C 191 -15.86 34.59 -1.81
N PRO C 192 -16.50 35.70 -1.41
CA PRO C 192 -15.76 36.95 -1.24
C PRO C 192 -14.73 36.84 -0.13
N HIS C 193 -13.68 37.67 -0.24
CA HIS C 193 -12.66 37.70 0.78
C HIS C 193 -13.11 38.46 2.02
N GLU C 194 -14.16 39.27 1.92
CA GLU C 194 -14.66 40.04 3.04
C GLU C 194 -16.17 40.16 2.94
N GLY C 195 -16.80 40.41 4.09
CA GLY C 195 -18.24 40.60 4.14
C GLY C 195 -18.95 39.46 4.84
N PRO C 196 -20.28 39.57 4.96
CA PRO C 196 -21.03 38.55 5.69
C PRO C 196 -20.84 37.15 5.13
N MET C 197 -20.82 37.01 3.81
CA MET C 197 -20.67 35.69 3.21
C MET C 197 -19.34 35.06 3.59
N CYS C 198 -18.26 35.83 3.53
CA CYS C 198 -16.95 35.31 3.90
C CYS C 198 -16.93 34.89 5.36
N ASP C 199 -17.49 35.72 6.24
CA ASP C 199 -17.47 35.41 7.67
C ASP C 199 -18.24 34.14 7.97
N LEU C 200 -19.39 33.95 7.32
CA LEU C 200 -20.21 32.76 7.61
C LEU C 200 -19.45 31.48 7.34
N LEU C 201 -18.45 31.51 6.44
CA LEU C 201 -17.71 30.33 6.07
C LEU C 201 -16.31 30.26 6.69
N TRP C 202 -15.88 31.30 7.40
CA TRP C 202 -14.53 31.33 7.96
C TRP C 202 -14.48 31.66 9.45
N SER C 203 -15.56 32.16 10.04
CA SER C 203 -15.53 32.50 11.46
C SER C 203 -15.36 31.25 12.32
N ASP C 204 -14.85 31.44 13.52
CA ASP C 204 -14.65 30.36 14.47
C ASP C 204 -15.07 30.82 15.87
N PRO C 205 -15.57 29.93 16.70
CA PRO C 205 -15.79 30.28 18.11
C PRO C 205 -14.46 30.36 18.86
N ASP C 206 -14.45 31.14 19.92
CA ASP C 206 -13.23 31.36 20.69
C ASP C 206 -13.59 31.64 22.14
N ASP C 207 -12.62 31.37 23.02
CA ASP C 207 -12.79 31.69 24.43
C ASP C 207 -12.74 33.18 24.68
N ARG C 208 -11.95 33.91 23.89
CA ARG C 208 -11.85 35.35 24.06
C ARG C 208 -13.21 36.01 23.90
N GLY C 209 -13.53 36.94 24.80
CA GLY C 209 -14.81 37.60 24.73
C GLY C 209 -14.91 38.53 23.53
N GLY C 210 -16.12 38.63 23.00
CA GLY C 210 -16.36 39.53 21.88
C GLY C 210 -15.70 39.06 20.60
N TRP C 211 -15.72 39.95 19.62
CA TRP C 211 -15.11 39.67 18.33
C TRP C 211 -13.59 39.73 18.42
N GLY C 212 -12.93 39.05 17.49
CA GLY C 212 -11.47 38.99 17.48
C GLY C 212 -10.96 38.79 16.08
N ILE C 213 -9.64 38.86 15.95
CA ILE C 213 -8.98 38.68 14.66
C ILE C 213 -8.79 37.20 14.40
N SER C 214 -9.25 36.74 13.24
CA SER C 214 -9.18 35.32 12.91
C SER C 214 -7.75 34.93 12.53
N PRO C 215 -7.17 33.91 13.17
CA PRO C 215 -5.82 33.48 12.76
C PRO C 215 -5.78 32.92 11.34
N ARG C 216 -6.92 32.48 10.79
CA ARG C 216 -6.93 31.94 9.44
C ARG C 216 -6.69 33.01 8.38
N GLY C 217 -6.71 34.29 8.77
CA GLY C 217 -6.62 35.37 7.81
C GLY C 217 -7.94 35.78 7.20
N ALA C 218 -9.04 35.15 7.60
CA ALA C 218 -10.36 35.50 7.11
C ALA C 218 -11.37 35.25 8.22
N GLY C 219 -12.51 35.94 8.14
CA GLY C 219 -13.52 35.77 9.17
C GLY C 219 -13.12 36.45 10.47
N TYR C 220 -13.80 36.04 11.53
CA TYR C 220 -13.58 36.61 12.85
C TYR C 220 -13.77 35.53 13.91
N THR C 221 -13.25 35.79 15.11
CA THR C 221 -13.44 34.92 16.25
C THR C 221 -14.42 35.57 17.22
N PHE C 222 -15.45 34.83 17.62
CA PHE C 222 -16.52 35.35 18.47
C PHE C 222 -16.55 34.58 19.78
N GLY C 223 -16.74 35.31 20.88
CA GLY C 223 -16.78 34.73 22.20
C GLY C 223 -18.18 34.27 22.58
N GLN C 224 -18.30 33.86 23.85
CA GLN C 224 -19.59 33.35 24.34
C GLN C 224 -20.67 34.42 24.28
N ASP C 225 -20.31 35.66 24.65
CA ASP C 225 -21.32 36.72 24.70
C ASP C 225 -21.99 36.90 23.34
N ILE C 226 -21.21 36.81 22.25
CA ILE C 226 -21.78 36.97 20.92
C ILE C 226 -22.79 35.86 20.64
N SER C 227 -22.43 34.63 20.98
CA SER C 227 -23.33 33.50 20.70
C SER C 227 -24.63 33.63 21.48
N GLU C 228 -24.54 33.99 22.76
CA GLU C 228 -25.76 34.13 23.56
C GLU C 228 -26.67 35.21 23.00
N THR C 229 -26.11 36.36 22.61
CA THR C 229 -26.91 37.42 22.04
C THR C 229 -27.57 36.98 20.75
N PHE C 230 -26.82 36.28 19.88
CA PHE C 230 -27.37 35.86 18.59
C PHE C 230 -28.51 34.87 18.77
N ASN C 231 -28.35 33.90 19.68
CA ASN C 231 -29.39 32.90 19.88
C ASN C 231 -30.67 33.53 20.42
N HIS C 232 -30.55 34.40 21.42
CA HIS C 232 -31.73 35.04 21.98
C HIS C 232 -32.40 35.95 20.97
N ALA C 233 -31.61 36.67 20.17
CA ALA C 233 -32.20 37.57 19.17
C ALA C 233 -33.05 36.81 18.16
N ASN C 234 -32.55 35.66 17.69
CA ASN C 234 -33.25 34.86 16.70
C ASN C 234 -34.05 33.72 17.31
N GLY C 235 -34.08 33.61 18.64
CA GLY C 235 -34.80 32.52 19.27
C GLY C 235 -34.26 31.15 18.90
N LEU C 236 -32.94 31.00 18.87
CA LEU C 236 -32.29 29.75 18.52
C LEU C 236 -31.88 29.01 19.78
N THR C 237 -32.01 27.68 19.75
CA THR C 237 -31.58 26.85 20.86
C THR C 237 -30.12 26.41 20.75
N LEU C 238 -29.61 26.28 19.54
CA LEU C 238 -28.25 25.78 19.34
C LEU C 238 -27.76 26.22 17.97
N VAL C 239 -26.44 26.40 17.87
CA VAL C 239 -25.78 26.72 16.61
C VAL C 239 -24.87 25.56 16.25
N SER C 240 -25.33 24.71 15.34
CA SER C 240 -24.51 23.60 14.86
C SER C 240 -23.45 24.14 13.92
N ARG C 241 -22.20 23.71 14.12
CA ARG C 241 -21.07 24.33 13.46
C ARG C 241 -20.07 23.27 13.00
N ALA C 242 -19.32 23.62 11.97
CA ALA C 242 -18.31 22.75 11.39
C ALA C 242 -17.05 23.59 11.21
N HIS C 243 -16.10 23.08 10.40
CA HIS C 243 -14.94 23.80 9.87
C HIS C 243 -13.75 23.82 10.82
N GLN C 244 -13.80 23.17 11.98
CA GLN C 244 -12.67 23.15 12.89
C GLN C 244 -12.43 21.72 13.37
N LEU C 245 -11.17 21.27 13.26
CA LEU C 245 -10.82 19.92 13.69
C LEU C 245 -11.01 19.76 15.19
N VAL C 246 -11.62 18.64 15.58
CA VAL C 246 -11.80 18.28 16.99
C VAL C 246 -11.44 16.81 17.15
N MET C 247 -10.62 16.51 18.15
CA MET C 247 -10.13 15.15 18.32
C MET C 247 -11.25 14.18 18.63
N GLU C 248 -12.22 14.59 19.44
CA GLU C 248 -13.31 13.71 19.87
C GLU C 248 -14.48 13.71 18.90
N GLY C 249 -14.38 14.40 17.78
CA GLY C 249 -15.44 14.45 16.79
C GLY C 249 -16.41 15.60 16.98
N TYR C 250 -16.83 15.84 18.21
CA TYR C 250 -17.70 16.96 18.54
C TYR C 250 -17.18 17.64 19.80
N ASN C 251 -17.47 18.92 19.94
CA ASN C 251 -16.95 19.70 21.05
C ASN C 251 -17.93 20.81 21.38
N TRP C 252 -18.62 20.69 22.51
CA TRP C 252 -19.48 21.76 22.99
C TRP C 252 -18.63 22.96 23.42
N CYS C 253 -19.19 24.16 23.25
CA CYS C 253 -18.50 25.37 23.65
C CYS C 253 -19.52 26.47 23.89
N HIS C 254 -19.08 27.51 24.59
CA HIS C 254 -19.91 28.67 24.88
C HIS C 254 -21.18 28.26 25.62
N ASP C 255 -21.00 27.51 26.71
CA ASP C 255 -22.13 27.05 27.53
C ASP C 255 -23.15 26.30 26.69
N ARG C 256 -22.67 25.44 25.80
CA ARG C 256 -23.51 24.62 24.93
C ARG C 256 -24.34 25.46 23.97
N ASN C 257 -23.99 26.73 23.78
CA ASN C 257 -24.66 27.54 22.77
C ASN C 257 -24.18 27.19 21.36
N VAL C 258 -22.96 26.70 21.23
CA VAL C 258 -22.38 26.34 19.94
C VAL C 258 -21.75 24.96 20.07
N VAL C 259 -21.97 24.13 19.05
CA VAL C 259 -21.40 22.79 18.99
C VAL C 259 -20.71 22.62 17.65
N THR C 260 -19.48 22.11 17.68
CA THR C 260 -18.72 21.84 16.47
C THR C 260 -18.79 20.35 16.15
N ILE C 261 -19.00 20.02 14.89
CA ILE C 261 -19.10 18.63 14.43
C ILE C 261 -18.10 18.44 13.30
N PHE C 262 -17.24 17.44 13.44
CA PHE C 262 -16.23 17.10 12.44
C PHE C 262 -16.43 15.65 12.03
N SER C 263 -16.67 15.42 10.73
CA SER C 263 -17.06 14.11 10.24
C SER C 263 -15.98 13.43 9.40
N ALA C 264 -14.73 13.89 9.49
CA ALA C 264 -13.64 13.26 8.75
C ALA C 264 -12.70 12.54 9.72
N PRO C 265 -12.90 11.25 9.98
CA PRO C 265 -12.01 10.55 10.92
C PRO C 265 -10.60 10.45 10.37
N ASN C 266 -9.63 10.55 11.27
CA ASN C 266 -8.22 10.56 10.88
C ASN C 266 -7.98 11.59 9.78
N TYR C 267 -8.23 12.85 10.13
CA TYR C 267 -8.19 13.94 9.17
C TYR C 267 -6.85 13.97 8.44
N CYS C 268 -6.91 14.03 7.11
CA CYS C 268 -5.74 14.02 6.24
C CYS C 268 -4.91 12.75 6.44
N TYR C 269 -5.54 11.67 6.88
CA TYR C 269 -4.90 10.39 7.13
C TYR C 269 -3.77 10.48 8.14
N ARG C 270 -3.64 11.60 8.87
CA ARG C 270 -2.51 11.79 9.76
C ARG C 270 -2.95 12.17 11.18
N CYS C 271 -4.04 12.91 11.30
CA CYS C 271 -4.42 13.46 12.60
C CYS C 271 -4.78 12.36 13.59
N GLY C 272 -5.45 11.31 13.12
CA GLY C 272 -5.88 10.26 14.01
C GLY C 272 -7.03 10.64 14.92
N ASN C 273 -7.81 11.64 14.53
CA ASN C 273 -8.92 12.11 15.34
C ASN C 273 -10.14 11.19 15.16
N GLN C 274 -11.14 11.41 16.02
CA GLN C 274 -12.42 10.74 15.90
C GLN C 274 -13.41 11.65 15.19
N ALA C 275 -14.27 11.04 14.38
CA ALA C 275 -15.32 11.75 13.68
C ALA C 275 -16.65 11.53 14.38
N ALA C 276 -17.55 12.50 14.23
CA ALA C 276 -18.84 12.43 14.89
C ALA C 276 -19.92 12.99 13.97
N ILE C 277 -21.15 12.53 14.19
CA ILE C 277 -22.33 13.05 13.50
C ILE C 277 -23.43 13.22 14.53
N MET C 278 -24.16 14.33 14.45
CA MET C 278 -25.21 14.64 15.40
C MET C 278 -26.55 14.24 14.79
N GLU C 279 -27.29 13.39 15.50
CA GLU C 279 -28.61 12.94 15.08
C GLU C 279 -29.67 13.68 15.87
N LEU C 280 -30.60 14.32 15.16
CA LEU C 280 -31.71 15.04 15.77
C LEU C 280 -32.95 14.16 15.72
N ASP C 281 -33.49 13.85 16.89
CA ASP C 281 -34.64 12.96 16.98
C ASP C 281 -35.88 13.64 16.41
N ASP C 282 -36.95 12.84 16.22
CA ASP C 282 -38.21 13.40 15.78
C ASP C 282 -38.69 14.51 16.70
N THR C 283 -38.35 14.44 17.98
CA THR C 283 -38.71 15.45 18.96
C THR C 283 -37.66 16.56 19.05
N LEU C 284 -36.68 16.56 18.16
CA LEU C 284 -35.59 17.53 18.06
C LEU C 284 -34.49 17.26 19.07
N LYS C 285 -34.62 16.24 19.92
CA LYS C 285 -33.55 15.90 20.84
C LYS C 285 -32.33 15.41 20.07
N TYR C 286 -31.15 15.84 20.51
CA TYR C 286 -29.91 15.59 19.79
C TYR C 286 -29.12 14.47 20.43
N SER C 287 -28.47 13.67 19.58
CA SER C 287 -27.58 12.60 20.00
C SER C 287 -26.36 12.59 19.10
N PHE C 288 -25.23 12.13 19.64
CA PHE C 288 -23.96 12.14 18.93
C PHE C 288 -23.47 10.71 18.76
N LEU C 289 -22.96 10.41 17.56
CA LEU C 289 -22.38 9.11 17.24
C LEU C 289 -20.94 9.31 16.80
N GLN C 290 -20.01 8.68 17.52
CA GLN C 290 -18.59 8.76 17.20
C GLN C 290 -18.15 7.47 16.52
N PHE C 291 -17.37 7.61 15.45
CA PHE C 291 -16.88 6.47 14.69
C PHE C 291 -15.42 6.68 14.31
N ASP C 292 -14.74 5.58 14.04
CA ASP C 292 -13.34 5.55 13.68
C ASP C 292 -13.18 5.38 12.18
N PRO C 293 -11.97 5.58 11.65
CA PRO C 293 -11.76 5.42 10.21
C PRO C 293 -12.12 4.01 9.74
N ALA C 294 -12.67 3.93 8.53
CA ALA C 294 -12.98 2.63 7.95
C ALA C 294 -11.70 1.84 7.72
N PRO C 295 -11.66 0.55 8.07
CA PRO C 295 -10.47 -0.24 7.74
C PRO C 295 -10.22 -0.31 6.24
N ARG C 296 -9.11 0.27 5.80
CA ARG C 296 -8.78 0.28 4.38
C ARG C 296 -8.32 -1.10 3.93
N ARG C 297 -8.74 -1.50 2.73
CA ARG C 297 -8.35 -2.81 2.19
C ARG C 297 -6.88 -2.81 1.81
N GLY C 298 -6.16 -3.85 2.23
CA GLY C 298 -4.76 -3.99 1.89
C GLY C 298 -3.89 -2.86 2.39
N GLU C 299 -4.25 -2.26 3.51
CA GLU C 299 -3.53 -1.14 4.11
C GLU C 299 -3.41 -1.36 5.60
N PRO C 300 -2.45 -0.68 6.27
CA PRO C 300 -1.53 0.34 5.74
C PRO C 300 -0.44 -0.23 4.85
N HIS C 301 0.10 0.59 3.94
CA HIS C 301 1.17 0.12 3.08
C HIS C 301 2.39 -0.30 3.90
N VAL C 302 2.74 0.52 4.89
CA VAL C 302 3.87 0.23 5.77
C VAL C 302 3.33 -0.51 6.99
N THR C 303 3.85 -1.71 7.24
CA THR C 303 3.40 -2.55 8.33
C THR C 303 4.61 -3.13 9.06
N ARG C 304 4.43 -3.43 10.34
CA ARG C 304 5.46 -4.08 11.14
C ARG C 304 5.30 -5.59 11.16
N ARG C 305 4.30 -6.14 10.49
CA ARG C 305 4.17 -7.57 10.29
C ARG C 305 4.85 -7.97 8.99
N THR C 306 5.50 -9.12 9.00
CA THR C 306 6.30 -9.54 7.85
C THR C 306 5.41 -9.71 6.63
N PRO C 307 5.69 -9.04 5.52
CA PRO C 307 4.91 -9.24 4.30
C PRO C 307 5.20 -10.60 3.68
N ASP C 308 4.30 -11.02 2.78
CA ASP C 308 4.40 -12.35 2.19
C ASP C 308 5.70 -12.51 1.42
N TYR C 309 6.16 -11.46 0.73
CA TYR C 309 7.35 -11.58 -0.09
C TYR C 309 8.60 -11.84 0.72
N PHE C 310 8.59 -11.54 2.02
CA PHE C 310 9.77 -11.72 2.85
C PHE C 310 9.65 -12.95 3.74
N MLL C 311 8.43 -13.40 3.97
CA MLL C 311 8.18 -14.59 4.76
CB MLL C 311 6.69 -14.92 4.96
CG MLL C 311 6.05 -14.10 6.08
CD2 MLL C 311 6.62 -14.45 7.44
CD1 MLL C 311 4.55 -14.33 6.07
C MLL C 311 8.83 -15.81 4.12
O MLL C 311 8.66 -16.23 2.97
OXT MLL C 311 9.68 -16.48 4.94
C10 MLL C 311 10.14 -17.75 4.47
H MLL C 311 7.69 -13.05 3.69
HA MLL C 311 8.61 -14.46 5.62
HB2 MLL C 311 6.59 -15.86 5.16
HB3 MLL C 311 6.21 -14.74 4.14
HG MLL C 311 6.21 -13.16 5.91
HD21 MLL C 311 6.65 -15.41 7.56
HD22 MLL C 311 6.07 -14.06 8.14
HD23 MLL C 311 7.52 -14.10 7.53
HD11 MLL C 311 4.17 -14.11 5.21
HD12 MLL C 311 4.12 -13.78 6.75
HD13 MLL C 311 4.35 -15.26 6.27
H101 MLL C 311 9.38 -18.35 4.33
H102 MLL C 311 10.58 -17.55 3.63
H103 MLL C 311 10.76 -18.14 5.11
N HIS D 56 18.76 25.44 15.68
CA HIS D 56 17.79 25.86 14.66
C HIS D 56 17.93 25.03 13.39
N SER D 57 19.17 24.77 12.99
CA SER D 57 19.45 24.01 11.79
C SER D 57 19.59 22.51 12.05
N SER D 58 19.61 22.09 13.31
CA SER D 58 19.73 20.67 13.62
C SER D 58 18.49 19.91 13.14
N ARG D 59 18.72 18.78 12.48
CA ARG D 59 17.61 17.98 11.98
C ARG D 59 16.72 17.50 13.12
N LEU D 60 17.32 17.08 14.24
CA LEU D 60 16.54 16.62 15.38
C LEU D 60 15.63 17.73 15.89
N HIS D 61 16.15 18.95 15.98
CA HIS D 61 15.32 20.08 16.42
C HIS D 61 14.18 20.32 15.44
N GLN D 62 14.46 20.22 14.13
CA GLN D 62 13.41 20.44 13.13
C GLN D 62 12.24 19.50 13.35
N ILE D 63 12.53 18.22 13.59
CA ILE D 63 11.46 17.24 13.79
C ILE D 63 10.58 17.64 14.96
N LYS D 64 11.20 18.07 16.06
CA LYS D 64 10.43 18.50 17.23
C LYS D 64 9.52 19.67 16.86
N GLN D 65 10.05 20.67 16.14
CA GLN D 65 9.21 21.75 15.66
C GLN D 65 8.12 21.23 14.73
N GLU D 66 8.50 20.35 13.80
CA GLU D 66 7.52 19.79 12.87
C GLU D 66 6.42 19.04 13.60
N GLU D 67 6.75 18.39 14.72
CA GLU D 67 5.76 17.61 15.46
C GLU D 67 4.93 18.46 16.41
N GLY D 68 5.32 19.71 16.65
CA GLY D 68 4.53 20.60 17.48
C GLY D 68 3.49 21.36 16.67
N MET D 69 3.86 21.79 15.48
CA MET D 69 2.98 22.51 14.57
C MET D 69 2.18 21.57 13.66
N ASP D 70 1.97 20.32 14.08
CA ASP D 70 1.46 19.28 13.20
C ASP D 70 -0.04 19.39 12.91
N LEU D 71 -0.87 19.28 13.94
CA LEU D 71 -2.30 19.04 13.75
C LEU D 71 -3.02 20.21 13.10
N ILE D 72 -3.08 21.35 13.78
CA ILE D 72 -3.91 22.47 13.36
C ILE D 72 -3.06 23.65 12.87
N ASN D 73 -1.92 23.89 13.52
CA ASN D 73 -1.18 25.13 13.29
C ASN D 73 -0.75 25.26 11.82
N ARG D 74 -0.19 24.20 11.25
CA ARG D 74 0.36 24.31 9.90
C ARG D 74 -0.72 24.66 8.89
N GLU D 75 -1.87 23.99 8.93
CA GLU D 75 -2.96 24.31 8.02
C GLU D 75 -3.44 25.74 8.24
N THR D 76 -3.59 26.14 9.51
CA THR D 76 -4.04 27.49 9.81
C THR D 76 -3.02 28.51 9.29
N VAL D 77 -1.73 28.23 9.46
CA VAL D 77 -0.70 29.16 8.99
C VAL D 77 -0.81 29.34 7.47
N HIS D 78 -0.91 28.23 6.73
CA HIS D 78 -0.99 28.34 5.28
C HIS D 78 -2.28 29.02 4.85
N GLU D 79 -3.39 28.76 5.56
CA GLU D 79 -4.64 29.45 5.24
C GLU D 79 -4.46 30.96 5.29
N ARG D 80 -3.79 31.45 6.34
CA ARG D 80 -3.51 32.88 6.44
C ARG D 80 -2.61 33.33 5.30
N GLU D 81 -1.61 32.51 4.96
CA GLU D 81 -0.72 32.85 3.84
C GLU D 81 -1.51 32.95 2.54
N VAL D 82 -2.38 31.98 2.28
CA VAL D 82 -3.21 32.03 1.08
C VAL D 82 -4.11 33.25 1.11
N GLN D 83 -4.74 33.51 2.26
CA GLN D 83 -5.59 34.69 2.39
C GLN D 83 -4.77 35.97 2.21
N THR D 84 -3.59 36.02 2.82
CA THR D 84 -2.72 37.19 2.66
C THR D 84 -2.37 37.39 1.19
N ALA D 85 -2.04 36.30 0.49
CA ALA D 85 -1.77 36.40 -0.94
C ALA D 85 -2.99 36.92 -1.69
N MET D 86 -4.17 36.42 -1.32
CA MET D 86 -5.42 36.87 -1.93
C MET D 86 -5.40 36.65 -3.45
FE FE E . -14.05 24.37 6.25
ZN ZN F . -12.49 21.94 6.69
#